data_2DVT
#
_entry.id   2DVT
#
_cell.length_a   109.371
_cell.length_b   113.807
_cell.length_c   119.163
_cell.angle_alpha   90.00
_cell.angle_beta   90.00
_cell.angle_gamma   90.00
#
_symmetry.space_group_name_H-M   'P 21 21 21'
#
loop_
_entity.id
_entity.type
_entity.pdbx_description
1 polymer 'Thermophilic reversible gamma-resorcylate decarboxylase'
2 non-polymer 'ZINC ION'
3 water water
#
_entity_poly.entity_id   1
_entity_poly.type   'polypeptide(L)'
_entity_poly.pdbx_seq_one_letter_code
;MQGKVALEEHFAIPETLQDSAGFVPGDYWKELQHRLLDIQDTRLKLMDAHGIETMILSLNAPAVQAIPDRRKAIEIARRA
NDVLAEECAKRPDRFLAFAALPLQDPDAATEELQRCVNDLGFVGALVNGFSQEGDGQTPLYYDLPQYRPFWGEVEKLDVP
FYLHPRNPLPQDSRIYDGHPWLLGPTWAFAQETAVHALRLMASGLFDEHPRLNIILGHMGEGLPYMMWRIDHRNAWVKLP
PRYPAKRRFMDYFNENFHITTSGNFRTQTLIDAILEIGADRILFSTDWPFENIDHASDWFNATSIAEADRVKIGRTNARR
LFKLDGA
;
_entity_poly.pdbx_strand_id   A,B,C,D
#
# COMPACT_ATOMS: atom_id res chain seq x y z
N MET A 1 17.76 -7.63 -11.35
CA MET A 1 17.98 -6.50 -12.29
C MET A 1 19.46 -6.17 -12.47
N GLN A 2 19.86 -6.02 -13.73
CA GLN A 2 21.24 -5.68 -14.07
C GLN A 2 21.27 -4.22 -14.51
N GLY A 3 22.46 -3.64 -14.61
CA GLY A 3 22.59 -2.26 -15.06
C GLY A 3 22.14 -1.18 -14.08
N LYS A 4 22.15 -1.48 -12.80
CA LYS A 4 21.72 -0.51 -11.79
C LYS A 4 22.75 0.59 -11.58
N VAL A 5 22.28 1.69 -10.99
CA VAL A 5 23.13 2.82 -10.65
C VAL A 5 22.99 2.94 -9.13
N ALA A 6 24.12 3.08 -8.44
CA ALA A 6 24.10 3.23 -6.98
C ALA A 6 24.85 4.52 -6.66
N LEU A 7 24.26 5.36 -5.81
CA LEU A 7 24.90 6.64 -5.51
C LEU A 7 25.19 7.08 -4.07
N GLU A 8 25.15 6.16 -3.11
CA GLU A 8 25.56 6.51 -1.75
C GLU A 8 26.51 5.37 -1.44
N GLU A 9 27.66 5.44 -2.09
CA GLU A 9 28.70 4.41 -2.01
C GLU A 9 29.97 5.14 -1.62
N HIS A 10 30.46 4.82 -0.42
CA HIS A 10 31.60 5.50 0.16
C HIS A 10 32.97 4.85 0.09
N PHE A 11 33.97 5.70 0.28
CA PHE A 11 35.37 5.29 0.33
C PHE A 11 36.02 6.28 1.28
N ALA A 12 37.28 6.06 1.60
CA ALA A 12 37.99 6.96 2.48
C ALA A 12 39.45 7.04 2.08
N ILE A 13 40.11 8.08 2.55
CA ILE A 13 41.53 8.25 2.29
C ILE A 13 42.12 8.09 3.69
N PRO A 14 43.43 7.82 3.78
CA PRO A 14 44.02 7.66 5.11
C PRO A 14 43.66 8.77 6.09
N GLU A 15 43.63 10.01 5.59
CA GLU A 15 43.32 11.18 6.42
C GLU A 15 41.92 11.20 7.03
N THR A 16 40.98 10.48 6.44
CA THR A 16 39.61 10.46 6.96
C THR A 16 39.17 9.08 7.45
N LEU A 17 40.04 8.09 7.31
CA LEU A 17 39.71 6.73 7.72
C LEU A 17 39.22 6.56 9.15
N GLN A 18 39.89 7.23 10.10
CA GLN A 18 39.51 7.10 11.50
C GLN A 18 38.12 7.64 11.83
N ASP A 19 37.54 8.41 10.93
CA ASP A 19 36.20 8.97 11.14
C ASP A 19 35.17 7.84 11.21
N SER A 20 35.49 6.70 10.60
CA SER A 20 34.59 5.55 10.58
C SER A 20 34.97 4.48 11.60
N ALA A 21 35.93 4.79 12.47
CA ALA A 21 36.40 3.84 13.47
C ALA A 21 35.32 3.37 14.45
N GLY A 22 34.93 4.26 15.37
CA GLY A 22 33.93 3.94 16.37
C GLY A 22 32.82 2.98 15.97
N PHE A 23 32.41 3.03 14.71
CA PHE A 23 31.34 2.16 14.22
C PHE A 23 31.44 0.71 14.68
N VAL A 24 32.45 -0.01 14.19
CA VAL A 24 32.64 -1.42 14.55
C VAL A 24 33.85 -1.67 15.43
N PRO A 25 33.73 -2.62 16.38
CA PRO A 25 34.76 -3.02 17.34
C PRO A 25 36.08 -3.48 16.71
N GLY A 26 36.31 -4.79 16.74
CA GLY A 26 37.53 -5.35 16.17
C GLY A 26 37.22 -6.36 15.10
N ASP A 27 38.20 -6.66 14.25
CA ASP A 27 38.03 -7.62 13.16
C ASP A 27 37.08 -7.03 12.13
N TYR A 28 35.91 -6.58 12.58
CA TYR A 28 34.94 -5.96 11.68
C TYR A 28 35.50 -4.62 11.24
N TRP A 29 36.30 -4.01 12.12
CA TRP A 29 36.94 -2.73 11.84
C TRP A 29 37.99 -2.94 10.75
N LYS A 30 38.73 -4.05 10.86
CA LYS A 30 39.75 -4.37 9.87
C LYS A 30 39.06 -4.53 8.51
N GLU A 31 37.92 -5.20 8.51
CA GLU A 31 37.14 -5.44 7.30
C GLU A 31 36.59 -4.14 6.72
N LEU A 32 36.04 -3.29 7.59
CA LEU A 32 35.49 -2.01 7.14
C LEU A 32 36.59 -1.13 6.56
N GLN A 33 37.77 -1.16 7.18
CA GLN A 33 38.89 -0.36 6.68
C GLN A 33 39.24 -0.82 5.27
N HIS A 34 39.29 -2.14 5.09
CA HIS A 34 39.61 -2.70 3.78
C HIS A 34 38.60 -2.23 2.75
N ARG A 35 37.32 -2.33 3.11
CA ARG A 35 36.23 -1.92 2.21
C ARG A 35 36.32 -0.45 1.82
N LEU A 36 36.58 0.41 2.80
CA LEU A 36 36.66 1.84 2.57
C LEU A 36 37.82 2.27 1.68
N LEU A 37 38.94 1.57 1.79
CA LEU A 37 40.12 1.89 1.00
C LEU A 37 40.12 1.24 -0.38
N ASP A 38 39.27 0.22 -0.55
CA ASP A 38 39.19 -0.48 -1.82
C ASP A 38 38.15 0.08 -2.78
N ILE A 39 38.55 0.25 -4.03
CA ILE A 39 37.64 0.76 -5.06
C ILE A 39 37.70 -0.11 -6.32
N GLN A 40 38.91 -0.48 -6.73
CA GLN A 40 39.11 -1.27 -7.95
C GLN A 40 38.95 -2.79 -7.87
N ASP A 41 39.02 -3.36 -6.69
CA ASP A 41 38.93 -4.82 -6.59
C ASP A 41 37.62 -5.41 -6.05
N THR A 42 37.57 -5.64 -4.74
CA THR A 42 36.38 -6.21 -4.11
C THR A 42 35.09 -5.48 -4.48
N ARG A 43 35.13 -4.16 -4.42
CA ARG A 43 33.98 -3.34 -4.74
C ARG A 43 33.47 -3.64 -6.15
N LEU A 44 34.38 -3.69 -7.11
CA LEU A 44 34.04 -3.94 -8.50
C LEU A 44 33.52 -5.37 -8.69
N LYS A 45 34.08 -6.33 -7.97
CA LYS A 45 33.62 -7.71 -8.09
C LYS A 45 32.18 -7.81 -7.60
N LEU A 46 31.85 -7.07 -6.55
CA LEU A 46 30.49 -7.10 -6.03
C LEU A 46 29.52 -6.43 -6.99
N MET A 47 29.99 -5.39 -7.68
CA MET A 47 29.17 -4.69 -8.65
C MET A 47 28.87 -5.64 -9.82
N ASP A 48 29.86 -6.42 -10.22
CA ASP A 48 29.68 -7.35 -11.33
C ASP A 48 28.76 -8.50 -10.97
N ALA A 49 28.77 -8.90 -9.70
CA ALA A 49 27.94 -10.00 -9.25
C ALA A 49 26.54 -9.59 -8.84
N HIS A 50 26.36 -8.30 -8.55
CA HIS A 50 25.06 -7.82 -8.11
C HIS A 50 24.39 -6.76 -8.98
N GLY A 51 24.59 -6.92 -10.29
CA GLY A 51 23.97 -6.05 -11.27
C GLY A 51 24.08 -4.54 -11.13
N ILE A 52 25.25 -4.04 -10.78
CA ILE A 52 25.45 -2.61 -10.66
C ILE A 52 26.45 -2.19 -11.73
N GLU A 53 26.00 -1.35 -12.66
CA GLU A 53 26.89 -0.90 -13.72
C GLU A 53 27.62 0.38 -13.34
N THR A 54 26.91 1.29 -12.69
CA THR A 54 27.49 2.57 -12.31
C THR A 54 27.46 2.83 -10.82
N MET A 55 28.59 3.23 -10.27
CA MET A 55 28.69 3.55 -8.86
C MET A 55 29.21 4.97 -8.73
N ILE A 56 28.40 5.86 -8.15
CA ILE A 56 28.82 7.24 -7.95
C ILE A 56 29.41 7.27 -6.55
N LEU A 57 30.73 7.43 -6.50
CA LEU A 57 31.49 7.43 -5.24
C LEU A 57 31.56 8.75 -4.48
N SER A 58 31.65 8.63 -3.16
CA SER A 58 31.75 9.79 -2.28
C SER A 58 32.59 9.46 -1.05
N LEU A 59 33.26 10.49 -0.52
CA LEU A 59 34.10 10.35 0.66
C LEU A 59 33.22 9.95 1.85
N ASN A 60 33.82 9.38 2.89
CA ASN A 60 33.07 8.98 4.07
C ASN A 60 32.69 10.17 4.95
N ALA A 61 32.15 9.90 6.14
CA ALA A 61 31.68 10.98 7.01
C ALA A 61 32.19 10.91 8.46
N PRO A 62 32.22 12.06 9.15
CA PRO A 62 31.82 13.39 8.67
C PRO A 62 32.87 14.05 7.77
N ALA A 63 34.09 13.51 7.82
CA ALA A 63 35.19 14.02 7.01
C ALA A 63 35.37 15.54 7.02
N VAL A 64 35.31 16.15 5.85
CA VAL A 64 35.51 17.60 5.72
C VAL A 64 34.62 18.48 6.59
N GLN A 65 33.37 18.07 6.80
CA GLN A 65 32.47 18.87 7.60
C GLN A 65 32.86 18.96 9.08
N ALA A 66 33.77 18.10 9.53
CA ALA A 66 34.20 18.10 10.91
C ALA A 66 35.59 18.72 11.11
N ILE A 67 36.10 19.38 10.08
CA ILE A 67 37.42 20.03 10.16
C ILE A 67 37.16 21.53 10.29
N PRO A 68 37.23 22.07 11.52
CA PRO A 68 36.98 23.50 11.74
C PRO A 68 37.96 24.49 11.14
N ASP A 69 39.20 24.06 10.90
CA ASP A 69 40.18 24.96 10.31
C ASP A 69 39.95 25.02 8.80
N ARG A 70 39.60 26.20 8.32
CA ARG A 70 39.31 26.41 6.91
C ARG A 70 40.41 25.90 5.98
N ARG A 71 41.65 26.29 6.26
CA ARG A 71 42.78 25.87 5.42
C ARG A 71 42.93 24.35 5.37
N LYS A 72 42.78 23.70 6.51
CA LYS A 72 42.91 22.25 6.59
C LYS A 72 41.76 21.59 5.82
N ALA A 73 40.55 22.13 5.99
CA ALA A 73 39.37 21.59 5.32
C ALA A 73 39.53 21.66 3.80
N ILE A 74 40.02 22.80 3.32
CA ILE A 74 40.22 22.99 1.89
C ILE A 74 41.24 21.98 1.37
N GLU A 75 42.31 21.79 2.14
CA GLU A 75 43.38 20.86 1.77
C GLU A 75 42.87 19.42 1.68
N ILE A 76 42.15 18.98 2.71
CA ILE A 76 41.64 17.61 2.74
C ILE A 76 40.60 17.36 1.66
N ALA A 77 39.76 18.36 1.41
CA ALA A 77 38.72 18.21 0.38
C ALA A 77 39.40 18.03 -0.98
N ARG A 78 40.39 18.88 -1.25
CA ARG A 78 41.11 18.81 -2.53
C ARG A 78 41.82 17.47 -2.69
N ARG A 79 42.42 16.99 -1.61
CA ARG A 79 43.14 15.71 -1.62
C ARG A 79 42.18 14.55 -1.88
N ALA A 80 41.02 14.58 -1.24
CA ALA A 80 40.04 13.52 -1.41
C ALA A 80 39.48 13.54 -2.83
N ASN A 81 39.27 14.74 -3.35
CA ASN A 81 38.73 14.88 -4.70
C ASN A 81 39.74 14.43 -5.75
N ASP A 82 41.02 14.73 -5.52
CA ASP A 82 42.04 14.33 -6.49
C ASP A 82 42.19 12.80 -6.52
N VAL A 83 42.16 12.18 -5.34
CA VAL A 83 42.27 10.73 -5.25
C VAL A 83 41.07 10.10 -5.97
N LEU A 84 39.89 10.64 -5.72
CA LEU A 84 38.68 10.12 -6.34
C LEU A 84 38.74 10.22 -7.86
N ALA A 85 39.26 11.33 -8.38
CA ALA A 85 39.37 11.53 -9.82
C ALA A 85 40.33 10.48 -10.41
N GLU A 86 41.41 10.22 -9.69
CA GLU A 86 42.40 9.24 -10.15
C GLU A 86 41.78 7.85 -10.19
N GLU A 87 41.01 7.51 -9.16
CA GLU A 87 40.37 6.20 -9.10
C GLU A 87 39.32 6.02 -10.17
N CYS A 88 38.53 7.06 -10.42
CA CYS A 88 37.49 6.97 -11.44
C CYS A 88 38.10 6.80 -12.82
N ALA A 89 39.25 7.44 -13.04
CA ALA A 89 39.93 7.37 -14.33
C ALA A 89 40.40 5.95 -14.66
N LYS A 90 40.56 5.12 -13.65
CA LYS A 90 41.00 3.74 -13.87
C LYS A 90 39.90 2.92 -14.51
N ARG A 91 38.64 3.30 -14.26
CA ARG A 91 37.48 2.61 -14.82
C ARG A 91 36.32 3.58 -14.95
N PRO A 92 36.45 4.58 -15.84
CA PRO A 92 35.43 5.60 -16.08
C PRO A 92 34.09 5.05 -16.58
N ASP A 93 34.09 3.79 -17.01
CA ASP A 93 32.87 3.17 -17.49
C ASP A 93 32.03 2.61 -16.34
N ARG A 94 32.61 2.60 -15.15
CA ARG A 94 31.92 2.06 -13.98
C ARG A 94 31.82 3.04 -12.81
N PHE A 95 32.74 4.00 -12.73
CA PHE A 95 32.74 4.94 -11.62
C PHE A 95 32.57 6.42 -11.96
N LEU A 96 31.73 7.09 -11.17
CA LEU A 96 31.49 8.52 -11.30
C LEU A 96 31.78 9.09 -9.92
N ALA A 97 31.84 10.41 -9.79
CA ALA A 97 32.17 10.99 -8.51
C ALA A 97 31.39 12.20 -8.01
N PHE A 98 31.22 12.23 -6.68
CA PHE A 98 30.57 13.33 -5.98
C PHE A 98 31.73 14.10 -5.32
N ALA A 99 31.67 15.41 -5.35
CA ALA A 99 32.73 16.21 -4.75
C ALA A 99 32.59 16.38 -3.24
N ALA A 100 33.73 16.45 -2.57
CA ALA A 100 33.78 16.70 -1.13
C ALA A 100 34.00 18.21 -1.11
N LEU A 101 33.29 18.93 -0.24
CA LEU A 101 33.42 20.39 -0.21
C LEU A 101 33.74 21.00 1.14
N PRO A 102 34.63 22.00 1.16
CA PRO A 102 35.03 22.70 2.40
C PRO A 102 34.07 23.85 2.66
N LEU A 103 32.82 23.51 2.98
CA LEU A 103 31.81 24.51 3.22
C LEU A 103 31.99 25.41 4.44
N GLN A 104 33.05 25.21 5.22
CA GLN A 104 33.25 26.14 6.34
C GLN A 104 33.82 27.44 5.75
N ASP A 105 34.06 27.41 4.44
CA ASP A 105 34.57 28.56 3.68
C ASP A 105 33.75 28.57 2.38
N PRO A 106 32.59 29.25 2.38
CA PRO A 106 31.70 29.34 1.23
C PRO A 106 32.36 29.57 -0.13
N ASP A 107 33.21 30.59 -0.22
CA ASP A 107 33.88 30.88 -1.49
C ASP A 107 34.79 29.74 -1.92
N ALA A 108 35.50 29.16 -0.97
CA ALA A 108 36.40 28.06 -1.27
C ALA A 108 35.63 26.83 -1.75
N ALA A 109 34.49 26.58 -1.13
CA ALA A 109 33.65 25.44 -1.50
C ALA A 109 33.10 25.64 -2.91
N THR A 110 32.70 26.87 -3.21
CA THR A 110 32.16 27.18 -4.52
C THR A 110 33.23 26.93 -5.57
N GLU A 111 34.45 27.38 -5.31
CA GLU A 111 35.55 27.20 -6.25
C GLU A 111 35.93 25.74 -6.44
N GLU A 112 35.93 24.97 -5.35
CA GLU A 112 36.28 23.55 -5.44
C GLU A 112 35.21 22.79 -6.21
N LEU A 113 33.94 23.17 -6.04
CA LEU A 113 32.88 22.49 -6.76
C LEU A 113 33.05 22.75 -8.26
N GLN A 114 33.42 23.98 -8.61
CA GLN A 114 33.63 24.34 -10.00
C GLN A 114 34.80 23.53 -10.56
N ARG A 115 35.86 23.37 -9.76
CA ARG A 115 37.02 22.62 -10.22
C ARG A 115 36.64 21.16 -10.47
N CYS A 116 35.94 20.56 -9.52
CA CYS A 116 35.52 19.17 -9.63
C CYS A 116 34.61 18.92 -10.83
N VAL A 117 33.62 19.78 -11.00
CA VAL A 117 32.66 19.62 -12.10
C VAL A 117 33.27 19.94 -13.46
N ASN A 118 33.80 21.14 -13.61
CA ASN A 118 34.37 21.57 -14.88
C ASN A 118 35.69 20.91 -15.29
N ASP A 119 36.57 20.65 -14.34
CA ASP A 119 37.86 20.05 -14.68
C ASP A 119 38.00 18.56 -14.38
N LEU A 120 37.30 18.08 -13.36
CA LEU A 120 37.39 16.66 -13.01
C LEU A 120 36.18 15.86 -13.49
N GLY A 121 35.18 16.56 -14.01
CA GLY A 121 34.00 15.89 -14.50
C GLY A 121 33.11 15.25 -13.44
N PHE A 122 33.18 15.74 -12.21
CA PHE A 122 32.33 15.18 -11.16
C PHE A 122 30.87 15.51 -11.49
N VAL A 123 29.94 14.68 -11.01
CA VAL A 123 28.53 14.87 -11.33
C VAL A 123 27.65 15.42 -10.21
N GLY A 124 28.28 15.90 -9.13
CA GLY A 124 27.50 16.45 -8.03
C GLY A 124 28.36 16.63 -6.79
N ALA A 125 27.72 16.89 -5.66
CA ALA A 125 28.44 17.06 -4.40
C ALA A 125 27.74 16.27 -3.32
N LEU A 126 28.51 15.78 -2.36
CA LEU A 126 27.95 15.06 -1.23
C LEU A 126 28.56 15.69 0.01
N VAL A 127 27.69 16.19 0.89
CA VAL A 127 28.11 16.87 2.10
C VAL A 127 27.43 16.25 3.32
N ASN A 128 28.24 15.98 4.34
CA ASN A 128 27.74 15.35 5.56
C ASN A 128 27.15 16.35 6.56
N GLY A 129 26.00 16.90 6.21
CA GLY A 129 25.33 17.84 7.11
C GLY A 129 26.06 19.13 7.36
N PHE A 130 25.76 19.75 8.49
CA PHE A 130 26.35 21.04 8.88
C PHE A 130 27.87 21.01 8.98
N SER A 131 28.47 22.20 8.86
CA SER A 131 29.92 22.33 8.95
C SER A 131 30.30 22.93 10.30
N GLN A 132 31.55 22.69 10.69
CA GLN A 132 32.10 23.25 11.92
C GLN A 132 33.21 24.17 11.42
N GLU A 133 33.38 25.32 12.05
CA GLU A 133 34.41 26.27 11.63
C GLU A 133 34.92 27.08 12.82
N GLY A 134 36.18 27.49 12.77
CA GLY A 134 36.75 28.28 13.85
C GLY A 134 36.86 27.45 15.12
N ASP A 135 36.12 27.84 16.15
CA ASP A 135 36.16 27.08 17.40
C ASP A 135 35.35 25.79 17.21
N GLY A 136 34.65 25.70 16.09
CA GLY A 136 33.88 24.51 15.76
C GLY A 136 32.74 24.10 16.68
N GLN A 137 32.29 25.03 17.53
CA GLN A 137 31.23 24.72 18.47
C GLN A 137 29.83 25.13 18.03
N THR A 138 29.71 25.58 16.78
CA THR A 138 28.42 26.01 16.26
C THR A 138 28.09 25.28 14.95
N PRO A 139 26.94 24.58 14.90
CA PRO A 139 26.61 23.88 13.65
C PRO A 139 26.21 24.90 12.58
N LEU A 140 26.88 24.85 11.44
CA LEU A 140 26.60 25.76 10.35
C LEU A 140 25.71 25.12 9.30
N TYR A 141 24.44 25.55 9.27
CA TYR A 141 23.47 25.01 8.32
C TYR A 141 23.47 25.81 7.02
N TYR A 142 23.21 25.12 5.91
CA TYR A 142 23.27 25.75 4.60
C TYR A 142 22.11 26.64 4.16
N ASP A 143 21.16 26.89 5.06
CA ASP A 143 20.05 27.78 4.76
C ASP A 143 20.47 29.20 5.13
N LEU A 144 21.62 29.32 5.80
CA LEU A 144 22.14 30.61 6.21
C LEU A 144 22.47 31.48 5.00
N PRO A 145 22.30 32.81 5.14
CA PRO A 145 22.56 33.78 4.08
C PRO A 145 23.91 33.67 3.35
N GLN A 146 24.97 33.41 4.09
CA GLN A 146 26.30 33.32 3.48
C GLN A 146 26.46 32.21 2.45
N TYR A 147 25.53 31.25 2.43
CA TYR A 147 25.60 30.15 1.47
C TYR A 147 24.77 30.37 0.21
N ARG A 148 24.02 31.46 0.14
CA ARG A 148 23.21 31.71 -1.04
C ARG A 148 24.03 31.78 -2.32
N PRO A 149 25.20 32.45 -2.29
CA PRO A 149 25.98 32.51 -3.53
C PRO A 149 26.38 31.10 -3.97
N PHE A 150 26.76 30.26 -3.01
CA PHE A 150 27.16 28.88 -3.29
C PHE A 150 26.01 28.14 -3.98
N TRP A 151 24.81 28.25 -3.42
CA TRP A 151 23.64 27.58 -4.00
C TRP A 151 23.37 28.07 -5.41
N GLY A 152 23.62 29.36 -5.65
CA GLY A 152 23.40 29.91 -6.97
C GLY A 152 24.35 29.26 -7.97
N GLU A 153 25.56 28.97 -7.53
CA GLU A 153 26.55 28.32 -8.38
C GLU A 153 26.19 26.85 -8.58
N VAL A 154 25.64 26.22 -7.55
CA VAL A 154 25.24 24.83 -7.67
C VAL A 154 24.16 24.73 -8.75
N GLU A 155 23.22 25.67 -8.72
CA GLU A 155 22.15 25.68 -9.70
C GLU A 155 22.70 25.97 -11.10
N LYS A 156 23.64 26.90 -11.20
CA LYS A 156 24.23 27.25 -12.49
C LYS A 156 24.96 26.06 -13.10
N LEU A 157 25.74 25.35 -12.29
CA LEU A 157 26.48 24.18 -12.75
C LEU A 157 25.47 23.06 -13.07
N ASP A 158 24.31 23.14 -12.43
CA ASP A 158 23.23 22.17 -12.60
C ASP A 158 23.63 20.74 -12.28
N VAL A 159 24.12 20.53 -11.05
CA VAL A 159 24.50 19.20 -10.57
C VAL A 159 23.82 19.02 -9.22
N PRO A 160 23.41 17.79 -8.89
CA PRO A 160 22.74 17.53 -7.61
C PRO A 160 23.63 17.68 -6.38
N PHE A 161 23.00 17.94 -5.24
CA PHE A 161 23.67 18.09 -3.95
C PHE A 161 23.09 17.01 -3.04
N TYR A 162 23.93 16.08 -2.61
CA TYR A 162 23.49 14.99 -1.74
C TYR A 162 23.73 15.41 -0.29
N LEU A 163 22.65 15.63 0.44
CA LEU A 163 22.74 16.03 1.84
C LEU A 163 22.77 14.75 2.67
N HIS A 164 23.99 14.35 3.05
CA HIS A 164 24.26 13.12 3.80
C HIS A 164 24.28 13.39 5.31
N PRO A 165 24.06 12.35 6.13
CA PRO A 165 24.05 12.52 7.58
C PRO A 165 25.40 12.72 8.27
N ARG A 166 25.29 13.15 9.53
CA ARG A 166 26.41 13.32 10.45
C ARG A 166 25.71 13.40 11.79
N ASN A 167 26.45 13.16 12.87
CA ASN A 167 25.87 13.24 14.21
C ASN A 167 25.92 14.68 14.67
N PRO A 168 25.00 15.06 15.58
CA PRO A 168 25.00 16.43 16.07
C PRO A 168 26.16 16.56 17.06
N LEU A 169 26.52 17.80 17.41
CA LEU A 169 27.60 18.02 18.37
C LEU A 169 27.11 17.54 19.74
N PRO A 170 28.04 17.17 20.64
CA PRO A 170 27.67 16.70 21.97
C PRO A 170 26.69 17.58 22.75
N GLN A 171 26.92 18.90 22.73
CA GLN A 171 26.04 19.82 23.44
C GLN A 171 24.65 19.90 22.82
N ASP A 172 24.52 19.37 21.61
CA ASP A 172 23.24 19.37 20.91
C ASP A 172 22.72 17.95 20.82
N SER A 173 23.20 17.09 21.71
CA SER A 173 22.82 15.67 21.72
C SER A 173 22.39 15.15 23.09
N ARG A 174 22.00 16.04 24.00
CA ARG A 174 21.61 15.62 25.34
C ARG A 174 20.48 14.60 25.37
N ILE A 175 19.60 14.64 24.37
CA ILE A 175 18.49 13.70 24.34
C ILE A 175 19.00 12.26 24.17
N TYR A 176 20.24 12.12 23.71
CA TYR A 176 20.83 10.81 23.51
C TYR A 176 21.80 10.44 24.64
N ASP A 177 21.94 11.30 25.64
CA ASP A 177 22.85 11.03 26.74
C ASP A 177 22.51 9.69 27.41
N GLY A 178 23.52 8.84 27.53
CA GLY A 178 23.33 7.53 28.14
C GLY A 178 22.91 6.49 27.12
N HIS A 179 22.65 6.94 25.90
CA HIS A 179 22.22 6.07 24.82
C HIS A 179 23.04 6.27 23.55
N PRO A 180 24.34 5.96 23.60
CA PRO A 180 25.19 6.14 22.42
C PRO A 180 24.74 5.29 21.24
N TRP A 181 23.96 4.24 21.52
CA TRP A 181 23.44 3.35 20.51
C TRP A 181 22.32 4.00 19.69
N LEU A 182 21.88 5.19 20.10
CA LEU A 182 20.84 5.89 19.36
C LEU A 182 21.46 6.89 18.38
N LEU A 183 22.76 7.14 18.53
CA LEU A 183 23.46 8.04 17.63
C LEU A 183 23.72 7.28 16.34
N GLY A 184 24.18 7.97 15.31
CA GLY A 184 24.48 7.29 14.06
C GLY A 184 23.28 6.84 13.26
N PRO A 185 23.42 5.76 12.47
CA PRO A 185 22.34 5.22 11.63
C PRO A 185 21.08 4.73 12.33
N THR A 186 21.18 4.45 13.63
CA THR A 186 20.01 3.97 14.36
C THR A 186 18.92 5.04 14.40
N TRP A 187 19.31 6.30 14.60
CA TRP A 187 18.32 7.38 14.64
C TRP A 187 18.86 8.79 14.45
N ALA A 188 19.85 9.17 15.24
CA ALA A 188 20.41 10.51 15.18
C ALA A 188 20.72 11.02 13.76
N PHE A 189 21.26 10.16 12.92
CA PHE A 189 21.57 10.54 11.54
C PHE A 189 20.33 11.07 10.80
N ALA A 190 19.21 10.38 10.97
CA ALA A 190 17.97 10.76 10.30
C ALA A 190 17.42 12.09 10.79
N GLN A 191 17.33 12.26 12.10
CA GLN A 191 16.81 13.49 12.69
C GLN A 191 17.64 14.70 12.22
N GLU A 192 18.96 14.57 12.31
CA GLU A 192 19.85 15.64 11.91
C GLU A 192 19.67 16.06 10.45
N THR A 193 19.56 15.06 9.58
CA THR A 193 19.42 15.32 8.14
C THR A 193 18.03 15.79 7.74
N ALA A 194 17.00 15.20 8.34
CA ALA A 194 15.63 15.59 8.04
C ALA A 194 15.41 17.07 8.37
N VAL A 195 15.85 17.49 9.55
CA VAL A 195 15.66 18.89 9.94
C VAL A 195 16.50 19.82 9.07
N HIS A 196 17.73 19.42 8.74
CA HIS A 196 18.56 20.29 7.89
C HIS A 196 17.81 20.48 6.56
N ALA A 197 17.22 19.41 6.04
CA ALA A 197 16.48 19.51 4.79
C ALA A 197 15.29 20.45 4.94
N LEU A 198 14.57 20.36 6.06
CA LEU A 198 13.43 21.23 6.29
C LEU A 198 13.89 22.68 6.41
N ARG A 199 15.06 22.91 6.99
CA ARG A 199 15.56 24.27 7.11
C ARG A 199 15.78 24.85 5.72
N LEU A 200 16.34 24.06 4.80
CA LEU A 200 16.57 24.54 3.44
C LEU A 200 15.22 24.92 2.82
N MET A 201 14.23 24.05 2.99
CA MET A 201 12.91 24.31 2.43
C MET A 201 12.27 25.57 3.01
N ALA A 202 12.22 25.66 4.33
CA ALA A 202 11.60 26.81 4.99
C ALA A 202 12.25 28.15 4.67
N SER A 203 13.55 28.12 4.41
CA SER A 203 14.30 29.35 4.12
C SER A 203 13.92 30.06 2.83
N GLY A 204 13.24 29.36 1.93
CA GLY A 204 12.86 29.96 0.66
C GLY A 204 13.93 29.72 -0.41
N LEU A 205 14.92 28.92 -0.06
CA LEU A 205 16.01 28.60 -0.98
C LEU A 205 15.52 28.11 -2.33
N PHE A 206 14.47 27.31 -2.33
CA PHE A 206 13.95 26.78 -3.58
C PHE A 206 13.02 27.70 -4.35
N ASP A 207 12.73 28.86 -3.75
CA ASP A 207 11.93 29.86 -4.44
C ASP A 207 12.95 30.64 -5.28
N GLU A 208 14.09 30.92 -4.66
CA GLU A 208 15.18 31.66 -5.29
C GLU A 208 15.93 30.84 -6.33
N HIS A 209 16.08 29.54 -6.06
CA HIS A 209 16.78 28.63 -6.96
C HIS A 209 15.96 27.36 -7.12
N PRO A 210 14.84 27.45 -7.88
CA PRO A 210 13.92 26.34 -8.14
C PRO A 210 14.45 25.14 -8.90
N ARG A 211 15.58 25.29 -9.57
CA ARG A 211 16.15 24.19 -10.34
C ARG A 211 17.10 23.30 -9.56
N LEU A 212 17.28 23.60 -8.27
CA LEU A 212 18.17 22.80 -7.44
C LEU A 212 17.62 21.39 -7.25
N ASN A 213 18.52 20.41 -7.22
CA ASN A 213 18.16 19.02 -7.00
C ASN A 213 18.91 18.57 -5.76
N ILE A 214 18.17 18.26 -4.70
CA ILE A 214 18.77 17.80 -3.45
C ILE A 214 18.46 16.32 -3.32
N ILE A 215 19.42 15.55 -2.85
CA ILE A 215 19.23 14.12 -2.67
C ILE A 215 19.42 13.73 -1.21
N LEU A 216 18.52 12.88 -0.71
CA LEU A 216 18.59 12.40 0.67
C LEU A 216 18.63 10.87 0.63
N GLY A 217 19.42 10.27 1.50
CA GLY A 217 19.48 8.83 1.52
C GLY A 217 18.53 8.26 2.58
N HIS A 218 18.64 6.96 2.81
CA HIS A 218 17.84 6.29 3.84
C HIS A 218 16.35 6.57 3.72
N MET A 219 15.89 6.57 2.47
CA MET A 219 14.50 6.81 2.11
C MET A 219 13.90 8.12 2.62
N GLY A 220 14.71 9.17 2.56
CA GLY A 220 14.20 10.48 2.98
C GLY A 220 14.32 10.81 4.44
N GLU A 221 15.10 10.03 5.17
CA GLU A 221 15.33 10.27 6.59
C GLU A 221 14.04 10.41 7.40
N GLY A 222 13.01 9.67 6.99
CA GLY A 222 11.73 9.69 7.69
C GLY A 222 10.70 10.71 7.23
N LEU A 223 11.09 11.63 6.36
CA LEU A 223 10.20 12.68 5.90
C LEU A 223 8.88 12.28 5.23
N PRO A 224 8.91 11.31 4.30
CA PRO A 224 7.64 10.96 3.65
C PRO A 224 6.46 10.61 4.56
N TYR A 225 6.73 9.84 5.60
CA TYR A 225 5.69 9.39 6.54
C TYR A 225 5.02 10.53 7.32
N MET A 226 5.79 11.56 7.65
CA MET A 226 5.27 12.69 8.42
C MET A 226 5.04 13.95 7.59
N MET A 227 5.29 13.88 6.28
CA MET A 227 5.13 15.07 5.43
C MET A 227 3.78 15.76 5.50
N TRP A 228 2.70 14.99 5.52
CA TRP A 228 1.37 15.59 5.61
C TRP A 228 1.25 16.42 6.88
N ARG A 229 1.65 15.84 8.01
CA ARG A 229 1.58 16.53 9.29
C ARG A 229 2.45 17.78 9.33
N ILE A 230 3.63 17.73 8.71
CA ILE A 230 4.54 18.87 8.69
C ILE A 230 3.84 20.14 8.20
N ASP A 231 2.99 20.00 7.19
CA ASP A 231 2.26 21.14 6.62
C ASP A 231 0.85 21.32 7.20
N HIS A 232 0.14 20.21 7.36
CA HIS A 232 -1.25 20.26 7.80
C HIS A 232 -1.61 20.21 9.28
N ARG A 233 -0.62 20.16 10.16
CA ARG A 233 -0.93 20.13 11.59
C ARG A 233 -1.77 21.37 11.91
N ASN A 234 -2.74 21.23 12.82
CA ASN A 234 -3.62 22.34 13.21
C ASN A 234 -4.24 23.04 12.00
N ALA A 235 -4.74 22.25 11.05
CA ALA A 235 -5.31 22.79 9.83
C ALA A 235 -6.49 23.76 10.03
N TRP A 236 -7.18 23.68 11.16
CA TRP A 236 -8.31 24.56 11.39
C TRP A 236 -7.92 26.03 11.47
N VAL A 237 -6.64 26.29 11.76
CA VAL A 237 -6.15 27.66 11.84
C VAL A 237 -5.89 28.14 10.42
N LYS A 238 -6.77 28.99 9.91
CA LYS A 238 -6.64 29.50 8.56
C LYS A 238 -5.78 30.75 8.46
N LEU A 239 -4.48 30.57 8.71
CA LEU A 239 -3.50 31.64 8.65
C LEU A 239 -2.28 31.07 7.93
N PRO A 240 -1.56 31.90 7.18
CA PRO A 240 -0.38 31.40 6.47
C PRO A 240 0.78 31.06 7.40
N PRO A 241 1.68 30.17 6.97
CA PRO A 241 2.83 29.77 7.80
C PRO A 241 3.74 30.97 8.06
N ARG A 242 4.57 30.89 9.09
CA ARG A 242 5.43 32.00 9.43
C ARG A 242 6.82 32.00 8.80
N TYR A 243 7.18 30.92 8.11
CA TYR A 243 8.50 30.86 7.48
C TYR A 243 8.56 31.73 6.22
N PRO A 244 9.78 32.08 5.78
CA PRO A 244 9.92 32.92 4.57
C PRO A 244 9.54 32.31 3.22
N ALA A 245 9.62 30.98 3.11
CA ALA A 245 9.28 30.31 1.86
C ALA A 245 7.84 30.64 1.45
N LYS A 246 7.59 30.71 0.15
CA LYS A 246 6.26 31.04 -0.36
C LYS A 246 5.26 29.89 -0.41
N ARG A 247 5.75 28.66 -0.49
CA ARG A 247 4.85 27.51 -0.60
C ARG A 247 4.94 26.51 0.56
N ARG A 248 4.42 25.30 0.34
CA ARG A 248 4.40 24.26 1.38
C ARG A 248 5.63 23.37 1.37
N PHE A 249 5.95 22.78 2.52
CA PHE A 249 7.09 21.87 2.58
C PHE A 249 6.88 20.75 1.58
N MET A 250 5.66 20.25 1.48
CA MET A 250 5.39 19.17 0.54
C MET A 250 5.71 19.58 -0.90
N ASP A 251 5.54 20.85 -1.21
CA ASP A 251 5.83 21.32 -2.57
C ASP A 251 7.31 21.24 -2.89
N TYR A 252 8.16 21.70 -1.97
CA TYR A 252 9.59 21.67 -2.19
C TYR A 252 10.12 20.23 -2.16
N PHE A 253 9.54 19.41 -1.28
CA PHE A 253 9.97 18.01 -1.20
C PHE A 253 9.64 17.33 -2.52
N ASN A 254 8.43 17.58 -3.03
CA ASN A 254 7.96 16.98 -4.27
C ASN A 254 8.72 17.48 -5.51
N GLU A 255 9.12 18.73 -5.50
CA GLU A 255 9.79 19.34 -6.66
C GLU A 255 11.31 19.46 -6.66
N ASN A 256 11.91 19.49 -5.48
CA ASN A 256 13.36 19.66 -5.42
C ASN A 256 14.14 18.52 -4.79
N PHE A 257 13.45 17.49 -4.32
CA PHE A 257 14.15 16.38 -3.67
C PHE A 257 14.00 15.03 -4.36
N HIS A 258 14.98 14.17 -4.10
CA HIS A 258 15.02 12.80 -4.60
C HIS A 258 15.51 12.02 -3.37
N ILE A 259 15.04 10.80 -3.18
CA ILE A 259 15.49 10.02 -2.04
C ILE A 259 16.04 8.68 -2.52
N THR A 260 17.02 8.13 -1.81
CA THR A 260 17.59 6.84 -2.21
C THR A 260 17.24 5.77 -1.19
N THR A 261 17.43 4.52 -1.58
CA THR A 261 17.13 3.37 -0.73
C THR A 261 18.30 2.97 0.17
N SER A 262 19.32 3.81 0.25
CA SER A 262 20.50 3.48 1.04
C SER A 262 20.17 3.09 2.48
N GLY A 263 20.71 1.95 2.90
CA GLY A 263 20.48 1.47 4.27
C GLY A 263 19.05 1.41 4.77
N ASN A 264 18.09 1.29 3.85
CA ASN A 264 16.69 1.21 4.24
C ASN A 264 15.99 0.28 3.27
N PHE A 265 16.35 -1.00 3.37
CA PHE A 265 15.84 -2.05 2.50
C PHE A 265 14.54 -2.60 3.08
N ARG A 266 13.51 -1.76 3.06
CA ARG A 266 12.22 -2.11 3.62
C ARG A 266 11.09 -1.82 2.63
N THR A 267 10.41 -2.87 2.18
CA THR A 267 9.34 -2.71 1.21
C THR A 267 8.21 -1.79 1.64
N GLN A 268 7.77 -1.92 2.88
CA GLN A 268 6.68 -1.07 3.37
C GLN A 268 7.05 0.41 3.24
N THR A 269 8.29 0.71 3.59
CA THR A 269 8.82 2.07 3.54
C THR A 269 8.84 2.57 2.09
N LEU A 270 9.25 1.70 1.17
CA LEU A 270 9.30 2.05 -0.24
C LEU A 270 7.90 2.32 -0.79
N ILE A 271 6.92 1.53 -0.36
CA ILE A 271 5.55 1.72 -0.81
C ILE A 271 5.03 3.07 -0.33
N ASP A 272 5.28 3.39 0.95
CA ASP A 272 4.83 4.68 1.47
C ASP A 272 5.46 5.81 0.65
N ALA A 273 6.76 5.69 0.38
CA ALA A 273 7.45 6.72 -0.39
C ALA A 273 6.90 6.84 -1.80
N ILE A 274 6.54 5.72 -2.40
CA ILE A 274 5.99 5.74 -3.75
C ILE A 274 4.65 6.48 -3.75
N LEU A 275 3.90 6.36 -2.67
CA LEU A 275 2.60 7.02 -2.57
C LEU A 275 2.69 8.45 -2.05
N GLU A 276 3.90 8.91 -1.76
CA GLU A 276 4.09 10.28 -1.26
C GLU A 276 4.91 11.14 -2.23
N ILE A 277 6.11 10.68 -2.58
CA ILE A 277 6.97 11.45 -3.49
C ILE A 277 6.94 10.89 -4.92
N GLY A 278 6.54 9.63 -5.06
CA GLY A 278 6.47 9.01 -6.39
C GLY A 278 7.71 8.25 -6.80
N ALA A 279 7.51 7.18 -7.57
CA ALA A 279 8.62 6.35 -8.03
C ALA A 279 9.63 7.11 -8.89
N ASP A 280 9.22 8.19 -9.52
CA ASP A 280 10.13 8.95 -10.37
C ASP A 280 11.21 9.67 -9.58
N ARG A 281 11.02 9.79 -8.26
CA ARG A 281 12.00 10.47 -7.43
C ARG A 281 12.65 9.60 -6.35
N ILE A 282 12.65 8.29 -6.58
CA ILE A 282 13.29 7.35 -5.65
C ILE A 282 14.41 6.67 -6.44
N LEU A 283 15.59 6.56 -5.82
CA LEU A 283 16.75 5.98 -6.48
C LEU A 283 17.39 4.87 -5.67
N PHE A 284 17.84 3.83 -6.36
CA PHE A 284 18.51 2.73 -5.71
C PHE A 284 19.88 3.21 -5.22
N SER A 285 20.30 2.72 -4.05
CA SER A 285 21.61 3.02 -3.47
C SER A 285 21.81 2.02 -2.33
N THR A 286 23.05 1.78 -1.93
CA THR A 286 23.30 0.76 -0.90
C THR A 286 23.88 1.21 0.44
N ASP A 287 24.76 2.21 0.40
CA ASP A 287 25.46 2.73 1.57
C ASP A 287 26.67 1.86 1.86
N TRP A 288 27.15 1.19 0.82
CA TRP A 288 28.36 0.36 0.94
C TRP A 288 29.44 1.37 1.33
N PRO A 289 30.43 0.96 2.14
CA PRO A 289 30.66 -0.36 2.73
C PRO A 289 30.00 -0.56 4.10
N PHE A 290 29.18 0.40 4.53
CA PHE A 290 28.50 0.30 5.81
C PHE A 290 27.34 -0.71 5.73
N GLU A 291 26.89 -0.98 4.51
CA GLU A 291 25.84 -1.96 4.24
C GLU A 291 26.39 -2.87 3.15
N ASN A 292 26.01 -4.14 3.18
CA ASN A 292 26.45 -5.09 2.16
C ASN A 292 25.74 -4.84 0.85
N ILE A 293 26.50 -4.88 -0.25
CA ILE A 293 25.93 -4.65 -1.57
C ILE A 293 24.90 -5.74 -1.91
N ASP A 294 25.18 -6.98 -1.52
CA ASP A 294 24.25 -8.05 -1.82
C ASP A 294 22.94 -7.88 -1.04
N HIS A 295 23.02 -7.34 0.17
CA HIS A 295 21.81 -7.11 0.96
C HIS A 295 20.90 -6.14 0.22
N ALA A 296 21.49 -5.03 -0.23
CA ALA A 296 20.74 -4.00 -0.94
C ALA A 296 20.17 -4.51 -2.27
N SER A 297 21.01 -5.16 -3.06
CA SER A 297 20.60 -5.68 -4.36
C SER A 297 19.56 -6.79 -4.29
N ASP A 298 19.77 -7.75 -3.40
CA ASP A 298 18.82 -8.84 -3.26
C ASP A 298 17.45 -8.31 -2.86
N TRP A 299 17.42 -7.38 -1.91
CA TRP A 299 16.15 -6.81 -1.49
C TRP A 299 15.48 -6.08 -2.64
N PHE A 300 16.22 -5.19 -3.29
CA PHE A 300 15.66 -4.40 -4.39
C PHE A 300 15.18 -5.25 -5.56
N ASN A 301 15.88 -6.35 -5.84
CA ASN A 301 15.47 -7.21 -6.94
C ASN A 301 14.10 -7.84 -6.70
N ALA A 302 13.76 -8.04 -5.44
CA ALA A 302 12.50 -8.69 -5.09
C ALA A 302 11.42 -7.82 -4.48
N THR A 303 11.71 -6.55 -4.22
CA THR A 303 10.70 -5.70 -3.59
C THR A 303 9.42 -5.60 -4.44
N SER A 304 8.30 -5.45 -3.74
CA SER A 304 6.96 -5.42 -4.33
C SER A 304 6.49 -4.17 -5.05
N ILE A 305 7.08 -3.91 -6.20
CA ILE A 305 6.72 -2.76 -7.01
C ILE A 305 6.57 -3.18 -8.46
N ALA A 306 6.06 -2.27 -9.30
CA ALA A 306 5.88 -2.59 -10.71
C ALA A 306 7.26 -2.74 -11.35
N GLU A 307 7.40 -3.67 -12.29
CA GLU A 307 8.69 -3.87 -12.93
C GLU A 307 9.16 -2.59 -13.61
N ALA A 308 8.22 -1.81 -14.15
CA ALA A 308 8.58 -0.56 -14.81
C ALA A 308 9.24 0.39 -13.80
N ASP A 309 8.76 0.38 -12.57
CA ASP A 309 9.32 1.23 -11.52
C ASP A 309 10.65 0.66 -11.02
N ARG A 310 10.81 -0.66 -11.09
CA ARG A 310 12.06 -1.25 -10.65
C ARG A 310 13.16 -0.76 -11.58
N VAL A 311 12.84 -0.65 -12.87
CA VAL A 311 13.81 -0.17 -13.85
C VAL A 311 14.13 1.31 -13.61
N LYS A 312 13.10 2.10 -13.32
CA LYS A 312 13.31 3.52 -13.07
C LYS A 312 14.13 3.77 -11.81
N ILE A 313 13.68 3.20 -10.69
CA ILE A 313 14.37 3.39 -9.42
C ILE A 313 15.78 2.77 -9.44
N GLY A 314 15.92 1.63 -10.10
CA GLY A 314 17.22 0.99 -10.13
C GLY A 314 18.21 1.58 -11.12
N ARG A 315 17.73 2.23 -12.17
CA ARG A 315 18.64 2.76 -13.19
C ARG A 315 18.30 4.06 -13.91
N THR A 316 17.14 4.10 -14.58
CA THR A 316 16.82 5.28 -15.38
C THR A 316 16.58 6.61 -14.66
N ASN A 317 16.10 6.59 -13.42
CA ASN A 317 15.91 7.86 -12.71
C ASN A 317 17.28 8.50 -12.54
N ALA A 318 18.27 7.69 -12.13
CA ALA A 318 19.62 8.19 -11.92
C ALA A 318 20.27 8.67 -13.21
N ARG A 319 20.12 7.89 -14.28
CA ARG A 319 20.73 8.29 -15.55
C ARG A 319 20.14 9.60 -16.06
N ARG A 320 18.86 9.84 -15.77
CA ARG A 320 18.24 11.08 -16.20
C ARG A 320 18.73 12.22 -15.32
N LEU A 321 18.73 12.00 -14.01
CA LEU A 321 19.17 13.02 -13.06
C LEU A 321 20.60 13.48 -13.29
N PHE A 322 21.49 12.55 -13.60
CA PHE A 322 22.89 12.90 -13.82
C PHE A 322 23.27 13.07 -15.28
N LYS A 323 22.25 13.16 -16.15
CA LYS A 323 22.47 13.37 -17.58
C LYS A 323 23.46 12.37 -18.18
N LEU A 324 23.23 11.09 -17.95
CA LEU A 324 24.12 10.06 -18.48
C LEU A 324 23.68 9.51 -19.82
N ASP A 325 22.55 9.97 -20.33
CA ASP A 325 22.05 9.51 -21.62
C ASP A 325 22.40 10.52 -22.70
N MET B 1 -18.77 6.42 10.64
CA MET B 1 -18.74 5.47 11.79
C MET B 1 -19.18 6.14 13.09
N GLN B 2 -20.05 5.45 13.83
CA GLN B 2 -20.54 5.94 15.11
C GLN B 2 -19.91 5.10 16.21
N GLY B 3 -20.02 5.55 17.45
CA GLY B 3 -19.48 4.81 18.58
C GLY B 3 -17.97 4.78 18.72
N LYS B 4 -17.29 5.78 18.15
CA LYS B 4 -15.84 5.82 18.23
C LYS B 4 -15.31 6.18 19.62
N VAL B 5 -14.06 5.84 19.86
CA VAL B 5 -13.38 6.17 21.11
C VAL B 5 -12.22 7.05 20.65
N ALA B 6 -12.02 8.17 21.35
CA ALA B 6 -10.93 9.08 21.02
C ALA B 6 -10.15 9.28 22.30
N LEU B 7 -8.83 9.21 22.25
CA LEU B 7 -8.04 9.34 23.48
C LEU B 7 -6.88 10.33 23.56
N GLU B 8 -6.81 11.29 22.64
CA GLU B 8 -5.80 12.33 22.78
C GLU B 8 -6.64 13.58 22.60
N GLU B 9 -7.45 13.84 23.62
CA GLU B 9 -8.40 14.94 23.64
C GLU B 9 -8.09 15.74 24.90
N HIS B 10 -7.68 16.99 24.71
CA HIS B 10 -7.24 17.83 25.81
C HIS B 10 -8.15 18.91 26.38
N PHE B 11 -7.83 19.30 27.60
CA PHE B 11 -8.54 20.35 28.32
C PHE B 11 -7.48 21.03 29.19
N ALA B 12 -7.83 22.17 29.76
CA ALA B 12 -6.89 22.87 30.61
C ALA B 12 -7.61 23.43 31.83
N ILE B 13 -6.84 23.77 32.84
CA ILE B 13 -7.38 24.39 34.05
C ILE B 13 -6.73 25.77 34.01
N PRO B 14 -7.30 26.74 34.74
CA PRO B 14 -6.71 28.07 34.73
C PRO B 14 -5.20 28.10 34.91
N GLU B 15 -4.70 27.26 35.81
CA GLU B 15 -3.27 27.18 36.12
C GLU B 15 -2.36 26.71 34.99
N THR B 16 -2.92 26.02 34.00
CA THR B 16 -2.11 25.52 32.89
C THR B 16 -2.51 26.10 31.54
N LEU B 17 -3.55 26.93 31.53
CA LEU B 17 -4.05 27.51 30.29
C LEU B 17 -2.98 28.21 29.45
N GLN B 18 -2.18 29.07 30.07
CA GLN B 18 -1.16 29.81 29.33
C GLN B 18 -0.13 28.97 28.60
N ASP B 19 -0.02 27.69 28.98
CA ASP B 19 0.93 26.79 28.32
C ASP B 19 0.61 26.60 26.84
N SER B 20 -0.66 26.79 26.48
CA SER B 20 -1.08 26.62 25.09
C SER B 20 -1.10 27.91 24.28
N ALA B 21 -0.77 29.03 24.91
CA ALA B 21 -0.77 30.32 24.25
C ALA B 21 0.08 30.39 22.99
N GLY B 22 1.17 29.63 22.97
CA GLY B 22 2.05 29.66 21.81
C GLY B 22 1.71 28.65 20.71
N PHE B 23 0.72 27.81 20.95
CA PHE B 23 0.31 26.79 19.99
C PHE B 23 -0.33 27.40 18.73
N VAL B 24 -1.05 28.50 18.90
CA VAL B 24 -1.71 29.15 17.78
C VAL B 24 -1.45 30.66 17.77
N PRO B 25 -1.55 31.30 16.60
CA PRO B 25 -1.33 32.74 16.49
C PRO B 25 -2.37 33.51 17.29
N GLY B 26 -2.27 34.84 17.28
CA GLY B 26 -3.24 35.63 17.99
C GLY B 26 -4.56 35.48 17.27
N ASP B 27 -5.61 36.13 17.77
CA ASP B 27 -6.93 36.06 17.16
C ASP B 27 -7.58 34.68 17.37
N TYR B 28 -6.80 33.62 17.22
CA TYR B 28 -7.30 32.26 17.41
C TYR B 28 -7.11 31.81 18.86
N TRP B 29 -6.35 32.58 19.62
CA TRP B 29 -6.07 32.27 21.02
C TRP B 29 -7.34 32.25 21.87
N LYS B 30 -8.22 33.22 21.64
CA LYS B 30 -9.47 33.29 22.40
C LYS B 30 -10.29 32.02 22.16
N GLU B 31 -10.37 31.59 20.91
CA GLU B 31 -11.13 30.38 20.57
C GLU B 31 -10.50 29.14 21.18
N LEU B 32 -9.17 29.03 21.11
CA LEU B 32 -8.49 27.88 21.67
C LEU B 32 -8.70 27.79 23.18
N GLN B 33 -8.72 28.95 23.84
CA GLN B 33 -8.96 28.98 25.29
C GLN B 33 -10.36 28.44 25.56
N HIS B 34 -11.33 28.94 24.81
CA HIS B 34 -12.71 28.50 24.97
C HIS B 34 -12.79 26.98 24.81
N ARG B 35 -12.12 26.46 23.80
CA ARG B 35 -12.13 25.01 23.54
C ARG B 35 -11.51 24.23 24.70
N LEU B 36 -10.36 24.70 25.17
CA LEU B 36 -9.65 24.02 26.27
C LEU B 36 -10.42 24.00 27.58
N LEU B 37 -11.21 25.05 27.83
CA LEU B 37 -11.96 25.12 29.08
C LEU B 37 -13.31 24.43 29.00
N ASP B 38 -13.81 24.23 27.78
CA ASP B 38 -15.10 23.58 27.60
C ASP B 38 -15.04 22.07 27.49
N ILE B 39 -15.87 21.40 28.28
CA ILE B 39 -15.94 19.95 28.28
C ILE B 39 -17.37 19.45 28.10
N GLN B 40 -18.30 20.06 28.83
CA GLN B 40 -19.70 19.65 28.81
C GLN B 40 -20.59 20.20 27.69
N ASP B 41 -20.20 21.30 27.06
CA ASP B 41 -21.06 21.86 26.02
C ASP B 41 -20.69 21.65 24.56
N THR B 42 -19.90 22.55 24.00
CA THR B 42 -19.51 22.44 22.60
C THR B 42 -18.84 21.09 22.29
N ARG B 43 -17.93 20.67 23.17
CA ARG B 43 -17.21 19.42 23.00
C ARG B 43 -18.18 18.25 22.83
N LEU B 44 -19.18 18.19 23.70
CA LEU B 44 -20.15 17.09 23.64
C LEU B 44 -20.99 17.15 22.37
N LYS B 45 -21.34 18.35 21.93
CA LYS B 45 -22.12 18.51 20.71
C LYS B 45 -21.34 18.03 19.49
N LEU B 46 -20.03 18.28 19.49
CA LEU B 46 -19.19 17.85 18.37
C LEU B 46 -19.06 16.33 18.40
N MET B 47 -19.01 15.76 19.61
CA MET B 47 -18.93 14.31 19.75
C MET B 47 -20.19 13.65 19.19
N ASP B 48 -21.35 14.24 19.49
CA ASP B 48 -22.62 13.70 19.00
C ASP B 48 -22.77 13.82 17.50
N ALA B 49 -22.20 14.88 16.93
CA ALA B 49 -22.28 15.11 15.49
C ALA B 49 -21.27 14.32 14.70
N HIS B 50 -20.18 13.92 15.34
CA HIS B 50 -19.13 13.20 14.65
C HIS B 50 -18.83 11.77 15.11
N GLY B 51 -19.88 11.09 15.53
CA GLY B 51 -19.77 9.69 15.95
C GLY B 51 -18.77 9.28 17.00
N ILE B 52 -18.58 10.09 18.02
CA ILE B 52 -17.66 9.74 19.10
C ILE B 52 -18.47 9.48 20.36
N GLU B 53 -18.42 8.25 20.86
CA GLU B 53 -19.15 7.89 22.06
C GLU B 53 -18.34 8.16 23.31
N THR B 54 -17.07 7.77 23.29
CA THR B 54 -16.20 7.92 24.44
C THR B 54 -14.99 8.80 24.16
N MET B 55 -14.76 9.75 25.06
CA MET B 55 -13.60 10.64 24.94
C MET B 55 -12.79 10.49 26.23
N ILE B 56 -11.54 10.06 26.10
CA ILE B 56 -10.67 9.92 27.26
C ILE B 56 -9.89 11.23 27.31
N LEU B 57 -10.21 12.05 28.30
CA LEU B 57 -9.63 13.38 28.48
C LEU B 57 -8.27 13.43 29.17
N SER B 58 -7.49 14.44 28.82
CA SER B 58 -6.17 14.64 29.41
C SER B 58 -5.83 16.13 29.47
N LEU B 59 -5.06 16.50 30.48
CA LEU B 59 -4.62 17.89 30.65
C LEU B 59 -3.75 18.29 29.46
N ASN B 60 -3.61 19.59 29.23
CA ASN B 60 -2.81 20.09 28.11
C ASN B 60 -1.30 19.99 28.39
N ALA B 61 -0.49 20.52 27.47
CA ALA B 61 0.97 20.42 27.62
C ALA B 61 1.72 21.75 27.57
N PRO B 62 2.91 21.81 28.19
CA PRO B 62 3.57 20.72 28.92
C PRO B 62 3.02 20.55 30.33
N ALA B 63 2.27 21.54 30.79
CA ALA B 63 1.65 21.50 32.11
C ALA B 63 2.58 21.05 33.24
N VAL B 64 2.20 19.98 33.92
CA VAL B 64 2.96 19.48 35.06
C VAL B 64 4.44 19.17 34.78
N GLN B 65 4.73 18.68 33.58
CA GLN B 65 6.12 18.37 33.26
C GLN B 65 7.03 19.58 33.19
N ALA B 66 6.45 20.78 33.14
CA ALA B 66 7.25 22.01 33.07
C ALA B 66 7.28 22.77 34.39
N ILE B 67 6.83 22.13 35.47
CA ILE B 67 6.84 22.76 36.80
C ILE B 67 8.01 22.19 37.59
N PRO B 68 9.12 22.94 37.66
CA PRO B 68 10.35 22.55 38.35
C PRO B 68 10.24 22.25 39.85
N ASP B 69 9.40 22.99 40.56
CA ASP B 69 9.25 22.77 41.99
C ASP B 69 8.37 21.56 42.27
N ARG B 70 8.94 20.55 42.92
CA ARG B 70 8.22 19.32 43.25
C ARG B 70 6.90 19.55 43.97
N ARG B 71 6.93 20.35 45.03
CA ARG B 71 5.72 20.64 45.79
C ARG B 71 4.63 21.21 44.89
N LYS B 72 4.99 22.22 44.10
CA LYS B 72 4.04 22.87 43.20
C LYS B 72 3.52 21.88 42.15
N ALA B 73 4.42 21.06 41.62
CA ALA B 73 4.03 20.09 40.60
C ALA B 73 2.99 19.12 41.15
N ILE B 74 3.23 18.62 42.36
CA ILE B 74 2.32 17.70 43.00
C ILE B 74 0.97 18.35 43.21
N GLU B 75 0.98 19.63 43.59
CA GLU B 75 -0.24 20.38 43.84
C GLU B 75 -1.09 20.56 42.58
N ILE B 76 -0.43 20.98 41.49
CA ILE B 76 -1.14 21.19 40.24
C ILE B 76 -1.68 19.89 39.66
N ALA B 77 -0.90 18.82 39.76
CA ALA B 77 -1.35 17.53 39.25
C ALA B 77 -2.60 17.08 39.99
N ARG B 78 -2.58 17.17 41.31
CA ARG B 78 -3.73 16.76 42.11
C ARG B 78 -4.96 17.61 41.78
N ARG B 79 -4.77 18.91 41.62
CA ARG B 79 -5.88 19.80 41.29
C ARG B 79 -6.44 19.46 39.92
N ALA B 80 -5.55 19.30 38.95
CA ALA B 80 -5.98 18.96 37.59
C ALA B 80 -6.73 17.64 37.57
N ASN B 81 -6.26 16.68 38.37
CA ASN B 81 -6.91 15.38 38.41
C ASN B 81 -8.27 15.45 39.12
N ASP B 82 -8.37 16.27 40.15
CA ASP B 82 -9.64 16.41 40.87
C ASP B 82 -10.67 17.07 39.98
N VAL B 83 -10.24 18.09 39.22
CA VAL B 83 -11.15 18.78 38.31
C VAL B 83 -11.63 17.81 37.23
N LEU B 84 -10.70 17.04 36.68
CA LEU B 84 -11.03 16.07 35.64
C LEU B 84 -12.04 15.04 36.14
N ALA B 85 -11.86 14.60 37.39
CA ALA B 85 -12.78 13.62 37.96
C ALA B 85 -14.17 14.25 38.09
N GLU B 86 -14.21 15.52 38.49
CA GLU B 86 -15.49 16.22 38.64
C GLU B 86 -16.20 16.34 37.30
N GLU B 87 -15.44 16.68 36.25
CA GLU B 87 -16.02 16.82 34.92
C GLU B 87 -16.53 15.50 34.36
N CYS B 88 -15.77 14.42 34.58
CA CYS B 88 -16.18 13.10 34.08
C CYS B 88 -17.46 12.63 34.78
N ALA B 89 -17.56 12.92 36.07
CA ALA B 89 -18.72 12.53 36.85
C ALA B 89 -20.01 13.16 36.33
N LYS B 90 -19.89 14.27 35.61
CA LYS B 90 -21.05 14.96 35.07
C LYS B 90 -21.64 14.21 33.88
N ARG B 91 -20.79 13.50 33.14
CA ARG B 91 -21.23 12.74 31.99
C ARG B 91 -20.39 11.46 31.92
N PRO B 92 -20.52 10.58 32.92
CA PRO B 92 -19.80 9.32 33.04
C PRO B 92 -19.98 8.34 31.88
N ASP B 93 -21.01 8.55 31.08
CA ASP B 93 -21.30 7.68 29.95
C ASP B 93 -20.54 8.12 28.69
N ARG B 94 -19.87 9.26 28.77
CA ARG B 94 -19.14 9.79 27.62
C ARG B 94 -17.68 10.12 27.88
N PHE B 95 -17.34 10.43 29.13
CA PHE B 95 -15.97 10.80 29.45
C PHE B 95 -15.21 9.89 30.42
N LEU B 96 -13.96 9.63 30.07
CA LEU B 96 -13.06 8.82 30.88
C LEU B 96 -11.84 9.72 31.07
N ALA B 97 -10.92 9.33 31.95
CA ALA B 97 -9.78 10.20 32.20
C ALA B 97 -8.39 9.58 32.32
N PHE B 98 -7.41 10.37 31.89
CA PHE B 98 -5.99 10.02 31.97
C PHE B 98 -5.45 10.89 33.09
N ALA B 99 -4.60 10.33 33.94
CA ALA B 99 -4.04 11.09 35.05
C ALA B 99 -2.86 11.97 34.66
N ALA B 100 -2.74 13.12 35.33
CA ALA B 100 -1.62 14.03 35.13
C ALA B 100 -0.70 13.64 36.29
N LEU B 101 0.60 13.51 36.02
CA LEU B 101 1.53 13.07 37.06
C LEU B 101 2.74 13.97 37.31
N PRO B 102 3.10 14.18 38.59
CA PRO B 102 4.22 15.01 38.99
C PRO B 102 5.48 14.13 39.02
N LEU B 103 5.93 13.71 37.84
CA LEU B 103 7.08 12.83 37.74
C LEU B 103 8.43 13.44 38.09
N GLN B 104 8.46 14.70 38.52
CA GLN B 104 9.73 15.27 38.94
C GLN B 104 9.99 14.73 40.35
N ASP B 105 8.97 14.05 40.89
CA ASP B 105 9.03 13.42 42.20
C ASP B 105 8.45 12.02 42.00
N PRO B 106 9.30 11.05 41.63
CA PRO B 106 8.89 9.66 41.40
C PRO B 106 7.90 9.08 42.39
N ASP B 107 8.24 9.12 43.67
CA ASP B 107 7.36 8.57 44.70
C ASP B 107 5.99 9.22 44.72
N ALA B 108 5.95 10.55 44.59
CA ALA B 108 4.69 11.28 44.59
C ALA B 108 3.87 10.91 43.36
N ALA B 109 4.54 10.76 42.22
CA ALA B 109 3.88 10.42 40.97
C ALA B 109 3.26 9.02 41.09
N THR B 110 3.98 8.13 41.73
CA THR B 110 3.50 6.76 41.91
C THR B 110 2.24 6.80 42.78
N GLU B 111 2.28 7.60 43.84
CA GLU B 111 1.14 7.73 44.74
C GLU B 111 -0.07 8.33 44.05
N GLU B 112 0.15 9.38 43.26
CA GLU B 112 -0.93 10.04 42.56
C GLU B 112 -1.58 9.14 41.50
N LEU B 113 -0.78 8.30 40.84
CA LEU B 113 -1.34 7.40 39.85
C LEU B 113 -2.27 6.41 40.56
N GLN B 114 -1.82 5.90 41.70
CA GLN B 114 -2.61 4.97 42.47
C GLN B 114 -3.92 5.60 42.89
N ARG B 115 -3.87 6.85 43.34
CA ARG B 115 -5.08 7.56 43.76
C ARG B 115 -6.03 7.72 42.59
N CYS B 116 -5.50 8.19 41.46
CA CYS B 116 -6.31 8.39 40.26
C CYS B 116 -6.98 7.11 39.80
N VAL B 117 -6.23 6.02 39.76
CA VAL B 117 -6.75 4.74 39.32
C VAL B 117 -7.70 4.07 40.32
N ASN B 118 -7.23 3.89 41.55
CA ASN B 118 -8.04 3.23 42.58
C ASN B 118 -9.19 4.05 43.15
N ASP B 119 -8.98 5.34 43.37
CA ASP B 119 -10.03 6.17 43.95
C ASP B 119 -10.86 6.98 42.95
N LEU B 120 -10.23 7.44 41.87
CA LEU B 120 -10.95 8.24 40.89
C LEU B 120 -11.39 7.48 39.65
N GLY B 121 -10.96 6.24 39.51
CA GLY B 121 -11.35 5.44 38.35
C GLY B 121 -10.72 5.83 37.03
N PHE B 122 -9.60 6.54 37.07
CA PHE B 122 -8.92 6.93 35.83
C PHE B 122 -8.46 5.66 35.14
N VAL B 123 -8.37 5.69 33.81
CA VAL B 123 -7.98 4.52 33.03
C VAL B 123 -6.55 4.48 32.48
N GLY B 124 -5.75 5.44 32.88
CA GLY B 124 -4.36 5.49 32.43
C GLY B 124 -3.73 6.81 32.81
N ALA B 125 -2.55 7.08 32.25
CA ALA B 125 -1.85 8.32 32.53
C ALA B 125 -1.34 8.92 31.24
N LEU B 126 -1.29 10.25 31.18
CA LEU B 126 -0.76 10.92 30.00
C LEU B 126 0.28 11.91 30.53
N VAL B 127 1.50 11.78 30.01
CA VAL B 127 2.62 12.60 30.44
C VAL B 127 3.28 13.25 29.23
N ASN B 128 3.54 14.55 29.34
CA ASN B 128 4.14 15.30 28.24
C ASN B 128 5.65 15.24 28.17
N GLY B 129 6.17 14.06 27.83
CA GLY B 129 7.60 13.89 27.71
C GLY B 129 8.35 14.06 29.02
N PHE B 130 9.63 14.41 28.90
CA PHE B 130 10.50 14.58 30.06
C PHE B 130 10.02 15.60 31.07
N SER B 131 10.49 15.45 32.31
CA SER B 131 10.14 16.36 33.39
C SER B 131 11.28 17.32 33.68
N GLN B 132 10.93 18.45 34.29
CA GLN B 132 11.89 19.46 34.70
C GLN B 132 11.78 19.49 36.23
N GLU B 133 12.91 19.65 36.91
CA GLU B 133 12.91 19.68 38.38
C GLU B 133 14.07 20.53 38.88
N GLY B 134 13.89 21.17 40.03
CA GLY B 134 14.93 22.01 40.60
C GLY B 134 15.17 23.24 39.74
N ASP B 135 16.38 23.38 39.21
CA ASP B 135 16.66 24.53 38.36
C ASP B 135 15.97 24.31 37.02
N GLY B 136 15.49 23.09 36.82
CA GLY B 136 14.77 22.73 35.59
C GLY B 136 15.55 22.83 34.30
N GLN B 137 16.87 22.76 34.39
CA GLN B 137 17.72 22.86 33.19
C GLN B 137 18.15 21.51 32.63
N THR B 138 17.60 20.44 33.18
CA THR B 138 17.96 19.10 32.72
C THR B 138 16.72 18.25 32.43
N PRO B 139 16.59 17.75 31.20
CA PRO B 139 15.44 16.92 30.87
C PRO B 139 15.54 15.57 31.55
N LEU B 140 14.50 15.20 32.30
CA LEU B 140 14.49 13.93 33.02
C LEU B 140 13.66 12.92 32.25
N TYR B 141 14.33 11.92 31.68
CA TYR B 141 13.67 10.88 30.90
C TYR B 141 13.29 9.70 31.80
N TYR B 142 12.21 9.02 31.45
CA TYR B 142 11.72 7.94 32.29
C TYR B 142 12.40 6.57 32.20
N ASP B 143 13.52 6.49 31.49
CA ASP B 143 14.25 5.24 31.41
C ASP B 143 15.28 5.23 32.54
N LEU B 144 15.42 6.36 33.23
CA LEU B 144 16.36 6.49 34.33
C LEU B 144 15.98 5.55 35.48
N PRO B 145 16.97 5.06 36.23
CA PRO B 145 16.77 4.13 37.35
C PRO B 145 15.71 4.52 38.39
N GLN B 146 15.66 5.78 38.76
CA GLN B 146 14.70 6.23 39.78
C GLN B 146 13.23 6.03 39.41
N TYR B 147 12.95 5.80 38.13
CA TYR B 147 11.58 5.61 37.69
C TYR B 147 11.15 4.15 37.61
N ARG B 148 12.07 3.23 37.89
CA ARG B 148 11.70 1.81 37.81
C ARG B 148 10.58 1.44 38.76
N PRO B 149 10.61 1.94 40.01
CA PRO B 149 9.52 1.58 40.94
C PRO B 149 8.18 2.06 40.36
N PHE B 150 8.18 3.26 39.80
CA PHE B 150 6.99 3.83 39.18
C PHE B 150 6.46 2.92 38.09
N TRP B 151 7.34 2.49 37.18
CA TRP B 151 6.92 1.62 36.09
C TRP B 151 6.38 0.29 36.61
N GLY B 152 6.94 -0.19 37.72
CA GLY B 152 6.47 -1.43 38.29
C GLY B 152 5.03 -1.27 38.77
N GLU B 153 4.71 -0.09 39.28
CA GLU B 153 3.35 0.19 39.76
C GLU B 153 2.40 0.38 38.59
N VAL B 154 2.89 0.97 37.49
CA VAL B 154 2.04 1.14 36.33
C VAL B 154 1.63 -0.24 35.83
N GLU B 155 2.59 -1.15 35.78
CA GLU B 155 2.33 -2.51 35.32
C GLU B 155 1.38 -3.23 36.30
N LYS B 156 1.58 -3.01 37.59
CA LYS B 156 0.72 -3.63 38.60
C LYS B 156 -0.73 -3.18 38.45
N LEU B 157 -0.92 -1.87 38.32
CA LEU B 157 -2.26 -1.29 38.16
C LEU B 157 -2.82 -1.69 36.80
N ASP B 158 -1.91 -2.02 35.89
CA ASP B 158 -2.25 -2.43 34.53
C ASP B 158 -3.09 -1.42 33.75
N VAL B 159 -2.58 -0.19 33.66
CA VAL B 159 -3.23 0.86 32.91
C VAL B 159 -2.19 1.41 31.94
N PRO B 160 -2.63 1.86 30.75
CA PRO B 160 -1.67 2.39 29.75
C PRO B 160 -1.06 3.73 30.14
N PHE B 161 0.09 4.01 29.54
CA PHE B 161 0.84 5.25 29.75
C PHE B 161 0.94 5.91 28.38
N TYR B 162 0.34 7.09 28.23
CA TYR B 162 0.39 7.81 26.97
C TYR B 162 1.55 8.79 27.02
N LEU B 163 2.58 8.52 26.21
CA LEU B 163 3.76 9.39 26.15
C LEU B 163 3.47 10.45 25.10
N HIS B 164 3.05 11.61 25.57
CA HIS B 164 2.67 12.75 24.75
C HIS B 164 3.86 13.68 24.51
N PRO B 165 3.83 14.48 23.42
CA PRO B 165 4.96 15.38 23.16
C PRO B 165 5.06 16.64 24.03
N ARG B 166 6.23 17.26 23.92
CA ARG B 166 6.55 18.53 24.54
C ARG B 166 7.76 18.98 23.74
N ASN B 167 8.07 20.27 23.76
CA ASN B 167 9.23 20.76 23.03
C ASN B 167 10.46 20.57 23.89
N PRO B 168 11.64 20.42 23.25
CA PRO B 168 12.86 20.25 24.03
C PRO B 168 13.21 21.61 24.65
N LEU B 169 14.08 21.61 25.65
CA LEU B 169 14.50 22.85 26.28
C LEU B 169 15.33 23.64 25.26
N PRO B 170 15.40 24.96 25.40
CA PRO B 170 16.17 25.79 24.46
C PRO B 170 17.60 25.32 24.20
N GLN B 171 18.33 24.96 25.26
CA GLN B 171 19.71 24.52 25.09
C GLN B 171 19.81 23.21 24.28
N ASP B 172 18.69 22.51 24.17
CA ASP B 172 18.65 21.26 23.43
C ASP B 172 17.83 21.44 22.14
N SER B 173 17.75 22.68 21.67
CA SER B 173 16.99 23.01 20.46
C SER B 173 17.75 23.82 19.41
N ARG B 174 19.07 23.87 19.50
CA ARG B 174 19.85 24.66 18.55
C ARG B 174 19.61 24.32 17.08
N ILE B 175 19.29 23.07 16.79
CA ILE B 175 19.07 22.68 15.41
C ILE B 175 17.87 23.45 14.83
N TYR B 176 17.02 23.99 15.71
CA TYR B 176 15.86 24.73 15.25
C TYR B 176 16.07 26.25 15.35
N ASP B 177 17.27 26.67 15.74
CA ASP B 177 17.54 28.10 15.87
C ASP B 177 17.29 28.82 14.55
N GLY B 178 16.48 29.87 14.60
CA GLY B 178 16.15 30.62 13.41
C GLY B 178 14.95 30.06 12.67
N HIS B 179 14.45 28.93 13.15
CA HIS B 179 13.30 28.26 12.54
C HIS B 179 12.26 27.89 13.61
N PRO B 180 11.66 28.89 14.25
CA PRO B 180 10.66 28.60 15.29
C PRO B 180 9.45 27.81 14.76
N TRP B 181 9.26 27.86 13.44
CA TRP B 181 8.17 27.14 12.79
C TRP B 181 8.40 25.63 12.75
N LEU B 182 9.58 25.18 13.15
CA LEU B 182 9.86 23.74 13.17
C LEU B 182 9.61 23.16 14.55
N LEU B 183 9.44 24.03 15.55
CA LEU B 183 9.15 23.56 16.89
C LEU B 183 7.69 23.14 16.92
N GLY B 184 7.28 22.48 18.00
CA GLY B 184 5.91 22.06 18.13
C GLY B 184 5.48 20.92 17.23
N PRO B 185 4.18 20.89 16.85
CA PRO B 185 3.62 19.85 15.99
C PRO B 185 4.24 19.68 14.61
N THR B 186 4.88 20.72 14.09
CA THR B 186 5.49 20.64 12.77
C THR B 186 6.56 19.55 12.72
N TRP B 187 7.40 19.48 13.74
CA TRP B 187 8.45 18.47 13.77
C TRP B 187 9.06 18.17 15.13
N ALA B 188 9.47 19.20 15.87
CA ALA B 188 10.10 19.00 17.16
C ALA B 188 9.38 18.04 18.12
N PHE B 189 8.05 18.13 18.17
CA PHE B 189 7.26 17.25 19.03
C PHE B 189 7.53 15.77 18.75
N ALA B 190 7.56 15.42 17.46
CA ALA B 190 7.78 14.04 17.04
C ALA B 190 9.16 13.52 17.41
N GLN B 191 10.20 14.29 17.09
CA GLN B 191 11.57 13.89 17.40
C GLN B 191 11.74 13.65 18.90
N GLU B 192 11.27 14.60 19.68
CA GLU B 192 11.38 14.52 21.13
C GLU B 192 10.71 13.27 21.70
N THR B 193 9.52 12.97 21.19
CA THR B 193 8.76 11.83 21.68
C THR B 193 9.26 10.49 21.14
N ALA B 194 9.65 10.46 19.86
CA ALA B 194 10.17 9.23 19.26
C ALA B 194 11.40 8.75 20.01
N VAL B 195 12.35 9.65 20.25
CA VAL B 195 13.57 9.27 20.95
C VAL B 195 13.30 8.87 22.40
N HIS B 196 12.39 9.57 23.08
CA HIS B 196 12.07 9.21 24.46
C HIS B 196 11.55 7.77 24.45
N ALA B 197 10.71 7.44 23.46
CA ALA B 197 10.17 6.09 23.35
C ALA B 197 11.31 5.09 23.15
N LEU B 198 12.24 5.41 22.26
CA LEU B 198 13.37 4.53 22.00
C LEU B 198 14.24 4.36 23.25
N ARG B 199 14.37 5.42 24.04
CA ARG B 199 15.15 5.33 25.28
C ARG B 199 14.52 4.31 26.22
N LEU B 200 13.19 4.31 26.31
CA LEU B 200 12.50 3.36 27.16
C LEU B 200 12.78 1.94 26.68
N MET B 201 12.68 1.72 25.38
CA MET B 201 12.92 0.41 24.79
C MET B 201 14.36 -0.08 24.99
N ALA B 202 15.32 0.76 24.65
CA ALA B 202 16.73 0.41 24.76
C ALA B 202 17.18 0.14 26.20
N SER B 203 16.54 0.80 27.16
CA SER B 203 16.90 0.64 28.57
C SER B 203 16.61 -0.74 29.15
N GLY B 204 15.77 -1.51 28.46
CA GLY B 204 15.43 -2.84 28.94
C GLY B 204 14.20 -2.82 29.84
N LEU B 205 13.54 -1.67 29.89
CA LEU B 205 12.35 -1.50 30.71
C LEU B 205 11.30 -2.57 30.46
N PHE B 206 11.10 -2.92 29.19
CA PHE B 206 10.08 -3.90 28.84
C PHE B 206 10.51 -5.35 29.05
N ASP B 207 11.78 -5.56 29.39
CA ASP B 207 12.24 -6.92 29.70
C ASP B 207 11.82 -7.12 31.14
N GLU B 208 11.99 -6.06 31.93
CA GLU B 208 11.65 -6.06 33.36
C GLU B 208 10.15 -6.01 33.60
N HIS B 209 9.45 -5.26 32.75
CA HIS B 209 8.00 -5.13 32.88
C HIS B 209 7.36 -5.31 31.51
N PRO B 210 7.27 -6.57 31.04
CA PRO B 210 6.70 -6.93 29.74
C PRO B 210 5.22 -6.67 29.52
N ARG B 211 4.47 -6.42 30.59
CA ARG B 211 3.04 -6.17 30.44
C ARG B 211 2.68 -4.70 30.26
N LEU B 212 3.67 -3.82 30.24
CA LEU B 212 3.41 -2.40 30.06
C LEU B 212 2.84 -2.10 28.68
N ASN B 213 1.93 -1.12 28.64
CA ASN B 213 1.31 -0.68 27.41
C ASN B 213 1.59 0.81 27.28
N ILE B 214 2.37 1.18 26.26
CA ILE B 214 2.69 2.58 26.02
C ILE B 214 1.93 3.02 24.78
N ILE B 215 1.39 4.23 24.80
CA ILE B 215 0.66 4.77 23.66
C ILE B 215 1.37 6.00 23.13
N LEU B 216 1.47 6.10 21.81
CA LEU B 216 2.08 7.25 21.16
C LEU B 216 1.06 7.82 20.19
N GLY B 217 1.00 9.14 20.11
CA GLY B 217 0.06 9.76 19.17
C GLY B 217 0.76 10.11 17.87
N HIS B 218 0.06 10.84 17.01
CA HIS B 218 0.61 11.29 15.74
C HIS B 218 1.20 10.15 14.91
N MET B 219 0.49 9.04 14.93
CA MET B 219 0.86 7.82 14.23
C MET B 219 2.24 7.28 14.55
N GLY B 220 2.60 7.35 15.82
CA GLY B 220 3.88 6.81 16.24
C GLY B 220 5.07 7.74 16.14
N GLU B 221 4.80 9.03 15.95
CA GLU B 221 5.86 10.03 15.87
C GLU B 221 6.95 9.71 14.85
N GLY B 222 6.57 9.06 13.76
CA GLY B 222 7.50 8.73 12.70
C GLY B 222 8.19 7.38 12.80
N LEU B 223 8.05 6.72 13.95
CA LEU B 223 8.72 5.43 14.15
C LEU B 223 8.43 4.30 13.17
N PRO B 224 7.16 4.06 12.80
CA PRO B 224 6.88 2.96 11.87
C PRO B 224 7.69 2.92 10.56
N TYR B 225 7.82 4.08 9.92
CA TYR B 225 8.53 4.20 8.65
C TYR B 225 10.02 3.86 8.74
N MET B 226 10.63 4.12 9.89
CA MET B 226 12.06 3.86 10.06
C MET B 226 12.39 2.67 10.98
N MET B 227 11.37 1.99 11.48
CA MET B 227 11.59 0.88 12.40
C MET B 227 12.54 -0.20 11.87
N TRP B 228 12.40 -0.58 10.60
CA TRP B 228 13.29 -1.59 10.05
C TRP B 228 14.74 -1.13 10.19
N ARG B 229 15.01 0.10 9.77
CA ARG B 229 16.36 0.64 9.82
C ARG B 229 16.91 0.77 11.24
N ILE B 230 16.03 1.13 12.18
CA ILE B 230 16.45 1.28 13.57
C ILE B 230 17.19 0.04 14.08
N ASP B 231 16.71 -1.14 13.70
CA ASP B 231 17.31 -2.41 14.12
C ASP B 231 18.30 -2.99 13.10
N HIS B 232 17.91 -2.95 11.83
CA HIS B 232 18.70 -3.56 10.78
C HIS B 232 19.81 -2.79 10.08
N ARG B 233 20.05 -1.55 10.46
CA ARG B 233 21.13 -0.79 9.84
C ARG B 233 22.43 -1.59 10.06
N ASN B 234 23.30 -1.59 9.07
CA ASN B 234 24.58 -2.31 9.15
C ASN B 234 24.37 -3.78 9.51
N ALA B 235 23.41 -4.43 8.86
CA ALA B 235 23.09 -5.82 9.14
C ALA B 235 24.23 -6.82 8.97
N TRP B 236 25.19 -6.52 8.10
CA TRP B 236 26.29 -7.46 7.88
C TRP B 236 27.10 -7.70 9.16
N VAL B 237 27.04 -6.76 10.09
CA VAL B 237 27.75 -6.91 11.36
C VAL B 237 26.96 -7.86 12.26
N LYS B 238 27.42 -9.10 12.34
CA LYS B 238 26.74 -10.12 13.14
C LYS B 238 27.19 -10.10 14.60
N LEU B 239 26.92 -8.98 15.26
CA LEU B 239 27.25 -8.80 16.66
C LEU B 239 25.99 -8.31 17.36
N PRO B 240 25.82 -8.63 18.65
CA PRO B 240 24.62 -8.19 19.37
C PRO B 240 24.59 -6.67 19.59
N PRO B 241 23.39 -6.11 19.79
CA PRO B 241 23.26 -4.66 20.03
C PRO B 241 24.00 -4.27 21.31
N ARG B 242 24.36 -3.00 21.42
CA ARG B 242 25.12 -2.53 22.58
C ARG B 242 24.27 -2.06 23.76
N TYR B 243 22.98 -1.89 23.56
CA TYR B 243 22.11 -1.43 24.65
C TYR B 243 21.78 -2.55 25.65
N PRO B 244 21.27 -2.17 26.84
CA PRO B 244 20.90 -3.11 27.91
C PRO B 244 19.78 -4.09 27.56
N ALA B 245 18.78 -3.62 26.80
CA ALA B 245 17.66 -4.47 26.42
C ALA B 245 18.15 -5.75 25.77
N LYS B 246 17.40 -6.83 25.98
CA LYS B 246 17.77 -8.13 25.44
C LYS B 246 17.33 -8.40 24.01
N ARG B 247 16.31 -7.70 23.56
CA ARG B 247 15.79 -7.93 22.22
C ARG B 247 15.87 -6.71 21.30
N ARG B 248 15.12 -6.76 20.19
CA ARG B 248 15.15 -5.69 19.20
C ARG B 248 14.11 -4.59 19.43
N PHE B 249 14.35 -3.41 18.89
CA PHE B 249 13.40 -2.32 19.04
C PHE B 249 12.05 -2.74 18.47
N MET B 250 12.06 -3.41 17.33
CA MET B 250 10.80 -3.83 16.71
C MET B 250 10.01 -4.75 17.62
N ASP B 251 10.69 -5.53 18.46
CA ASP B 251 9.98 -6.43 19.36
C ASP B 251 9.20 -5.65 20.41
N TYR B 252 9.86 -4.68 21.03
CA TYR B 252 9.19 -3.88 22.05
C TYR B 252 8.11 -3.00 21.43
N PHE B 253 8.38 -2.46 20.25
CA PHE B 253 7.40 -1.63 19.57
C PHE B 253 6.16 -2.47 19.23
N ASN B 254 6.39 -3.66 18.68
CA ASN B 254 5.30 -4.56 18.30
C ASN B 254 4.53 -5.11 19.48
N GLU B 255 5.21 -5.30 20.61
CA GLU B 255 4.59 -5.90 21.79
C GLU B 255 4.10 -4.97 22.89
N ASN B 256 4.73 -3.81 23.03
CA ASN B 256 4.36 -2.91 24.12
C ASN B 256 3.79 -1.56 23.72
N PHE B 257 3.71 -1.29 22.42
CA PHE B 257 3.21 0.00 21.96
C PHE B 257 1.94 -0.03 21.14
N HIS B 258 1.24 1.09 21.18
CA HIS B 258 0.02 1.32 20.42
C HIS B 258 0.18 2.74 19.91
N ILE B 259 -0.37 3.04 18.74
CA ILE B 259 -0.25 4.41 18.22
C ILE B 259 -1.64 4.94 17.86
N THR B 260 -1.83 6.25 17.92
CA THR B 260 -3.12 6.83 17.58
C THR B 260 -3.01 7.71 16.34
N THR B 261 -4.16 8.06 15.77
CA THR B 261 -4.21 8.89 14.57
C THR B 261 -4.25 10.39 14.86
N SER B 262 -4.02 10.77 16.12
CA SER B 262 -4.07 12.19 16.48
C SER B 262 -3.21 13.08 15.58
N GLY B 263 -3.83 14.15 15.08
CA GLY B 263 -3.12 15.11 14.24
C GLY B 263 -2.34 14.56 13.06
N ASN B 264 -2.70 13.37 12.57
CA ASN B 264 -2.01 12.80 11.43
C ASN B 264 -3.04 12.06 10.58
N PHE B 265 -3.90 12.85 9.94
CA PHE B 265 -5.00 12.34 9.13
C PHE B 265 -4.52 12.11 7.69
N ARG B 266 -3.62 11.15 7.54
CA ARG B 266 -3.01 10.83 6.25
C ARG B 266 -3.16 9.35 5.95
N THR B 267 -3.89 9.03 4.89
CA THR B 267 -4.12 7.63 4.54
C THR B 267 -2.84 6.85 4.24
N GLN B 268 -1.89 7.46 3.52
CA GLN B 268 -0.65 6.75 3.20
C GLN B 268 0.09 6.35 4.47
N THR B 269 0.08 7.26 5.44
CA THR B 269 0.74 7.02 6.72
C THR B 269 0.05 5.88 7.46
N LEU B 270 -1.28 5.85 7.38
CA LEU B 270 -2.05 4.79 8.05
C LEU B 270 -1.79 3.44 7.40
N ILE B 271 -1.69 3.40 6.08
CA ILE B 271 -1.42 2.14 5.38
C ILE B 271 -0.05 1.60 5.78
N ASP B 272 0.94 2.50 5.85
CA ASP B 272 2.28 2.06 6.23
C ASP B 272 2.25 1.50 7.65
N ALA B 273 1.55 2.18 8.55
CA ALA B 273 1.47 1.71 9.92
C ALA B 273 0.77 0.35 9.98
N ILE B 274 -0.27 0.18 9.18
CA ILE B 274 -0.98 -1.09 9.16
C ILE B 274 -0.06 -2.23 8.71
N LEU B 275 0.83 -1.92 7.77
CA LEU B 275 1.76 -2.91 7.27
C LEU B 275 3.01 -3.07 8.14
N GLU B 276 3.10 -2.28 9.21
CA GLU B 276 4.25 -2.36 10.10
C GLU B 276 3.88 -2.83 11.50
N ILE B 277 2.89 -2.19 12.12
CA ILE B 277 2.49 -2.59 13.47
C ILE B 277 1.15 -3.34 13.49
N GLY B 278 0.36 -3.18 12.42
CA GLY B 278 -0.92 -3.86 12.33
C GLY B 278 -2.10 -3.05 12.83
N ALA B 279 -3.25 -3.24 12.21
CA ALA B 279 -4.46 -2.52 12.59
C ALA B 279 -4.87 -2.73 14.05
N ASP B 280 -4.49 -3.87 14.64
CA ASP B 280 -4.86 -4.14 16.02
C ASP B 280 -4.19 -3.21 17.03
N ARG B 281 -3.17 -2.49 16.60
CA ARG B 281 -2.46 -1.60 17.51
C ARG B 281 -2.49 -0.12 17.11
N ILE B 282 -3.50 0.23 16.32
CA ILE B 282 -3.69 1.61 15.87
C ILE B 282 -5.04 2.06 16.42
N LEU B 283 -5.06 3.26 17.01
CA LEU B 283 -6.28 3.78 17.63
C LEU B 283 -6.68 5.14 17.09
N PHE B 284 -7.98 5.35 16.93
CA PHE B 284 -8.47 6.65 16.47
C PHE B 284 -8.29 7.67 17.61
N SER B 285 -7.97 8.90 17.24
CA SER B 285 -7.81 10.02 18.17
C SER B 285 -7.75 11.30 17.34
N THR B 286 -8.06 12.44 17.95
CA THR B 286 -8.09 13.69 17.18
C THR B 286 -7.07 14.77 17.51
N ASP B 287 -6.78 14.92 18.80
CA ASP B 287 -5.87 15.95 19.30
C ASP B 287 -6.66 17.25 19.48
N TRP B 288 -7.97 17.10 19.65
CA TRP B 288 -8.82 18.26 19.91
C TRP B 288 -8.30 18.82 21.23
N PRO B 289 -8.33 20.15 21.41
CA PRO B 289 -8.83 21.20 20.52
C PRO B 289 -7.79 21.78 19.56
N PHE B 290 -6.60 21.19 19.51
CA PHE B 290 -5.55 21.67 18.63
C PHE B 290 -5.83 21.27 17.18
N GLU B 291 -6.69 20.26 17.03
CA GLU B 291 -7.12 19.77 15.72
C GLU B 291 -8.63 19.73 15.79
N ASN B 292 -9.31 19.94 14.67
CA ASN B 292 -10.77 19.92 14.65
C ASN B 292 -11.28 18.48 14.70
N ILE B 293 -12.34 18.25 15.47
CA ILE B 293 -12.93 16.93 15.58
C ILE B 293 -13.49 16.49 14.22
N ASP B 294 -14.09 17.42 13.49
CA ASP B 294 -14.66 17.07 12.19
C ASP B 294 -13.58 16.70 11.17
N HIS B 295 -12.40 17.30 11.28
CA HIS B 295 -11.31 16.98 10.36
C HIS B 295 -10.89 15.54 10.60
N ALA B 296 -10.70 15.18 11.86
CA ALA B 296 -10.28 13.83 12.23
C ALA B 296 -11.33 12.80 11.85
N SER B 297 -12.57 13.06 12.25
CA SER B 297 -13.67 12.12 11.96
C SER B 297 -13.99 11.96 10.48
N ASP B 298 -14.06 13.06 9.74
CA ASP B 298 -14.36 12.95 8.31
C ASP B 298 -13.26 12.17 7.59
N TRP B 299 -12.01 12.43 7.93
CA TRP B 299 -10.92 11.70 7.30
C TRP B 299 -11.00 10.23 7.62
N PHE B 300 -11.17 9.91 8.90
CA PHE B 300 -11.23 8.51 9.32
C PHE B 300 -12.38 7.74 8.70
N ASN B 301 -13.52 8.41 8.52
CA ASN B 301 -14.68 7.74 7.93
C ASN B 301 -14.42 7.31 6.50
N ALA B 302 -13.57 8.04 5.79
CA ALA B 302 -13.32 7.73 4.40
C ALA B 302 -11.96 7.14 4.07
N THR B 303 -11.09 6.97 5.07
CA THR B 303 -9.77 6.45 4.77
C THR B 303 -9.83 5.04 4.17
N SER B 304 -8.87 4.74 3.30
CA SER B 304 -8.81 3.49 2.56
C SER B 304 -8.35 2.23 3.26
N ILE B 305 -9.18 1.75 4.18
CA ILE B 305 -8.87 0.53 4.92
C ILE B 305 -10.11 -0.37 4.92
N ALA B 306 -9.97 -1.59 5.41
CA ALA B 306 -11.09 -2.52 5.45
C ALA B 306 -12.10 -2.05 6.49
N GLU B 307 -13.38 -2.25 6.22
CA GLU B 307 -14.39 -1.82 7.17
C GLU B 307 -14.18 -2.48 8.53
N ALA B 308 -13.71 -3.72 8.53
CA ALA B 308 -13.47 -4.44 9.78
C ALA B 308 -12.42 -3.69 10.60
N ASP B 309 -11.42 -3.14 9.92
CA ASP B 309 -10.36 -2.41 10.60
C ASP B 309 -10.80 -1.03 11.02
N ARG B 310 -11.75 -0.44 10.29
CA ARG B 310 -12.24 0.89 10.66
C ARG B 310 -12.93 0.71 12.01
N VAL B 311 -13.66 -0.39 12.17
CA VAL B 311 -14.34 -0.65 13.44
C VAL B 311 -13.33 -0.86 14.57
N LYS B 312 -12.28 -1.61 14.31
CA LYS B 312 -11.28 -1.86 15.34
C LYS B 312 -10.52 -0.59 15.71
N ILE B 313 -9.97 0.09 14.70
CA ILE B 313 -9.22 1.31 14.96
C ILE B 313 -10.09 2.40 15.55
N GLY B 314 -11.33 2.48 15.10
CA GLY B 314 -12.21 3.52 15.61
C GLY B 314 -12.84 3.24 16.96
N ARG B 315 -12.97 1.97 17.33
CA ARG B 315 -13.64 1.65 18.59
C ARG B 315 -13.17 0.46 19.42
N THR B 316 -13.22 -0.74 18.84
CA THR B 316 -12.89 -1.93 19.61
C THR B 316 -11.46 -2.08 20.13
N ASN B 317 -10.46 -1.54 19.43
CA ASN B 317 -9.10 -1.65 19.94
C ASN B 317 -9.01 -0.93 21.28
N ALA B 318 -9.58 0.26 21.35
CA ALA B 318 -9.57 1.05 22.57
C ALA B 318 -10.41 0.43 23.68
N ARG B 319 -11.59 -0.09 23.34
CA ARG B 319 -12.44 -0.69 24.36
C ARG B 319 -11.74 -1.92 24.96
N ARG B 320 -10.97 -2.62 24.13
CA ARG B 320 -10.24 -3.79 24.62
C ARG B 320 -9.08 -3.34 25.49
N LEU B 321 -8.32 -2.36 25.00
CA LEU B 321 -7.17 -1.86 25.73
C LEU B 321 -7.50 -1.27 27.10
N PHE B 322 -8.60 -0.53 27.18
CA PHE B 322 -8.99 0.07 28.46
C PHE B 322 -10.01 -0.74 29.23
N LYS B 323 -10.17 -2.00 28.83
CA LYS B 323 -11.09 -2.94 29.49
C LYS B 323 -12.49 -2.39 29.69
N LEU B 324 -13.05 -1.78 28.64
CA LEU B 324 -14.39 -1.21 28.73
C LEU B 324 -15.49 -2.23 28.46
N MET C 1 -7.44 18.98 -9.12
CA MET C 1 -6.55 19.06 -10.30
C MET C 1 -7.28 19.55 -11.54
N GLN C 2 -6.65 20.46 -12.27
CA GLN C 2 -7.22 21.00 -13.50
C GLN C 2 -6.42 20.45 -14.68
N GLY C 3 -6.96 20.63 -15.88
CA GLY C 3 -6.27 20.17 -17.07
C GLY C 3 -6.22 18.67 -17.30
N LYS C 4 -7.17 17.95 -16.72
CA LYS C 4 -7.21 16.50 -16.88
C LYS C 4 -7.66 16.07 -18.28
N VAL C 5 -7.35 14.83 -18.62
CA VAL C 5 -7.74 14.23 -19.89
C VAL C 5 -8.57 13.03 -19.49
N ALA C 6 -9.76 12.89 -20.08
CA ALA C 6 -10.64 11.76 -19.79
C ALA C 6 -10.88 11.06 -21.11
N LEU C 7 -10.77 9.73 -21.13
CA LEU C 7 -10.95 9.02 -22.39
C LEU C 7 -11.91 7.83 -22.49
N GLU C 8 -12.83 7.68 -21.55
CA GLU C 8 -13.86 6.65 -21.69
C GLU C 8 -15.10 7.46 -21.39
N GLU C 9 -15.42 8.32 -22.34
CA GLU C 9 -16.52 9.26 -22.24
C GLU C 9 -17.38 9.01 -23.47
N HIS C 10 -18.60 8.53 -23.23
CA HIS C 10 -19.51 8.13 -24.30
C HIS C 10 -20.62 9.06 -24.74
N PHE C 11 -21.10 8.79 -25.94
CA PHE C 11 -22.21 9.52 -26.55
C PHE C 11 -22.93 8.49 -27.42
N ALA C 12 -24.13 8.84 -27.87
CA ALA C 12 -24.87 7.92 -28.72
C ALA C 12 -25.58 8.70 -29.82
N ILE C 13 -26.02 7.97 -30.84
CA ILE C 13 -26.76 8.55 -31.94
C ILE C 13 -28.09 7.82 -31.85
N PRO C 14 -29.15 8.37 -32.45
CA PRO C 14 -30.45 7.68 -32.38
C PRO C 14 -30.35 6.20 -32.72
N GLU C 15 -29.61 5.88 -33.77
CA GLU C 15 -29.44 4.49 -34.22
C GLU C 15 -28.87 3.54 -33.17
N THR C 16 -27.96 4.02 -32.33
CA THR C 16 -27.35 3.17 -31.31
C THR C 16 -27.84 3.49 -29.91
N LEU C 17 -28.62 4.55 -29.78
CA LEU C 17 -29.14 4.98 -28.49
C LEU C 17 -29.79 3.85 -27.69
N GLN C 18 -30.48 2.96 -28.38
CA GLN C 18 -31.17 1.85 -27.73
C GLN C 18 -30.23 0.84 -27.07
N ASP C 19 -28.98 0.76 -27.54
CA ASP C 19 -28.03 -0.19 -26.98
C ASP C 19 -27.77 0.09 -25.50
N SER C 20 -27.96 1.34 -25.09
CA SER C 20 -27.74 1.73 -23.70
C SER C 20 -29.01 1.51 -22.86
N VAL C 24 -34.66 -0.14 -16.10
CA VAL C 24 -35.96 0.18 -15.45
C VAL C 24 -36.48 1.55 -15.89
N PRO C 25 -37.77 1.63 -16.25
CA PRO C 25 -38.40 2.87 -16.70
C PRO C 25 -38.47 3.92 -15.58
N GLY C 26 -38.39 5.19 -15.96
CA GLY C 26 -38.44 6.24 -14.97
C GLY C 26 -37.56 7.43 -15.28
N ASP C 27 -37.38 8.29 -14.29
CA ASP C 27 -36.57 9.49 -14.44
C ASP C 27 -35.08 9.22 -14.73
N TYR C 28 -34.53 8.15 -14.19
CA TYR C 28 -33.12 7.86 -14.43
C TYR C 28 -32.85 7.47 -15.88
N TRP C 29 -33.73 6.65 -16.45
CA TRP C 29 -33.58 6.22 -17.84
C TRP C 29 -33.67 7.44 -18.77
N LYS C 30 -34.58 8.35 -18.46
CA LYS C 30 -34.76 9.56 -19.27
C LYS C 30 -33.50 10.43 -19.23
N GLU C 31 -32.93 10.56 -18.04
CA GLU C 31 -31.73 11.36 -17.84
C GLU C 31 -30.53 10.78 -18.60
N LEU C 32 -30.37 9.47 -18.56
CA LEU C 32 -29.26 8.83 -19.25
C LEU C 32 -29.32 9.08 -20.75
N GLN C 33 -30.52 8.95 -21.33
CA GLN C 33 -30.68 9.19 -22.76
C GLN C 33 -30.25 10.61 -23.11
N HIS C 34 -30.70 11.57 -22.31
CA HIS C 34 -30.35 12.96 -22.54
C HIS C 34 -28.83 13.15 -22.51
N ARG C 35 -28.18 12.54 -21.52
CA ARG C 35 -26.73 12.66 -21.38
C ARG C 35 -26.00 12.09 -22.59
N LEU C 36 -26.45 10.95 -23.08
CA LEU C 36 -25.81 10.31 -24.24
C LEU C 36 -25.92 11.13 -25.51
N LEU C 37 -27.01 11.88 -25.65
CA LEU C 37 -27.21 12.71 -26.84
C LEU C 37 -26.56 14.08 -26.76
N ASP C 38 -26.16 14.47 -25.55
CA ASP C 38 -25.54 15.78 -25.35
C ASP C 38 -24.02 15.74 -25.39
N ILE C 39 -23.43 16.74 -26.03
CA ILE C 39 -21.98 16.85 -26.13
C ILE C 39 -21.49 18.27 -25.83
N GLN C 40 -22.10 19.25 -26.48
CA GLN C 40 -21.70 20.65 -26.34
C GLN C 40 -22.23 21.42 -25.12
N ASP C 41 -23.22 20.88 -24.43
CA ASP C 41 -23.80 21.60 -23.30
C ASP C 41 -23.49 21.05 -21.90
N THR C 42 -24.35 20.19 -21.40
CA THR C 42 -24.19 19.61 -20.07
C THR C 42 -22.78 19.06 -19.84
N ARG C 43 -22.34 18.22 -20.77
CA ARG C 43 -21.03 17.58 -20.72
C ARG C 43 -19.89 18.62 -20.58
N LEU C 44 -19.93 19.65 -21.41
CA LEU C 44 -18.90 20.67 -21.36
C LEU C 44 -18.93 21.46 -20.06
N LYS C 45 -20.13 21.75 -19.55
CA LYS C 45 -20.24 22.49 -18.30
C LYS C 45 -19.62 21.70 -17.15
N LEU C 46 -19.78 20.39 -17.18
CA LEU C 46 -19.22 19.53 -16.13
C LEU C 46 -17.70 19.47 -16.27
N MET C 47 -17.21 19.48 -17.51
CA MET C 47 -15.77 19.46 -17.77
C MET C 47 -15.16 20.75 -17.21
N ASP C 48 -15.84 21.87 -17.43
CA ASP C 48 -15.35 23.15 -16.94
C ASP C 48 -15.40 23.25 -15.42
N ALA C 49 -16.34 22.53 -14.82
CA ALA C 49 -16.48 22.56 -13.37
C ALA C 49 -15.60 21.56 -12.66
N HIS C 50 -15.17 20.51 -13.37
CA HIS C 50 -14.35 19.47 -12.76
C HIS C 50 -12.97 19.22 -13.35
N GLY C 51 -12.27 20.30 -13.67
CA GLY C 51 -10.91 20.23 -14.18
C GLY C 51 -10.57 19.30 -15.32
N ILE C 52 -11.48 19.15 -16.27
CA ILE C 52 -11.22 18.30 -17.42
C ILE C 52 -11.06 19.18 -18.65
N GLU C 53 -9.86 19.21 -19.20
CA GLU C 53 -9.57 20.03 -20.38
C GLU C 53 -9.85 19.27 -21.68
N THR C 54 -9.44 18.00 -21.72
CA THR C 54 -9.62 17.19 -22.91
C THR C 54 -10.48 15.96 -22.69
N MET C 55 -11.49 15.80 -23.53
CA MET C 55 -12.35 14.63 -23.44
C MET C 55 -12.29 13.90 -24.77
N ILE C 56 -11.83 12.65 -24.75
CA ILE C 56 -11.77 11.85 -25.96
C ILE C 56 -13.07 11.06 -25.98
N LEU C 57 -13.92 11.39 -26.94
CA LEU C 57 -15.24 10.78 -27.09
C LEU C 57 -15.28 9.47 -27.87
N SER C 58 -16.26 8.64 -27.53
CA SER C 58 -16.47 7.37 -28.19
C SER C 58 -17.94 6.98 -28.17
N LEU C 59 -18.38 6.29 -29.21
CA LEU C 59 -19.77 5.84 -29.32
C LEU C 59 -20.07 4.87 -28.17
N ASN C 60 -21.35 4.71 -27.82
CA ASN C 60 -21.75 3.83 -26.73
C ASN C 60 -21.64 2.35 -27.09
N ALA C 61 -22.13 1.47 -26.22
CA ALA C 61 -22.03 0.03 -26.44
C ALA C 61 -23.36 -0.71 -26.31
N PRO C 62 -23.48 -1.87 -26.99
CA PRO C 62 -22.47 -2.51 -27.84
C PRO C 62 -22.33 -1.85 -29.22
N ALA C 63 -23.35 -1.07 -29.58
CA ALA C 63 -23.36 -0.37 -30.86
C ALA C 63 -23.02 -1.23 -32.08
N VAL C 64 -21.99 -0.82 -32.81
CA VAL C 64 -21.56 -1.50 -34.03
C VAL C 64 -21.21 -2.99 -33.87
N GLN C 65 -20.64 -3.36 -32.72
CA GLN C 65 -20.26 -4.75 -32.52
C GLN C 65 -21.47 -5.69 -32.42
N ALA C 66 -22.67 -5.11 -32.30
CA ALA C 66 -23.88 -5.91 -32.18
C ALA C 66 -24.71 -5.88 -33.46
N ILE C 67 -24.11 -5.41 -34.55
CA ILE C 67 -24.79 -5.33 -35.85
C ILE C 67 -24.22 -6.45 -36.74
N PRO C 68 -24.92 -7.59 -36.81
CA PRO C 68 -24.51 -8.75 -37.61
C PRO C 68 -24.36 -8.55 -39.12
N ASP C 69 -25.18 -7.68 -39.70
CA ASP C 69 -25.11 -7.42 -41.13
C ASP C 69 -23.93 -6.49 -41.43
N ARG C 70 -22.95 -7.00 -42.16
CA ARG C 70 -21.76 -6.24 -42.50
C ARG C 70 -22.04 -4.89 -43.14
N ARG C 71 -22.95 -4.85 -44.11
CA ARG C 71 -23.27 -3.60 -44.78
C ARG C 71 -23.84 -2.57 -43.79
N LYS C 72 -24.78 -3.00 -42.96
CA LYS C 72 -25.39 -2.11 -41.98
C LYS C 72 -24.36 -1.63 -40.95
N ALA C 73 -23.55 -2.56 -40.47
CA ALA C 73 -22.52 -2.24 -39.48
C ALA C 73 -21.59 -1.16 -40.04
N ILE C 74 -21.19 -1.33 -41.29
CA ILE C 74 -20.30 -0.39 -41.95
C ILE C 74 -20.98 0.98 -42.08
N GLU C 75 -22.29 0.95 -42.34
CA GLU C 75 -23.09 2.14 -42.49
C GLU C 75 -23.19 2.93 -41.18
N ILE C 76 -23.56 2.25 -40.12
CA ILE C 76 -23.71 2.87 -38.81
C ILE C 76 -22.39 3.40 -38.27
N ALA C 77 -21.32 2.63 -38.43
CA ALA C 77 -20.01 3.07 -37.96
C ALA C 77 -19.69 4.38 -38.67
N ARG C 78 -19.82 4.38 -39.99
CA ARG C 78 -19.57 5.55 -40.82
C ARG C 78 -20.36 6.76 -40.33
N ARG C 79 -21.66 6.55 -40.09
CA ARG C 79 -22.56 7.60 -39.64
C ARG C 79 -22.11 8.14 -38.27
N ALA C 80 -21.81 7.23 -37.35
CA ALA C 80 -21.38 7.62 -36.01
C ALA C 80 -20.06 8.39 -36.03
N ASN C 81 -19.14 7.99 -36.91
CA ASN C 81 -17.86 8.67 -36.99
C ASN C 81 -17.99 10.05 -37.64
N ASP C 82 -18.88 10.19 -38.61
CA ASP C 82 -19.07 11.49 -39.25
C ASP C 82 -19.71 12.46 -38.25
N VAL C 83 -20.65 11.95 -37.47
CA VAL C 83 -21.33 12.76 -36.46
C VAL C 83 -20.31 13.23 -35.42
N LEU C 84 -19.48 12.31 -34.95
CA LEU C 84 -18.46 12.63 -33.96
C LEU C 84 -17.46 13.64 -34.50
N ALA C 85 -17.06 13.47 -35.76
CA ALA C 85 -16.11 14.38 -36.38
C ALA C 85 -16.66 15.80 -36.38
N GLU C 86 -17.95 15.93 -36.68
CA GLU C 86 -18.59 17.24 -36.73
C GLU C 86 -18.69 17.87 -35.33
N GLU C 87 -18.98 17.06 -34.32
CA GLU C 87 -19.10 17.58 -32.97
C GLU C 87 -17.74 18.06 -32.43
N CYS C 88 -16.69 17.32 -32.73
CA CYS C 88 -15.36 17.70 -32.25
C CYS C 88 -14.88 18.97 -32.93
N ALA C 89 -15.26 19.17 -34.19
CA ALA C 89 -14.84 20.35 -34.93
C ALA C 89 -15.37 21.65 -34.32
N LYS C 90 -16.45 21.55 -33.56
CA LYS C 90 -17.04 22.72 -32.92
C LYS C 90 -16.18 23.25 -31.78
N ARG C 91 -15.42 22.35 -31.15
CA ARG C 91 -14.56 22.70 -30.04
C ARG C 91 -13.34 21.79 -30.04
N PRO C 92 -12.47 21.92 -31.06
CA PRO C 92 -11.26 21.11 -31.21
C PRO C 92 -10.27 21.20 -30.06
N ASP C 93 -10.40 22.25 -29.25
CA ASP C 93 -9.50 22.43 -28.12
C ASP C 93 -9.99 21.66 -26.88
N ARG C 94 -11.18 21.09 -26.96
CA ARG C 94 -11.72 20.35 -25.83
C ARG C 94 -12.10 18.90 -26.15
N PHE C 95 -12.48 18.64 -27.40
CA PHE C 95 -12.91 17.30 -27.78
C PHE C 95 -12.05 16.59 -28.82
N LEU C 96 -11.75 15.33 -28.54
CA LEU C 96 -10.99 14.47 -29.46
C LEU C 96 -11.87 13.25 -29.68
N ALA C 97 -11.52 12.40 -30.64
CA ALA C 97 -12.38 11.25 -30.91
C ALA C 97 -11.73 9.90 -31.15
N PHE C 98 -12.48 8.86 -30.78
CA PHE C 98 -12.11 7.47 -30.95
C PHE C 98 -13.01 6.96 -32.08
N ALA C 99 -12.47 6.15 -32.97
CA ALA C 99 -13.27 5.62 -34.08
C ALA C 99 -14.11 4.41 -33.69
N ALA C 100 -15.27 4.31 -34.32
CA ALA C 100 -16.18 3.18 -34.15
C ALA C 100 -15.82 2.34 -35.38
N LEU C 101 -15.66 1.04 -35.20
CA LEU C 101 -15.27 0.18 -36.33
C LEU C 101 -16.15 -1.02 -36.58
N PRO C 102 -16.47 -1.29 -37.86
CA PRO C 102 -17.30 -2.43 -38.23
C PRO C 102 -16.40 -3.65 -38.38
N LEU C 103 -15.90 -4.16 -37.26
CA LEU C 103 -14.98 -5.29 -37.30
C LEU C 103 -15.56 -6.63 -37.76
N GLN C 104 -16.84 -6.67 -38.07
CA GLN C 104 -17.39 -7.92 -38.57
C GLN C 104 -16.96 -8.06 -40.03
N ASP C 105 -16.24 -7.04 -40.50
CA ASP C 105 -15.69 -7.01 -41.86
C ASP C 105 -14.28 -6.42 -41.72
N PRO C 106 -13.29 -7.28 -41.46
CA PRO C 106 -11.89 -6.87 -41.29
C PRO C 106 -11.39 -5.78 -42.23
N ASP C 107 -11.60 -5.97 -43.54
CA ASP C 107 -11.14 -4.98 -44.52
C ASP C 107 -11.86 -3.64 -44.38
N ALA C 108 -13.17 -3.69 -44.17
CA ALA C 108 -13.96 -2.47 -44.03
C ALA C 108 -13.50 -1.71 -42.79
N ALA C 109 -13.23 -2.46 -41.72
CA ALA C 109 -12.77 -1.86 -40.47
C ALA C 109 -11.43 -1.17 -40.64
N THR C 110 -10.51 -1.81 -41.35
CA THR C 110 -9.19 -1.23 -41.58
C THR C 110 -9.34 0.07 -42.38
N GLU C 111 -10.17 0.03 -43.41
CA GLU C 111 -10.41 1.20 -44.25
C GLU C 111 -10.99 2.35 -43.47
N GLU C 112 -11.95 2.05 -42.59
CA GLU C 112 -12.60 3.09 -41.78
C GLU C 112 -11.65 3.69 -40.76
N LEU C 113 -10.75 2.87 -40.19
CA LEU C 113 -9.82 3.39 -39.21
C LEU C 113 -8.86 4.37 -39.90
N GLN C 114 -8.41 4.01 -41.10
CA GLN C 114 -7.50 4.87 -41.86
C GLN C 114 -8.22 6.18 -42.20
N ARG C 115 -9.49 6.05 -42.57
CA ARG C 115 -10.30 7.21 -42.92
C ARG C 115 -10.41 8.13 -41.71
N CYS C 116 -10.79 7.56 -40.57
CA CYS C 116 -10.92 8.33 -39.34
C CYS C 116 -9.62 8.99 -38.89
N VAL C 117 -8.53 8.23 -38.90
CA VAL C 117 -7.24 8.76 -38.47
C VAL C 117 -6.62 9.74 -39.46
N ASN C 118 -6.50 9.32 -40.72
CA ASN C 118 -5.90 10.18 -41.74
C ASN C 118 -6.75 11.35 -42.22
N ASP C 119 -8.06 11.13 -42.37
CA ASP C 119 -8.93 12.20 -42.86
C ASP C 119 -9.71 12.97 -41.80
N LEU C 120 -10.12 12.30 -40.72
CA LEU C 120 -10.89 12.96 -39.68
C LEU C 120 -10.09 13.37 -38.45
N GLY C 121 -8.83 12.96 -38.38
CA GLY C 121 -7.99 13.32 -37.25
C GLY C 121 -8.29 12.59 -35.96
N PHE C 122 -8.93 11.43 -36.04
CA PHE C 122 -9.23 10.67 -34.83
C PHE C 122 -7.92 10.19 -34.21
N VAL C 123 -7.92 10.00 -32.90
CA VAL C 123 -6.70 9.60 -32.19
C VAL C 123 -6.62 8.15 -31.72
N GLY C 124 -7.58 7.34 -32.13
CA GLY C 124 -7.58 5.95 -31.74
C GLY C 124 -8.89 5.29 -32.11
N ALA C 125 -9.11 4.08 -31.60
CA ALA C 125 -10.33 3.35 -31.86
C ALA C 125 -10.85 2.75 -30.57
N LEU C 126 -12.17 2.66 -30.45
CA LEU C 126 -12.78 2.06 -29.27
C LEU C 126 -13.78 1.03 -29.79
N VAL C 127 -13.58 -0.20 -29.35
CA VAL C 127 -14.40 -1.33 -29.78
C VAL C 127 -14.97 -2.06 -28.57
N ASN C 128 -16.26 -2.35 -28.63
CA ASN C 128 -16.95 -3.03 -27.54
C ASN C 128 -16.88 -4.54 -27.61
N GLY C 129 -15.67 -5.06 -27.37
CA GLY C 129 -15.47 -6.49 -27.37
C GLY C 129 -15.68 -7.17 -28.71
N PHE C 130 -15.97 -8.46 -28.65
CA PHE C 130 -16.18 -9.27 -29.83
C PHE C 130 -17.28 -8.75 -30.75
N SER C 131 -17.16 -9.12 -32.03
CA SER C 131 -18.13 -8.71 -33.04
C SER C 131 -19.10 -9.85 -33.36
N GLN C 132 -20.27 -9.46 -33.89
CA GLN C 132 -21.30 -10.41 -34.32
C GLN C 132 -21.43 -10.22 -35.82
N GLU C 133 -21.69 -11.31 -36.54
CA GLU C 133 -21.82 -11.22 -38.00
C GLU C 133 -22.64 -12.40 -38.51
N GLY C 134 -23.28 -12.22 -39.65
CA GLY C 134 -24.09 -13.28 -40.21
C GLY C 134 -25.30 -13.55 -39.34
N ASP C 135 -25.41 -14.76 -38.81
CA ASP C 135 -26.53 -15.08 -37.93
C ASP C 135 -26.28 -14.44 -36.57
N GLY C 136 -25.05 -13.95 -36.38
CA GLY C 136 -24.68 -13.29 -35.14
C GLY C 136 -24.63 -14.18 -33.91
N GLN C 137 -24.50 -15.48 -34.10
CA GLN C 137 -24.47 -16.40 -32.97
C GLN C 137 -23.06 -16.81 -32.53
N THR C 138 -22.05 -16.30 -33.23
CA THR C 138 -20.67 -16.64 -32.91
C THR C 138 -19.85 -15.41 -32.51
N PRO C 139 -19.36 -15.36 -31.26
CA PRO C 139 -18.56 -14.21 -30.86
C PRO C 139 -17.23 -14.22 -31.59
N LEU C 140 -16.92 -13.14 -32.30
CA LEU C 140 -15.69 -13.05 -33.06
C LEU C 140 -14.62 -12.26 -32.31
N TYR C 141 -13.59 -12.96 -31.84
CA TYR C 141 -12.50 -12.32 -31.09
C TYR C 141 -11.37 -11.88 -32.01
N TYR C 142 -10.73 -10.77 -31.64
CA TYR C 142 -9.69 -10.19 -32.47
C TYR C 142 -8.31 -10.83 -32.50
N ASP C 143 -8.16 -11.97 -31.84
CA ASP C 143 -6.89 -12.67 -31.85
C ASP C 143 -6.91 -13.61 -33.06
N LEU C 144 -8.09 -13.77 -33.66
CA LEU C 144 -8.25 -14.64 -34.82
C LEU C 144 -7.38 -14.19 -35.99
N PRO C 145 -6.96 -15.14 -36.84
CA PRO C 145 -6.11 -14.90 -38.01
C PRO C 145 -6.55 -13.77 -38.96
N GLN C 146 -7.84 -13.68 -39.23
CA GLN C 146 -8.37 -12.68 -40.14
C GLN C 146 -8.18 -11.23 -39.71
N TYR C 147 -7.84 -11.01 -38.43
CA TYR C 147 -7.65 -9.66 -37.95
C TYR C 147 -6.21 -9.19 -37.90
N ARG C 148 -5.28 -10.08 -38.26
CA ARG C 148 -3.87 -9.68 -38.25
C ARG C 148 -3.58 -8.50 -39.17
N PRO C 149 -4.17 -8.48 -40.38
CA PRO C 149 -3.89 -7.35 -41.27
C PRO C 149 -4.33 -6.04 -40.59
N PHE C 150 -5.48 -6.10 -39.94
CA PHE C 150 -6.04 -4.94 -39.23
C PHE C 150 -5.07 -4.42 -38.17
N TRP C 151 -4.60 -5.33 -37.31
CA TRP C 151 -3.66 -4.95 -36.26
C TRP C 151 -2.40 -4.35 -36.84
N GLY C 152 -2.00 -4.85 -38.01
CA GLY C 152 -0.80 -4.33 -38.65
C GLY C 152 -1.02 -2.87 -39.02
N GLU C 153 -2.24 -2.54 -39.43
CA GLU C 153 -2.56 -1.17 -39.81
C GLU C 153 -2.65 -0.28 -38.56
N VAL C 154 -3.22 -0.82 -37.50
CA VAL C 154 -3.34 -0.08 -36.25
C VAL C 154 -1.95 0.33 -35.79
N GLU C 155 -1.00 -0.60 -35.86
CA GLU C 155 0.37 -0.33 -35.46
C GLU C 155 1.03 0.68 -36.39
N LYS C 156 0.72 0.59 -37.68
CA LYS C 156 1.29 1.51 -38.65
C LYS C 156 0.78 2.92 -38.40
N LEU C 157 -0.52 3.06 -38.18
CA LEU C 157 -1.12 4.37 -37.90
C LEU C 157 -0.65 4.84 -36.53
N ASP C 158 -0.20 3.90 -35.72
CA ASP C 158 0.30 4.18 -34.37
C ASP C 158 -0.69 4.93 -33.48
N VAL C 159 -1.90 4.40 -33.37
CA VAL C 159 -2.94 4.97 -32.53
C VAL C 159 -3.42 3.86 -31.60
N PRO C 160 -3.79 4.20 -30.36
CA PRO C 160 -4.26 3.20 -29.39
C PRO C 160 -5.61 2.56 -29.72
N PHE C 161 -5.79 1.35 -29.20
CA PHE C 161 -7.01 0.58 -29.39
C PHE C 161 -7.62 0.37 -28.01
N TYR C 162 -8.78 0.96 -27.77
CA TYR C 162 -9.46 0.82 -26.48
C TYR C 162 -10.41 -0.36 -26.55
N LEU C 163 -10.08 -1.42 -25.81
CA LEU C 163 -10.93 -2.61 -25.78
C LEU C 163 -11.95 -2.44 -24.68
N HIS C 164 -13.15 -2.01 -25.07
CA HIS C 164 -14.24 -1.74 -24.16
C HIS C 164 -15.15 -2.96 -23.94
N PRO C 165 -15.86 -3.01 -22.81
CA PRO C 165 -16.74 -4.16 -22.54
C PRO C 165 -18.03 -4.24 -23.36
N ARG C 166 -18.67 -5.40 -23.23
CA ARG C 166 -19.96 -5.71 -23.83
C ARG C 166 -20.34 -6.99 -23.10
N ASN C 167 -21.62 -7.34 -23.12
CA ASN C 167 -22.06 -8.57 -22.46
C ASN C 167 -21.89 -9.75 -23.40
N PRO C 168 -21.69 -10.95 -22.84
CA PRO C 168 -21.53 -12.12 -23.70
C PRO C 168 -22.92 -12.47 -24.26
N LEU C 169 -22.94 -13.31 -25.29
CA LEU C 169 -24.20 -13.73 -25.88
C LEU C 169 -24.88 -14.66 -24.88
N PRO C 170 -26.22 -14.74 -24.91
CA PRO C 170 -26.96 -15.60 -23.98
C PRO C 170 -26.43 -17.03 -23.86
N GLN C 171 -26.16 -17.66 -25.01
CA GLN C 171 -25.65 -19.02 -25.01
C GLN C 171 -24.29 -19.13 -24.33
N ASP C 172 -23.64 -17.99 -24.13
CA ASP C 172 -22.32 -17.97 -23.48
C ASP C 172 -22.38 -17.31 -22.12
N SER C 173 -23.58 -17.25 -21.53
CA SER C 173 -23.74 -16.62 -20.21
C SER C 173 -24.62 -17.41 -19.26
N ARG C 174 -24.63 -18.74 -19.39
CA ARG C 174 -25.45 -19.56 -18.51
C ARG C 174 -25.08 -19.40 -17.03
N ILE C 175 -23.81 -19.13 -16.76
CA ILE C 175 -23.37 -18.97 -15.38
C ILE C 175 -24.12 -17.81 -14.70
N TYR C 176 -24.67 -16.90 -15.51
CA TYR C 176 -25.40 -15.75 -14.97
C TYR C 176 -26.92 -15.95 -15.00
N ASP C 177 -27.38 -17.09 -15.50
CA ASP C 177 -28.82 -17.35 -15.57
C ASP C 177 -29.49 -17.20 -14.21
N GLY C 178 -30.56 -16.40 -14.17
CA GLY C 178 -31.27 -16.18 -12.93
C GLY C 178 -30.69 -15.00 -12.17
N HIS C 179 -29.57 -14.48 -12.66
CA HIS C 179 -28.90 -13.35 -12.03
C HIS C 179 -28.55 -12.25 -13.04
N PRO C 180 -29.58 -11.62 -13.64
CA PRO C 180 -29.31 -10.56 -14.61
C PRO C 180 -28.54 -9.38 -14.02
N TRP C 181 -28.59 -9.26 -12.69
CA TRP C 181 -27.90 -8.19 -11.98
C TRP C 181 -26.38 -8.39 -11.99
N LEU C 182 -25.93 -9.56 -12.45
CA LEU C 182 -24.49 -9.83 -12.52
C LEU C 182 -23.94 -9.51 -13.90
N LEU C 183 -24.85 -9.24 -14.85
CA LEU C 183 -24.43 -8.87 -16.20
C LEU C 183 -24.02 -7.41 -16.15
N GLY C 184 -23.45 -6.91 -17.24
CA GLY C 184 -23.06 -5.52 -17.30
C GLY C 184 -21.87 -5.13 -16.44
N PRO C 185 -21.84 -3.87 -15.97
CA PRO C 185 -20.77 -3.32 -15.12
C PRO C 185 -20.56 -4.01 -13.78
N THR C 186 -21.56 -4.74 -13.30
CA THR C 186 -21.42 -5.42 -12.02
C THR C 186 -20.31 -6.47 -12.09
N TRP C 187 -20.27 -7.22 -13.19
CA TRP C 187 -19.23 -8.26 -13.32
C TRP C 187 -18.99 -8.77 -14.73
N ALA C 188 -20.05 -9.17 -15.43
CA ALA C 188 -19.91 -9.73 -16.77
C ALA C 188 -19.03 -8.92 -17.71
N PHE C 189 -19.14 -7.59 -17.66
CA PHE C 189 -18.32 -6.73 -18.51
C PHE C 189 -16.82 -6.98 -18.31
N ALA C 190 -16.41 -7.12 -17.05
CA ALA C 190 -15.00 -7.34 -16.72
C ALA C 190 -14.47 -8.69 -17.19
N GLN C 191 -15.22 -9.77 -16.91
CA GLN C 191 -14.82 -11.10 -17.32
C GLN C 191 -14.65 -11.17 -18.82
N GLU C 192 -15.65 -10.67 -19.53
CA GLU C 192 -15.62 -10.68 -21.00
C GLU C 192 -14.41 -9.96 -21.56
N THR C 193 -14.13 -8.77 -21.02
CA THR C 193 -13.03 -7.96 -21.51
C THR C 193 -11.65 -8.45 -21.07
N ALA C 194 -11.56 -8.89 -19.82
CA ALA C 194 -10.30 -9.42 -19.31
C ALA C 194 -9.85 -10.62 -20.15
N VAL C 195 -10.77 -11.55 -20.39
CA VAL C 195 -10.41 -12.71 -21.19
C VAL C 195 -10.08 -12.33 -22.64
N HIS C 196 -10.83 -11.40 -23.23
CA HIS C 196 -10.54 -11.00 -24.61
C HIS C 196 -9.09 -10.49 -24.65
N ALA C 197 -8.71 -9.69 -23.66
CA ALA C 197 -7.34 -9.16 -23.60
C ALA C 197 -6.33 -10.28 -23.49
N LEU C 198 -6.63 -11.29 -22.68
CA LEU C 198 -5.71 -12.42 -22.50
C LEU C 198 -5.57 -13.23 -23.79
N ARG C 199 -6.65 -13.30 -24.57
CA ARG C 199 -6.61 -14.02 -25.83
C ARG C 199 -5.65 -13.29 -26.77
N LEU C 200 -5.72 -11.97 -26.80
CA LEU C 200 -4.82 -11.19 -27.66
C LEU C 200 -3.37 -11.46 -27.26
N MET C 201 -3.09 -11.44 -25.96
CA MET C 201 -1.76 -11.68 -25.46
C MET C 201 -1.23 -13.07 -25.81
N ALA C 202 -2.03 -14.10 -25.47
CA ALA C 202 -1.64 -15.49 -25.73
C ALA C 202 -1.45 -15.82 -27.21
N SER C 203 -2.16 -15.10 -28.08
CA SER C 203 -2.08 -15.36 -29.52
C SER C 203 -0.73 -14.99 -30.13
N GLY C 204 0.06 -14.18 -29.41
CA GLY C 204 1.35 -13.78 -29.93
C GLY C 204 1.25 -12.51 -30.75
N LEU C 205 0.09 -11.88 -30.71
CA LEU C 205 -0.16 -10.64 -31.45
C LEU C 205 0.89 -9.57 -31.15
N PHE C 206 1.29 -9.46 -29.89
CA PHE C 206 2.26 -8.45 -29.50
C PHE C 206 3.71 -8.80 -29.80
N ASP C 207 3.94 -10.02 -30.30
CA ASP C 207 5.29 -10.40 -30.68
C ASP C 207 5.41 -9.92 -32.12
N GLU C 208 4.32 -10.09 -32.86
CA GLU C 208 4.23 -9.69 -34.25
C GLU C 208 4.14 -8.18 -34.41
N HIS C 209 3.40 -7.55 -33.51
CA HIS C 209 3.21 -6.10 -33.52
C HIS C 209 3.43 -5.55 -32.11
N PRO C 210 4.70 -5.49 -31.68
CA PRO C 210 5.11 -5.00 -30.36
C PRO C 210 4.83 -3.54 -30.02
N ARG C 211 4.60 -2.71 -31.04
CA ARG C 211 4.34 -1.29 -30.79
C ARG C 211 2.88 -0.96 -30.52
N LEU C 212 2.02 -1.97 -30.57
CA LEU C 212 0.61 -1.76 -30.31
C LEU C 212 0.37 -1.24 -28.90
N ASN C 213 -0.62 -0.39 -28.76
CA ASN C 213 -1.00 0.16 -27.45
C ASN C 213 -2.48 -0.16 -27.23
N ILE C 214 -2.75 -1.04 -26.27
CA ILE C 214 -4.12 -1.42 -25.96
C ILE C 214 -4.55 -0.76 -24.64
N ILE C 215 -5.76 -0.24 -24.60
CA ILE C 215 -6.27 0.40 -23.39
C ILE C 215 -7.48 -0.34 -22.85
N LEU C 216 -7.49 -0.53 -21.53
CA LEU C 216 -8.59 -1.19 -20.85
C LEU C 216 -9.12 -0.26 -19.77
N GLY C 217 -10.44 -0.19 -19.61
CA GLY C 217 -10.99 0.67 -18.59
C GLY C 217 -11.24 -0.10 -17.31
N HIS C 218 -11.95 0.54 -16.38
CA HIS C 218 -12.33 -0.09 -15.11
C HIS C 218 -11.14 -0.71 -14.39
N MET C 219 -10.02 0.00 -14.46
CA MET C 219 -8.76 -0.39 -13.82
C MET C 219 -8.24 -1.75 -14.26
N GLY C 220 -8.36 -2.05 -15.55
CA GLY C 220 -7.84 -3.29 -16.06
C GLY C 220 -8.76 -4.50 -15.99
N GLU C 221 -10.02 -4.27 -15.69
CA GLU C 221 -11.00 -5.36 -15.63
C GLU C 221 -10.59 -6.51 -14.71
N GLY C 222 -9.93 -6.16 -13.61
CA GLY C 222 -9.50 -7.16 -12.63
C GLY C 222 -8.13 -7.80 -12.84
N LEU C 223 -7.54 -7.59 -14.01
CA LEU C 223 -6.25 -8.20 -14.32
C LEU C 223 -5.07 -7.97 -13.37
N PRO C 224 -4.83 -6.72 -12.94
CA PRO C 224 -3.70 -6.49 -12.03
C PRO C 224 -3.59 -7.40 -10.81
N TYR C 225 -4.69 -7.55 -10.10
CA TYR C 225 -4.75 -8.36 -8.89
C TYR C 225 -4.36 -9.84 -9.09
N MET C 226 -4.73 -10.40 -10.24
CA MET C 226 -4.45 -11.80 -10.52
C MET C 226 -3.32 -12.05 -11.52
N MET C 227 -2.68 -10.98 -11.98
CA MET C 227 -1.62 -11.13 -12.98
C MET C 227 -0.50 -12.08 -12.55
N TRP C 228 -0.08 -12.00 -11.30
CA TRP C 228 0.98 -12.90 -10.85
C TRP C 228 0.55 -14.35 -11.05
N ARG C 229 -0.65 -14.68 -10.57
CA ARG C 229 -1.18 -16.04 -10.67
C ARG C 229 -1.34 -16.52 -12.11
N ILE C 230 -1.75 -15.61 -13.00
CA ILE C 230 -1.94 -15.97 -14.40
C ILE C 230 -0.71 -16.67 -15.00
N ASP C 231 0.48 -16.18 -14.67
CA ASP C 231 1.72 -16.75 -15.17
C ASP C 231 2.35 -17.77 -14.21
N HIS C 232 2.37 -17.42 -12.93
CA HIS C 232 3.04 -18.22 -11.93
C HIS C 232 2.34 -19.39 -11.25
N ARG C 233 1.07 -19.62 -11.54
CA ARG C 233 0.36 -20.74 -10.93
C ARG C 233 1.13 -22.02 -11.24
N ASN C 234 1.16 -22.94 -10.30
CA ASN C 234 1.88 -24.23 -10.46
C ASN C 234 3.31 -23.99 -10.92
N ALA C 235 4.01 -23.07 -10.27
CA ALA C 235 5.37 -22.73 -10.65
C ALA C 235 6.39 -23.88 -10.60
N TRP C 236 6.14 -24.88 -9.76
CA TRP C 236 7.07 -26.00 -9.66
C TRP C 236 7.15 -26.80 -10.95
N VAL C 237 6.12 -26.72 -11.78
CA VAL C 237 6.12 -27.43 -13.05
C VAL C 237 6.89 -26.59 -14.06
N LYS C 238 8.14 -26.98 -14.31
CA LYS C 238 9.00 -26.24 -15.22
C LYS C 238 8.89 -26.72 -16.67
N LEU C 239 7.69 -26.58 -17.23
CA LEU C 239 7.42 -26.92 -18.61
C LEU C 239 6.95 -25.62 -19.23
N PRO C 240 7.37 -25.32 -20.46
CA PRO C 240 6.94 -24.08 -21.10
C PRO C 240 5.45 -24.06 -21.46
N PRO C 241 4.82 -22.87 -21.40
CA PRO C 241 3.39 -22.74 -21.73
C PRO C 241 3.24 -23.10 -23.20
N ARG C 242 2.09 -23.63 -23.61
CA ARG C 242 1.91 -24.01 -25.00
C ARG C 242 1.21 -23.01 -25.92
N TYR C 243 0.97 -21.80 -25.43
CA TYR C 243 0.34 -20.79 -26.28
C TYR C 243 1.36 -20.27 -27.29
N PRO C 244 0.89 -19.73 -28.43
CA PRO C 244 1.75 -19.20 -29.50
C PRO C 244 2.68 -18.07 -29.05
N ALA C 245 2.23 -17.26 -28.10
CA ALA C 245 3.03 -16.14 -27.61
C ALA C 245 4.38 -16.63 -27.11
N LYS C 246 5.43 -15.83 -27.36
CA LYS C 246 6.78 -16.21 -26.96
C LYS C 246 7.13 -15.87 -25.52
N ARG C 247 6.42 -14.94 -24.91
CA ARG C 247 6.73 -14.56 -23.54
C ARG C 247 5.56 -14.75 -22.56
N ARG C 248 5.65 -14.11 -21.39
CA ARG C 248 4.62 -14.23 -20.36
C ARG C 248 3.52 -13.17 -20.46
N PHE C 249 2.35 -13.48 -19.89
CA PHE C 249 1.24 -12.53 -19.91
C PHE C 249 1.66 -11.21 -19.28
N MET C 250 2.39 -11.28 -18.17
CA MET C 250 2.82 -10.07 -17.48
C MET C 250 3.68 -9.18 -18.38
N ASP C 251 4.45 -9.79 -19.29
CA ASP C 251 5.29 -9.00 -20.18
C ASP C 251 4.45 -8.16 -21.13
N TYR C 252 3.44 -8.77 -21.73
CA TYR C 252 2.59 -8.05 -22.67
C TYR C 252 1.70 -7.04 -21.94
N PHE C 253 1.23 -7.40 -20.75
CA PHE C 253 0.40 -6.49 -19.98
C PHE C 253 1.20 -5.25 -19.60
N ASN C 254 2.43 -5.48 -19.14
CA ASN C 254 3.32 -4.40 -18.72
C ASN C 254 3.84 -3.53 -19.86
N GLU C 255 3.97 -4.11 -21.04
CA GLU C 255 4.53 -3.40 -22.19
C GLU C 255 3.56 -2.89 -23.24
N ASN C 256 2.39 -3.51 -23.36
CA ASN C 256 1.45 -3.09 -24.39
C ASN C 256 0.11 -2.57 -23.89
N PHE C 257 -0.11 -2.60 -22.58
CA PHE C 257 -1.39 -2.15 -22.06
C PHE C 257 -1.32 -0.93 -21.17
N HIS C 258 -2.46 -0.23 -21.10
CA HIS C 258 -2.64 0.95 -20.26
C HIS C 258 -4.04 0.73 -19.69
N ILE C 259 -4.28 1.15 -18.45
CA ILE C 259 -5.60 0.98 -17.86
C ILE C 259 -6.12 2.33 -17.41
N THR C 260 -7.44 2.49 -17.39
CA THR C 260 -8.01 3.76 -16.94
C THR C 260 -8.85 3.57 -15.68
N THR C 261 -9.14 4.68 -15.02
CA THR C 261 -9.93 4.66 -13.78
C THR C 261 -11.43 4.66 -14.00
N SER C 262 -11.87 4.51 -15.25
CA SER C 262 -13.30 4.54 -15.52
C SER C 262 -14.15 3.62 -14.64
N GLY C 263 -15.20 4.19 -14.06
CA GLY C 263 -16.11 3.44 -13.21
C GLY C 263 -15.49 2.60 -12.11
N ASN C 264 -14.30 2.96 -11.66
CA ASN C 264 -13.65 2.20 -10.59
C ASN C 264 -12.87 3.17 -9.70
N PHE C 265 -13.61 4.02 -9.01
CA PHE C 265 -13.07 5.06 -8.14
C PHE C 265 -12.76 4.50 -6.76
N ARG C 266 -11.75 3.62 -6.72
CA ARG C 266 -11.37 2.95 -5.48
C ARG C 266 -9.87 3.09 -5.24
N THR C 267 -9.52 3.77 -4.16
CA THR C 267 -8.11 4.00 -3.84
C THR C 267 -7.30 2.72 -3.67
N GLN C 268 -7.85 1.74 -2.99
CA GLN C 268 -7.12 0.48 -2.78
C GLN C 268 -6.76 -0.16 -4.12
N THR C 269 -7.71 -0.14 -5.03
CA THR C 269 -7.52 -0.71 -6.37
C THR C 269 -6.44 0.06 -7.12
N LEU C 270 -6.44 1.38 -6.98
CA LEU C 270 -5.44 2.21 -7.65
C LEU C 270 -4.05 1.92 -7.09
N ILE C 271 -3.95 1.74 -5.78
CA ILE C 271 -2.66 1.44 -5.16
C ILE C 271 -2.14 0.10 -5.67
N ASP C 272 -3.01 -0.91 -5.73
CA ASP C 272 -2.60 -2.22 -6.22
C ASP C 272 -2.08 -2.07 -7.66
N ALA C 273 -2.81 -1.34 -8.49
CA ALA C 273 -2.41 -1.14 -9.89
C ALA C 273 -1.06 -0.42 -9.96
N ILE C 274 -0.86 0.56 -9.09
CA ILE C 274 0.41 1.28 -9.12
C ILE C 274 1.58 0.36 -8.81
N LEU C 275 1.36 -0.60 -7.90
CA LEU C 275 2.40 -1.54 -7.51
C LEU C 275 2.50 -2.73 -8.47
N GLU C 276 1.63 -2.78 -9.48
CA GLU C 276 1.66 -3.88 -10.45
C GLU C 276 2.04 -3.41 -11.86
N ILE C 277 1.32 -2.44 -12.41
CA ILE C 277 1.62 -1.97 -13.76
C ILE C 277 2.37 -0.63 -13.76
N GLY C 278 2.27 0.10 -12.65
CA GLY C 278 2.97 1.37 -12.54
C GLY C 278 2.10 2.57 -12.88
N ALA C 279 2.37 3.69 -12.21
CA ALA C 279 1.60 4.92 -12.43
C ALA C 279 1.71 5.44 -13.87
N ASP C 280 2.81 5.11 -14.54
CA ASP C 280 3.02 5.58 -15.91
C ASP C 280 2.04 4.97 -16.91
N ARG C 281 1.33 3.92 -16.49
CA ARG C 281 0.38 3.27 -17.39
C ARG C 281 -1.07 3.26 -16.91
N ILE C 282 -1.39 4.21 -16.03
CA ILE C 282 -2.75 4.34 -15.50
C ILE C 282 -3.22 5.72 -15.96
N LEU C 283 -4.46 5.79 -16.45
CA LEU C 283 -5.02 7.03 -16.97
C LEU C 283 -6.37 7.35 -16.34
N PHE C 284 -6.61 8.64 -16.08
CA PHE C 284 -7.88 9.06 -15.53
C PHE C 284 -8.94 8.92 -16.63
N SER C 285 -10.16 8.59 -16.21
CA SER C 285 -11.33 8.47 -17.09
C SER C 285 -12.54 8.34 -16.18
N THR C 286 -13.73 8.64 -16.70
CA THR C 286 -14.92 8.60 -15.85
C THR C 286 -16.02 7.59 -16.19
N ASP C 287 -16.21 7.35 -17.49
CA ASP C 287 -17.24 6.45 -18.00
C ASP C 287 -18.56 7.21 -18.08
N TRP C 288 -18.47 8.54 -18.16
CA TRP C 288 -19.66 9.38 -18.30
C TRP C 288 -20.31 8.93 -19.61
N PRO C 289 -21.64 8.96 -19.71
CA PRO C 289 -22.63 9.36 -18.70
C PRO C 289 -23.12 8.27 -17.78
N PHE C 290 -22.49 7.09 -17.84
CA PHE C 290 -22.88 5.97 -16.99
C PHE C 290 -22.41 6.21 -15.56
N GLU C 291 -21.46 7.12 -15.41
CA GLU C 291 -20.92 7.52 -14.11
C GLU C 291 -20.93 9.05 -14.11
N ASN C 292 -21.14 9.65 -12.94
CA ASN C 292 -21.15 11.09 -12.83
C ASN C 292 -19.71 11.61 -12.89
N ILE C 293 -19.51 12.70 -13.63
CA ILE C 293 -18.18 13.28 -13.76
C ILE C 293 -17.67 13.79 -12.42
N ASP C 294 -18.57 14.34 -11.61
CA ASP C 294 -18.15 14.86 -10.31
C ASP C 294 -17.69 13.72 -9.39
N HIS C 295 -18.32 12.55 -9.51
CA HIS C 295 -17.93 11.40 -8.69
C HIS C 295 -16.50 11.02 -9.04
N ALA C 296 -16.22 10.89 -10.32
CA ALA C 296 -14.89 10.52 -10.79
C ALA C 296 -13.83 11.55 -10.42
N SER C 297 -14.11 12.81 -10.70
CA SER C 297 -13.16 13.88 -10.41
C SER C 297 -12.91 14.10 -8.93
N ASP C 298 -13.97 14.12 -8.13
CA ASP C 298 -13.80 14.33 -6.70
C ASP C 298 -12.96 13.22 -6.09
N TRP C 299 -13.21 11.98 -6.51
CA TRP C 299 -12.43 10.86 -6.00
C TRP C 299 -10.97 11.00 -6.42
N PHE C 300 -10.74 11.26 -7.70
CA PHE C 300 -9.37 11.36 -8.19
C PHE C 300 -8.57 12.51 -7.57
N ASN C 301 -9.25 13.62 -7.26
CA ASN C 301 -8.55 14.75 -6.66
C ASN C 301 -8.02 14.43 -5.27
N ALA C 302 -8.69 13.52 -4.57
CA ALA C 302 -8.30 13.19 -3.21
C ALA C 302 -7.66 11.81 -3.00
N THR C 303 -7.60 10.99 -4.05
CA THR C 303 -7.04 9.65 -3.85
C THR C 303 -5.60 9.71 -3.33
N SER C 304 -5.24 8.69 -2.53
CA SER C 304 -3.95 8.63 -1.86
C SER C 304 -2.71 8.24 -2.64
N ILE C 305 -2.31 9.09 -3.57
CA ILE C 305 -1.12 8.86 -4.38
C ILE C 305 -0.22 10.10 -4.35
N ALA C 306 0.98 9.98 -4.90
CA ALA C 306 1.92 11.10 -4.93
C ALA C 306 1.36 12.16 -5.87
N GLU C 307 1.57 13.43 -5.54
CA GLU C 307 1.06 14.50 -6.40
C GLU C 307 1.64 14.38 -7.81
N ALA C 308 2.89 13.94 -7.91
CA ALA C 308 3.54 13.77 -9.20
C ALA C 308 2.76 12.76 -10.04
N ASP C 309 2.27 11.71 -9.39
CA ASP C 309 1.50 10.69 -10.08
C ASP C 309 0.09 11.15 -10.39
N ARG C 310 -0.44 12.05 -9.58
CA ARG C 310 -1.79 12.55 -9.85
C ARG C 310 -1.73 13.33 -11.16
N VAL C 311 -0.61 14.04 -11.37
CA VAL C 311 -0.42 14.80 -12.59
C VAL C 311 -0.28 13.87 -13.79
N LYS C 312 0.51 12.81 -13.64
CA LYS C 312 0.71 11.85 -14.72
C LYS C 312 -0.58 11.10 -15.08
N ILE C 313 -1.20 10.50 -14.08
CA ILE C 313 -2.44 9.75 -14.30
C ILE C 313 -3.57 10.65 -14.77
N GLY C 314 -3.63 11.86 -14.24
CA GLY C 314 -4.70 12.76 -14.62
C GLY C 314 -4.53 13.47 -15.94
N ARG C 315 -3.29 13.64 -16.39
CA ARG C 315 -3.06 14.39 -17.61
C ARG C 315 -1.91 14.01 -18.54
N THR C 316 -0.69 14.04 -18.03
CA THR C 316 0.47 13.79 -18.88
C THR C 316 0.64 12.40 -19.49
N ASN C 317 0.15 11.35 -18.83
CA ASN C 317 0.27 10.02 -19.41
C ASN C 317 -0.55 10.00 -20.72
N ALA C 318 -1.75 10.58 -20.67
CA ALA C 318 -2.62 10.63 -21.84
C ALA C 318 -2.07 11.56 -22.91
N ARG C 319 -1.52 12.70 -22.50
CA ARG C 319 -0.95 13.65 -23.46
C ARG C 319 0.16 12.97 -24.24
N ARG C 320 0.99 12.19 -23.55
CA ARG C 320 2.09 11.48 -24.18
C ARG C 320 1.59 10.37 -25.09
N LEU C 321 0.67 9.57 -24.58
CA LEU C 321 0.11 8.45 -25.33
C LEU C 321 -0.56 8.87 -26.64
N PHE C 322 -1.27 9.99 -26.62
CA PHE C 322 -1.95 10.46 -27.81
C PHE C 322 -1.20 11.57 -28.55
N LYS C 323 0.08 11.71 -28.24
CA LYS C 323 0.95 12.70 -28.88
C LYS C 323 0.33 14.10 -28.95
N LEU C 324 -0.20 14.57 -27.83
CA LEU C 324 -0.83 15.89 -27.81
C LEU C 324 0.14 17.04 -27.61
N ASP C 325 1.40 16.74 -27.33
CA ASP C 325 2.40 17.78 -27.13
C ASP C 325 3.26 17.96 -28.38
N GLY C 326 2.75 17.51 -29.52
CA GLY C 326 3.50 17.65 -30.76
C GLY C 326 3.16 16.57 -31.77
N MET D 1 8.05 -18.49 10.04
CA MET D 1 6.95 -18.70 11.02
C MET D 1 6.59 -20.16 11.19
N GLN D 2 6.47 -20.60 12.44
CA GLN D 2 6.11 -21.97 12.76
C GLN D 2 4.66 -22.01 13.24
N GLY D 3 4.12 -23.22 13.35
CA GLY D 3 2.76 -23.40 13.83
C GLY D 3 1.63 -22.93 12.91
N LYS D 4 1.91 -22.85 11.62
CA LYS D 4 0.90 -22.41 10.67
C LYS D 4 -0.17 -23.46 10.42
N VAL D 5 -1.31 -22.97 9.94
CA VAL D 5 -2.43 -23.83 9.57
C VAL D 5 -2.57 -23.62 8.06
N ALA D 6 -2.73 -24.70 7.31
CA ALA D 6 -2.90 -24.62 5.86
C ALA D 6 -4.17 -25.40 5.54
N LEU D 7 -5.07 -24.80 4.77
CA LEU D 7 -6.35 -25.45 4.48
C LEU D 7 -6.85 -25.65 3.05
N GLU D 8 -5.96 -25.56 2.06
CA GLU D 8 -6.35 -25.89 0.69
C GLU D 8 -5.19 -26.80 0.29
N GLU D 9 -5.21 -27.98 0.88
CA GLU D 9 -4.18 -28.99 0.69
C GLU D 9 -4.91 -30.25 0.25
N HIS D 10 -4.60 -30.70 -0.95
CA HIS D 10 -5.30 -31.82 -1.56
C HIS D 10 -4.64 -33.19 -1.60
N PHE D 11 -5.50 -34.20 -1.73
CA PHE D 11 -5.07 -35.58 -1.84
C PHE D 11 -6.09 -36.21 -2.79
N ALA D 12 -5.84 -37.43 -3.22
CA ALA D 12 -6.76 -38.09 -4.11
C ALA D 12 -6.79 -39.58 -3.83
N ILE D 13 -7.81 -40.23 -4.36
CA ILE D 13 -7.93 -41.67 -4.25
C ILE D 13 -7.83 -42.12 -5.70
N PRO D 14 -7.43 -43.36 -5.96
CA PRO D 14 -7.33 -43.81 -7.35
C PRO D 14 -8.52 -43.46 -8.23
N GLU D 15 -9.71 -43.49 -7.65
CA GLU D 15 -10.93 -43.18 -8.39
C GLU D 15 -11.00 -41.75 -8.91
N THR D 16 -10.30 -40.83 -8.24
CA THR D 16 -10.32 -39.42 -8.65
C THR D 16 -9.01 -38.92 -9.23
N LEU D 17 -8.00 -39.78 -9.28
CA LEU D 17 -6.70 -39.39 -9.81
C LEU D 17 -6.78 -38.76 -11.20
N GLN D 18 -7.54 -39.38 -12.08
CA GLN D 18 -7.67 -38.88 -13.45
C GLN D 18 -8.20 -37.45 -13.46
N ASP D 19 -9.02 -37.11 -12.47
CA ASP D 19 -9.60 -35.78 -12.36
C ASP D 19 -8.53 -34.69 -12.39
N SER D 20 -7.34 -35.00 -11.88
CA SER D 20 -6.25 -34.04 -11.86
C SER D 20 -5.16 -34.40 -12.86
N VAL D 24 0.50 -32.87 -19.14
CA VAL D 24 1.36 -33.58 -20.12
C VAL D 24 2.07 -34.76 -19.47
N PRO D 25 2.23 -35.88 -20.20
CA PRO D 25 2.90 -37.08 -19.69
C PRO D 25 4.37 -36.82 -19.41
N GLY D 26 4.93 -37.50 -18.42
CA GLY D 26 6.32 -37.30 -18.09
C GLY D 26 6.59 -37.30 -16.60
N ASP D 27 7.79 -36.86 -16.21
CA ASP D 27 8.15 -36.83 -14.81
C ASP D 27 7.28 -35.94 -13.91
N TYR D 28 6.78 -34.82 -14.43
CA TYR D 28 5.93 -33.95 -13.61
C TYR D 28 4.58 -34.57 -13.28
N TRP D 29 3.98 -35.26 -14.24
CA TRP D 29 2.69 -35.91 -14.03
C TRP D 29 2.83 -37.07 -13.05
N LYS D 30 3.94 -37.81 -13.17
CA LYS D 30 4.19 -38.93 -12.27
C LYS D 30 4.36 -38.41 -10.84
N GLU D 31 5.10 -37.32 -10.71
CA GLU D 31 5.34 -36.70 -9.42
C GLU D 31 4.05 -36.16 -8.80
N LEU D 32 3.22 -35.53 -9.61
CA LEU D 32 1.96 -35.00 -9.10
C LEU D 32 1.08 -36.13 -8.57
N GLN D 33 1.07 -37.26 -9.27
CA GLN D 33 0.27 -38.39 -8.84
C GLN D 33 0.78 -38.92 -7.51
N HIS D 34 2.08 -39.04 -7.38
CA HIS D 34 2.68 -39.52 -6.13
C HIS D 34 2.27 -38.59 -4.99
N ARG D 35 2.39 -37.28 -5.22
CA ARG D 35 2.05 -36.29 -4.21
C ARG D 35 0.59 -36.38 -3.78
N LEU D 36 -0.31 -36.57 -4.74
CA LEU D 36 -1.73 -36.67 -4.43
C LEU D 36 -2.08 -37.87 -3.58
N LEU D 37 -1.38 -38.98 -3.79
CA LEU D 37 -1.65 -40.20 -3.03
C LEU D 37 -0.94 -40.25 -1.69
N ASP D 38 0.10 -39.44 -1.53
CA ASP D 38 0.86 -39.41 -0.28
C ASP D 38 0.34 -38.44 0.77
N ILE D 39 0.38 -38.87 2.02
CA ILE D 39 -0.08 -38.04 3.13
C ILE D 39 0.91 -38.08 4.30
N GLN D 40 1.30 -39.30 4.68
CA GLN D 40 2.18 -39.52 5.82
C GLN D 40 3.69 -39.35 5.62
N ASP D 41 4.15 -39.40 4.38
CA ASP D 41 5.58 -39.32 4.11
C ASP D 41 6.06 -37.94 3.65
N THR D 42 6.12 -37.75 2.33
CA THR D 42 6.58 -36.50 1.75
C THR D 42 5.88 -35.26 2.31
N ARG D 43 4.55 -35.30 2.29
CA ARG D 43 3.72 -34.21 2.77
C ARG D 43 4.04 -33.80 4.22
N LEU D 44 4.08 -34.79 5.10
CA LEU D 44 4.36 -34.53 6.51
C LEU D 44 5.76 -33.98 6.72
N LYS D 45 6.73 -34.50 5.97
CA LYS D 45 8.10 -34.03 6.10
C LYS D 45 8.22 -32.56 5.68
N LEU D 46 7.47 -32.18 4.65
CA LEU D 46 7.48 -30.79 4.19
C LEU D 46 6.80 -29.89 5.21
N MET D 47 5.74 -30.39 5.85
CA MET D 47 5.05 -29.61 6.87
C MET D 47 6.02 -29.35 8.01
N ASP D 48 6.81 -30.36 8.36
CA ASP D 48 7.78 -30.23 9.43
C ASP D 48 8.90 -29.27 9.09
N ALA D 49 9.28 -29.23 7.82
CA ALA D 49 10.37 -28.37 7.37
C ALA D 49 9.92 -26.96 7.07
N HIS D 50 8.62 -26.77 6.85
CA HIS D 50 8.11 -25.45 6.50
C HIS D 50 7.08 -24.84 7.44
N GLY D 51 7.27 -25.10 8.72
CA GLY D 51 6.41 -24.55 9.76
C GLY D 51 4.91 -24.70 9.67
N ILE D 52 4.43 -25.85 9.19
CA ILE D 52 3.00 -26.08 9.12
C ILE D 52 2.64 -27.14 10.16
N GLU D 53 1.92 -26.73 11.19
CA GLU D 53 1.51 -27.65 12.25
C GLU D 53 0.24 -28.39 11.87
N THR D 54 -0.72 -27.65 11.33
CA THR D 54 -2.01 -28.20 10.97
C THR D 54 -2.32 -28.13 9.48
N MET D 55 -2.68 -29.27 8.89
CA MET D 55 -3.05 -29.30 7.49
C MET D 55 -4.46 -29.85 7.41
N ILE D 56 -5.38 -29.05 6.88
CA ILE D 56 -6.76 -29.48 6.73
C ILE D 56 -6.87 -30.00 5.30
N LEU D 57 -6.98 -31.32 5.19
CA LEU D 57 -7.04 -32.02 3.91
C LEU D 57 -8.38 -32.03 3.19
N SER D 58 -8.31 -32.10 1.86
CA SER D 58 -9.51 -32.15 1.02
C SER D 58 -9.23 -32.92 -0.26
N LEU D 59 -10.25 -33.62 -0.76
CA LEU D 59 -10.15 -34.39 -1.99
C LEU D 59 -9.87 -33.45 -3.17
N ASN D 60 -9.21 -33.96 -4.21
CA ASN D 60 -8.89 -33.16 -5.39
C ASN D 60 -10.14 -32.75 -6.19
N ALA D 61 -9.92 -32.12 -7.34
CA ALA D 61 -11.03 -31.64 -8.18
C ALA D 61 -10.96 -32.10 -9.63
N PRO D 62 -12.11 -32.18 -10.30
CA PRO D 62 -13.45 -31.86 -9.80
C PRO D 62 -14.05 -32.96 -8.92
N ALA D 63 -13.45 -34.14 -8.98
CA ALA D 63 -13.90 -35.28 -8.18
C ALA D 63 -15.41 -35.50 -8.21
N VAL D 64 -16.02 -35.50 -7.03
CA VAL D 64 -17.45 -35.76 -6.89
C VAL D 64 -18.39 -34.85 -7.70
N GLN D 65 -18.04 -33.58 -7.82
CA GLN D 65 -18.88 -32.65 -8.56
C GLN D 65 -19.01 -32.95 -10.05
N ALA D 66 -18.17 -33.86 -10.55
CA ALA D 66 -18.19 -34.23 -11.97
C ALA D 66 -18.78 -35.62 -12.20
N ILE D 67 -19.38 -36.19 -11.16
CA ILE D 67 -20.00 -37.51 -11.26
C ILE D 67 -21.51 -37.32 -11.35
N PRO D 68 -22.06 -37.34 -12.57
CA PRO D 68 -23.50 -37.17 -12.83
C PRO D 68 -24.46 -38.16 -12.17
N ASP D 69 -24.05 -39.41 -12.04
CA ASP D 69 -24.90 -40.42 -11.40
C ASP D 69 -24.87 -40.21 -9.89
N ARG D 70 -25.98 -39.76 -9.32
CA ARG D 70 -26.03 -39.52 -7.89
C ARG D 70 -25.64 -40.74 -7.07
N ARG D 71 -26.01 -41.92 -7.56
CA ARG D 71 -25.68 -43.16 -6.86
C ARG D 71 -24.17 -43.29 -6.71
N LYS D 72 -23.45 -43.15 -7.83
CA LYS D 72 -22.00 -43.27 -7.80
C LYS D 72 -21.34 -42.13 -7.03
N ALA D 73 -21.87 -40.92 -7.21
CA ALA D 73 -21.33 -39.74 -6.52
C ALA D 73 -21.36 -39.93 -5.02
N ILE D 74 -22.46 -40.46 -4.50
CA ILE D 74 -22.60 -40.69 -3.08
C ILE D 74 -21.58 -41.74 -2.63
N GLU D 75 -21.42 -42.77 -3.44
CA GLU D 75 -20.48 -43.86 -3.16
C GLU D 75 -19.04 -43.35 -3.07
N ILE D 76 -18.62 -42.62 -4.10
CA ILE D 76 -17.27 -42.09 -4.15
C ILE D 76 -17.00 -41.08 -3.02
N ALA D 77 -18.00 -40.27 -2.70
CA ALA D 77 -17.85 -39.29 -1.63
C ALA D 77 -17.61 -39.99 -0.30
N ARG D 78 -18.46 -40.97 0.01
CA ARG D 78 -18.33 -41.71 1.27
C ARG D 78 -16.98 -42.43 1.33
N ARG D 79 -16.54 -42.94 0.18
CA ARG D 79 -15.27 -43.65 0.11
C ARG D 79 -14.10 -42.71 0.35
N ALA D 80 -14.14 -41.54 -0.29
CA ALA D 80 -13.08 -40.56 -0.14
C ALA D 80 -13.01 -40.07 1.30
N ASN D 81 -14.17 -39.89 1.92
CA ASN D 81 -14.23 -39.42 3.30
C ASN D 81 -13.74 -40.47 4.29
N ASP D 82 -14.03 -41.75 4.04
CA ASP D 82 -13.57 -42.79 4.94
C ASP D 82 -12.05 -42.91 4.87
N VAL D 83 -11.51 -42.81 3.65
CA VAL D 83 -10.07 -42.88 3.47
C VAL D 83 -9.41 -41.71 4.19
N LEU D 84 -9.99 -40.54 4.02
CA LEU D 84 -9.47 -39.33 4.65
C LEU D 84 -9.49 -39.48 6.17
N ALA D 85 -10.57 -40.05 6.71
CA ALA D 85 -10.68 -40.23 8.15
C ALA D 85 -9.58 -41.17 8.66
N GLU D 86 -9.28 -42.22 7.90
CA GLU D 86 -8.25 -43.16 8.30
C GLU D 86 -6.88 -42.49 8.30
N GLU D 87 -6.61 -41.69 7.28
CA GLU D 87 -5.33 -41.00 7.17
C GLU D 87 -5.11 -40.00 8.29
N CYS D 88 -6.15 -39.26 8.67
CA CYS D 88 -6.04 -38.29 9.74
C CYS D 88 -5.77 -38.98 11.07
N ALA D 89 -6.39 -40.15 11.26
CA ALA D 89 -6.22 -40.91 12.50
C ALA D 89 -4.77 -41.29 12.77
N LYS D 90 -3.96 -41.32 11.71
CA LYS D 90 -2.55 -41.68 11.86
C LYS D 90 -1.72 -40.59 12.55
N ARG D 91 -2.11 -39.33 12.35
CA ARG D 91 -1.43 -38.20 12.98
C ARG D 91 -2.50 -37.13 13.23
N PRO D 92 -3.43 -37.41 14.16
CA PRO D 92 -4.53 -36.49 14.50
C PRO D 92 -4.05 -35.14 15.03
N ASP D 93 -2.79 -35.07 15.42
CA ASP D 93 -2.22 -33.82 15.93
C ASP D 93 -1.79 -32.92 14.78
N ARG D 94 -1.79 -33.46 13.55
CA ARG D 94 -1.35 -32.70 12.38
C ARG D 94 -2.39 -32.59 11.26
N PHE D 95 -3.26 -33.59 11.13
CA PHE D 95 -4.25 -33.59 10.06
C PHE D 95 -5.71 -33.49 10.47
N LEU D 96 -6.42 -32.58 9.79
CA LEU D 96 -7.84 -32.37 9.99
C LEU D 96 -8.44 -32.58 8.60
N ALA D 97 -9.76 -32.61 8.49
CA ALA D 97 -10.34 -32.87 7.17
C ALA D 97 -11.61 -32.13 6.80
N PHE D 98 -11.75 -31.89 5.50
CA PHE D 98 -12.92 -31.26 4.92
C PHE D 98 -13.69 -32.38 4.24
N ALA D 99 -15.01 -32.36 4.34
CA ALA D 99 -15.82 -33.40 3.73
C ALA D 99 -16.04 -33.18 2.23
N ALA D 100 -16.12 -34.29 1.50
CA ALA D 100 -16.40 -34.27 0.07
C ALA D 100 -17.90 -34.54 0.07
N LEU D 101 -18.68 -33.81 -0.72
CA LEU D 101 -20.13 -34.00 -0.73
C LEU D 101 -20.77 -34.25 -2.09
N PRO D 102 -21.74 -35.18 -2.13
CA PRO D 102 -22.44 -35.51 -3.38
C PRO D 102 -23.62 -34.55 -3.53
N LEU D 103 -23.33 -33.28 -3.81
CA LEU D 103 -24.36 -32.27 -3.93
C LEU D 103 -25.33 -32.43 -5.09
N GLN D 104 -25.13 -33.42 -5.95
CA GLN D 104 -26.10 -33.63 -7.04
C GLN D 104 -27.34 -34.24 -6.42
N ASP D 105 -27.26 -34.54 -5.12
CA ASP D 105 -28.36 -35.10 -4.35
C ASP D 105 -28.36 -34.35 -3.02
N PRO D 106 -29.08 -33.22 -2.96
CA PRO D 106 -29.16 -32.37 -1.76
C PRO D 106 -29.30 -33.10 -0.42
N ASP D 107 -30.29 -33.98 -0.32
CA ASP D 107 -30.50 -34.71 0.94
C ASP D 107 -29.32 -35.62 1.30
N ALA D 108 -28.79 -36.31 0.30
CA ALA D 108 -27.66 -37.21 0.51
C ALA D 108 -26.43 -36.42 0.97
N ALA D 109 -26.26 -35.22 0.40
CA ALA D 109 -25.13 -34.38 0.75
C ALA D 109 -25.25 -33.89 2.19
N THR D 110 -26.46 -33.49 2.58
CA THR D 110 -26.71 -33.03 3.93
C THR D 110 -26.40 -34.15 4.92
N GLU D 111 -26.82 -35.36 4.59
CA GLU D 111 -26.59 -36.50 5.47
C GLU D 111 -25.11 -36.88 5.59
N GLU D 112 -24.37 -36.79 4.48
CA GLU D 112 -22.95 -37.12 4.52
C GLU D 112 -22.18 -36.07 5.31
N LEU D 113 -22.57 -34.81 5.21
CA LEU D 113 -21.89 -33.75 5.95
C LEU D 113 -22.08 -34.00 7.44
N GLN D 114 -23.30 -34.40 7.82
CA GLN D 114 -23.61 -34.68 9.21
C GLN D 114 -22.77 -35.85 9.72
N ARG D 115 -22.62 -36.87 8.88
CA ARG D 115 -21.84 -38.04 9.25
C ARG D 115 -20.37 -37.67 9.42
N CYS D 116 -19.84 -36.92 8.47
CA CYS D 116 -18.45 -36.50 8.53
C CYS D 116 -18.15 -35.65 9.76
N VAL D 117 -19.05 -34.70 10.05
CA VAL D 117 -18.86 -33.82 11.19
C VAL D 117 -19.13 -34.47 12.55
N ASN D 118 -20.30 -35.09 12.69
CA ASN D 118 -20.66 -35.72 13.96
C ASN D 118 -19.98 -37.04 14.27
N ASP D 119 -19.74 -37.86 13.26
CA ASP D 119 -19.11 -39.15 13.50
C ASP D 119 -17.62 -39.23 13.16
N LEU D 120 -17.18 -38.49 12.15
CA LEU D 120 -15.77 -38.52 11.76
C LEU D 120 -14.96 -37.33 12.26
N GLY D 121 -15.63 -36.34 12.81
CA GLY D 121 -14.94 -35.17 13.34
C GLY D 121 -14.38 -34.21 12.30
N PHE D 122 -14.91 -34.25 11.08
CA PHE D 122 -14.44 -33.33 10.05
C PHE D 122 -14.81 -31.91 10.49
N VAL D 123 -14.02 -30.94 10.04
CA VAL D 123 -14.23 -29.55 10.43
C VAL D 123 -14.85 -28.63 9.40
N GLY D 124 -15.34 -29.19 8.29
CA GLY D 124 -15.95 -28.39 7.26
C GLY D 124 -16.16 -29.17 5.98
N ALA D 125 -16.51 -28.48 4.91
CA ALA D 125 -16.70 -29.12 3.62
C ALA D 125 -15.98 -28.35 2.53
N LEU D 126 -15.52 -29.07 1.51
CA LEU D 126 -14.86 -28.43 0.38
C LEU D 126 -15.52 -29.01 -0.85
N VAL D 127 -16.07 -28.11 -1.67
CA VAL D 127 -16.79 -28.48 -2.88
C VAL D 127 -16.25 -27.75 -4.09
N ASN D 128 -16.02 -28.50 -5.17
CA ASN D 128 -15.46 -27.95 -6.38
C ASN D 128 -16.49 -27.33 -7.32
N GLY D 129 -17.04 -26.19 -6.92
CA GLY D 129 -18.02 -25.51 -7.75
C GLY D 129 -19.31 -26.26 -7.97
N PHE D 130 -19.99 -25.90 -9.06
CA PHE D 130 -21.28 -26.50 -9.39
C PHE D 130 -21.23 -28.01 -9.57
N SER D 131 -22.38 -28.64 -9.40
CA SER D 131 -22.51 -30.09 -9.54
C SER D 131 -23.09 -30.46 -10.89
N GLN D 132 -22.82 -31.70 -11.31
CA GLN D 132 -23.34 -32.25 -12.56
C GLN D 132 -24.26 -33.40 -12.13
N GLU D 133 -25.38 -33.57 -12.81
CA GLU D 133 -26.33 -34.62 -12.46
C GLU D 133 -27.13 -35.06 -13.69
N GLY D 134 -27.51 -36.34 -13.72
CA GLY D 134 -28.28 -36.85 -14.84
C GLY D 134 -27.41 -36.93 -16.09
N ASP D 135 -27.78 -36.19 -17.13
CA ASP D 135 -26.98 -36.19 -18.34
C ASP D 135 -25.76 -35.31 -18.10
N GLY D 136 -25.76 -34.63 -16.95
CA GLY D 136 -24.65 -33.78 -16.56
C GLY D 136 -24.33 -32.59 -17.46
N GLN D 137 -25.31 -32.15 -18.25
CA GLN D 137 -25.08 -31.02 -19.15
C GLN D 137 -25.55 -29.69 -18.58
N THR D 138 -25.94 -29.69 -17.30
CA THR D 138 -26.42 -28.47 -16.67
C THR D 138 -25.67 -28.17 -15.37
N PRO D 139 -24.99 -27.02 -15.31
CA PRO D 139 -24.26 -26.69 -14.07
C PRO D 139 -25.24 -26.34 -12.97
N LEU D 140 -25.15 -27.04 -11.85
CA LEU D 140 -26.04 -26.79 -10.72
C LEU D 140 -25.37 -25.94 -9.66
N TYR D 141 -25.84 -24.70 -9.51
CA TYR D 141 -25.29 -23.77 -8.54
C TYR D 141 -26.03 -23.86 -7.21
N TYR D 142 -25.30 -23.64 -6.13
CA TYR D 142 -25.85 -23.77 -4.79
C TYR D 142 -26.71 -22.63 -4.25
N ASP D 143 -27.07 -21.68 -5.10
CA ASP D 143 -27.92 -20.59 -4.66
C ASP D 143 -29.38 -20.99 -4.96
N LEU D 144 -29.54 -22.08 -5.69
CA LEU D 144 -30.86 -22.59 -6.05
C LEU D 144 -31.67 -23.02 -4.82
N PRO D 145 -33.00 -22.96 -4.92
CA PRO D 145 -33.93 -23.33 -3.84
C PRO D 145 -33.69 -24.69 -3.18
N GLN D 146 -33.47 -25.73 -3.99
CA GLN D 146 -33.27 -27.07 -3.46
C GLN D 146 -32.08 -27.23 -2.51
N TYR D 147 -31.21 -26.23 -2.46
CA TYR D 147 -30.05 -26.30 -1.58
C TYR D 147 -30.20 -25.55 -0.27
N ARG D 148 -31.30 -24.82 -0.10
CA ARG D 148 -31.51 -24.07 1.13
C ARG D 148 -31.53 -24.96 2.37
N PRO D 149 -32.18 -26.14 2.29
CA PRO D 149 -32.19 -27.00 3.48
C PRO D 149 -30.76 -27.39 3.85
N PHE D 150 -29.95 -27.66 2.83
CA PHE D 150 -28.56 -28.04 3.02
C PHE D 150 -27.79 -26.93 3.74
N TRP D 151 -27.96 -25.69 3.26
CA TRP D 151 -27.28 -24.55 3.87
C TRP D 151 -27.74 -24.35 5.31
N GLY D 152 -28.99 -24.69 5.57
CA GLY D 152 -29.51 -24.55 6.93
C GLY D 152 -28.78 -25.50 7.85
N GLU D 153 -28.44 -26.69 7.35
CA GLU D 153 -27.74 -27.68 8.15
C GLU D 153 -26.27 -27.28 8.33
N VAL D 154 -25.68 -26.71 7.27
CA VAL D 154 -24.30 -26.27 7.35
C VAL D 154 -24.19 -25.27 8.49
N GLU D 155 -25.14 -24.32 8.54
CA GLU D 155 -25.15 -23.31 9.59
C GLU D 155 -25.38 -23.94 10.96
N LYS D 156 -26.22 -24.97 11.01
CA LYS D 156 -26.53 -25.66 12.27
C LYS D 156 -25.29 -26.36 12.82
N LEU D 157 -24.59 -27.08 11.95
CA LEU D 157 -23.37 -27.78 12.35
C LEU D 157 -22.29 -26.74 12.66
N ASP D 158 -22.45 -25.56 12.08
CA ASP D 158 -21.52 -24.46 12.26
C ASP D 158 -20.08 -24.82 11.89
N VAL D 159 -19.91 -25.20 10.63
CA VAL D 159 -18.59 -25.53 10.08
C VAL D 159 -18.50 -24.78 8.76
N PRO D 160 -17.30 -24.37 8.36
CA PRO D 160 -17.12 -23.64 7.10
C PRO D 160 -17.30 -24.46 5.83
N PHE D 161 -17.63 -23.77 4.75
CA PHE D 161 -17.83 -24.37 3.44
C PHE D 161 -16.80 -23.72 2.51
N TYR D 162 -15.86 -24.53 2.02
CA TYR D 162 -14.82 -24.03 1.12
C TYR D 162 -15.28 -24.19 -0.32
N LEU D 163 -15.57 -23.07 -0.98
CA LEU D 163 -16.01 -23.10 -2.37
C LEU D 163 -14.78 -23.07 -3.27
N HIS D 164 -14.38 -24.27 -3.71
CA HIS D 164 -13.20 -24.48 -4.54
C HIS D 164 -13.52 -24.41 -6.05
N PRO D 165 -12.52 -24.12 -6.89
CA PRO D 165 -12.76 -24.03 -8.34
C PRO D 165 -12.95 -25.36 -9.06
N ARG D 166 -13.40 -25.23 -10.31
CA ARG D 166 -13.58 -26.33 -11.26
C ARG D 166 -13.72 -25.58 -12.57
N ASN D 167 -13.56 -26.27 -13.69
CA ASN D 167 -13.71 -25.63 -14.99
C ASN D 167 -15.17 -25.65 -15.41
N PRO D 168 -15.57 -24.68 -16.22
CA PRO D 168 -16.98 -24.67 -16.66
C PRO D 168 -17.15 -25.78 -17.70
N LEU D 169 -18.39 -26.14 -17.99
CA LEU D 169 -18.65 -27.17 -18.99
C LEU D 169 -18.29 -26.59 -20.36
N PRO D 170 -17.91 -27.45 -21.32
CA PRO D 170 -17.54 -27.01 -22.66
C PRO D 170 -18.52 -26.03 -23.30
N GLN D 171 -19.81 -26.30 -23.16
CA GLN D 171 -20.83 -25.44 -23.75
C GLN D 171 -20.87 -24.06 -23.10
N ASP D 172 -20.24 -23.94 -21.94
CA ASP D 172 -20.20 -22.68 -21.22
C ASP D 172 -18.78 -22.15 -21.17
N SER D 173 -17.96 -22.57 -22.13
CA SER D 173 -16.56 -22.17 -22.18
C SER D 173 -16.14 -21.65 -23.55
N ARG D 174 -17.09 -21.26 -24.39
CA ARG D 174 -16.74 -20.77 -25.73
C ARG D 174 -15.75 -19.62 -25.74
N ILE D 175 -15.79 -18.76 -24.73
CA ILE D 175 -14.88 -17.64 -24.70
C ILE D 175 -13.43 -18.11 -24.64
N TYR D 176 -13.23 -19.36 -24.22
CA TYR D 176 -11.89 -19.93 -24.12
C TYR D 176 -11.51 -20.80 -25.32
N ASP D 177 -12.44 -20.97 -26.26
CA ASP D 177 -12.15 -21.81 -27.44
C ASP D 177 -10.88 -21.38 -28.16
N GLY D 178 -9.98 -22.33 -28.38
CA GLY D 178 -8.73 -22.04 -29.05
C GLY D 178 -7.64 -21.67 -28.05
N HIS D 179 -8.05 -21.50 -26.79
CA HIS D 179 -7.12 -21.12 -25.74
C HIS D 179 -7.26 -22.03 -24.52
N PRO D 180 -6.87 -23.31 -24.64
CA PRO D 180 -6.99 -24.22 -23.51
C PRO D 180 -6.12 -23.80 -22.33
N TRP D 181 -5.10 -23.00 -22.63
CA TRP D 181 -4.18 -22.50 -21.62
C TRP D 181 -4.82 -21.46 -20.69
N LEU D 182 -6.03 -21.04 -21.00
CA LEU D 182 -6.72 -20.07 -20.16
C LEU D 182 -7.68 -20.78 -19.21
N LEU D 183 -7.84 -22.08 -19.41
CA LEU D 183 -8.71 -22.86 -18.53
C LEU D 183 -7.89 -23.18 -17.28
N GLY D 184 -8.54 -23.74 -16.28
CA GLY D 184 -7.84 -24.08 -15.05
C GLY D 184 -7.38 -22.91 -14.20
N PRO D 185 -6.29 -23.08 -13.44
CA PRO D 185 -5.75 -22.05 -12.55
C PRO D 185 -5.27 -20.76 -13.20
N THR D 186 -5.09 -20.75 -14.51
CA THR D 186 -4.63 -19.54 -15.19
C THR D 186 -5.70 -18.45 -15.12
N TRP D 187 -6.96 -18.84 -15.31
CA TRP D 187 -8.05 -17.87 -15.26
C TRP D 187 -9.44 -18.46 -15.06
N ALA D 188 -9.82 -19.41 -15.91
CA ALA D 188 -11.15 -20.01 -15.83
C ALA D 188 -11.59 -20.39 -14.41
N PHE D 189 -10.68 -20.95 -13.62
CA PHE D 189 -10.99 -21.34 -12.25
C PHE D 189 -11.53 -20.17 -11.43
N ALA D 190 -10.85 -19.03 -11.54
CA ALA D 190 -11.23 -17.82 -10.80
C ALA D 190 -12.59 -17.27 -11.19
N GLN D 191 -12.82 -17.13 -12.50
CA GLN D 191 -14.10 -16.63 -12.99
C GLN D 191 -15.26 -17.49 -12.51
N GLU D 192 -15.14 -18.79 -12.71
CA GLU D 192 -16.18 -19.73 -12.30
C GLU D 192 -16.52 -19.63 -10.82
N THR D 193 -15.50 -19.56 -9.98
CA THR D 193 -15.68 -19.50 -8.54
C THR D 193 -16.16 -18.15 -8.03
N ALA D 194 -15.62 -17.07 -8.59
CA ALA D 194 -16.03 -15.74 -8.18
C ALA D 194 -17.51 -15.53 -8.44
N VAL D 195 -17.96 -15.90 -9.64
CA VAL D 195 -19.37 -15.73 -9.97
C VAL D 195 -20.27 -16.61 -9.09
N HIS D 196 -19.84 -17.84 -8.86
CA HIS D 196 -20.62 -18.74 -8.02
C HIS D 196 -20.79 -18.07 -6.65
N ALA D 197 -19.71 -17.48 -6.14
CA ALA D 197 -19.76 -16.81 -4.86
C ALA D 197 -20.75 -15.64 -4.91
N LEU D 198 -20.69 -14.87 -6.00
CA LEU D 198 -21.58 -13.74 -6.15
C LEU D 198 -23.03 -14.19 -6.21
N ARG D 199 -23.28 -15.34 -6.83
CA ARG D 199 -24.65 -15.87 -6.92
C ARG D 199 -25.16 -16.16 -5.51
N LEU D 200 -24.34 -16.75 -4.67
CA LEU D 200 -24.74 -17.06 -3.30
C LEU D 200 -25.12 -15.77 -2.57
N MET D 201 -24.30 -14.75 -2.74
CA MET D 201 -24.54 -13.47 -2.09
C MET D 201 -25.82 -12.80 -2.59
N ALA D 202 -25.96 -12.71 -3.91
CA ALA D 202 -27.12 -12.07 -4.52
C ALA D 202 -28.44 -12.75 -4.21
N SER D 203 -28.40 -14.07 -3.99
CA SER D 203 -29.60 -14.85 -3.70
C SER D 203 -30.24 -14.55 -2.36
N GLY D 204 -29.49 -13.94 -1.44
CA GLY D 204 -30.03 -13.64 -0.14
C GLY D 204 -29.75 -14.75 0.86
N LEU D 205 -28.96 -15.73 0.44
CA LEU D 205 -28.59 -16.86 1.29
C LEU D 205 -28.07 -16.42 2.65
N PHE D 206 -27.27 -15.36 2.66
CA PHE D 206 -26.68 -14.87 3.90
C PHE D 206 -27.62 -14.00 4.74
N ASP D 207 -28.79 -13.68 4.19
CA ASP D 207 -29.78 -12.92 4.95
C ASP D 207 -30.52 -13.99 5.75
N GLU D 208 -30.76 -15.12 5.10
CA GLU D 208 -31.45 -16.25 5.70
C GLU D 208 -30.57 -17.00 6.69
N HIS D 209 -29.30 -17.17 6.35
CA HIS D 209 -28.34 -17.86 7.21
C HIS D 209 -27.09 -17.01 7.36
N PRO D 210 -27.17 -15.94 8.18
CA PRO D 210 -26.07 -15.00 8.44
C PRO D 210 -24.84 -15.56 9.15
N ARG D 211 -24.97 -16.74 9.75
CA ARG D 211 -23.84 -17.34 10.46
C ARG D 211 -22.94 -18.20 9.57
N LEU D 212 -23.32 -18.36 8.31
CA LEU D 212 -22.52 -19.17 7.38
C LEU D 212 -21.13 -18.59 7.18
N ASN D 213 -20.15 -19.49 7.08
CA ASN D 213 -18.77 -19.09 6.83
C ASN D 213 -18.30 -19.73 5.52
N ILE D 214 -18.09 -18.89 4.51
CA ILE D 214 -17.64 -19.39 3.21
C ILE D 214 -16.16 -19.04 3.03
N ILE D 215 -15.40 -19.98 2.47
CA ILE D 215 -13.97 -19.75 2.25
C ILE D 215 -13.65 -19.87 0.76
N LEU D 216 -12.85 -18.92 0.27
CA LEU D 216 -12.43 -18.91 -1.13
C LEU D 216 -10.91 -18.93 -1.16
N GLY D 217 -10.34 -19.69 -2.08
CA GLY D 217 -8.90 -19.72 -2.17
C GLY D 217 -8.41 -18.72 -3.19
N HIS D 218 -7.12 -18.78 -3.50
CA HIS D 218 -6.51 -17.93 -4.51
C HIS D 218 -6.81 -16.46 -4.30
N MET D 219 -6.75 -16.06 -3.03
CA MET D 219 -7.00 -14.70 -2.60
C MET D 219 -8.33 -14.10 -3.02
N GLY D 220 -9.39 -14.92 -2.95
CA GLY D 220 -10.71 -14.44 -3.28
C GLY D 220 -11.10 -14.49 -4.75
N GLU D 221 -10.32 -15.21 -5.54
CA GLU D 221 -10.59 -15.37 -6.97
C GLU D 221 -10.79 -14.05 -7.70
N GLY D 222 -10.09 -13.01 -7.23
CA GLY D 222 -10.16 -11.69 -7.86
C GLY D 222 -11.17 -10.72 -7.30
N LEU D 223 -12.04 -11.18 -6.40
CA LEU D 223 -13.07 -10.33 -5.84
C LEU D 223 -12.67 -9.05 -5.12
N PRO D 224 -11.67 -9.10 -4.23
CA PRO D 224 -11.27 -7.88 -3.53
C PRO D 224 -10.99 -6.63 -4.37
N TYR D 225 -10.27 -6.81 -5.47
CA TYR D 225 -9.88 -5.71 -6.37
C TYR D 225 -11.06 -5.02 -7.04
N MET D 226 -12.11 -5.79 -7.34
CA MET D 226 -13.29 -5.25 -8.02
C MET D 226 -14.52 -5.09 -7.12
N MET D 227 -14.40 -5.43 -5.84
CA MET D 227 -15.54 -5.35 -4.93
C MET D 227 -16.23 -3.97 -4.90
N TRP D 228 -15.45 -2.90 -4.87
CA TRP D 228 -16.06 -1.57 -4.85
C TRP D 228 -16.97 -1.41 -6.07
N ARG D 229 -16.43 -1.69 -7.25
CA ARG D 229 -17.19 -1.56 -8.50
C ARG D 229 -18.43 -2.43 -8.54
N ILE D 230 -18.32 -3.64 -8.00
CA ILE D 230 -19.46 -4.58 -7.99
C ILE D 230 -20.73 -3.95 -7.43
N ASP D 231 -20.59 -3.16 -6.37
CA ASP D 231 -21.73 -2.49 -5.74
C ASP D 231 -21.94 -1.06 -6.23
N HIS D 232 -20.84 -0.32 -6.34
CA HIS D 232 -20.87 1.10 -6.66
C HIS D 232 -20.91 1.56 -8.11
N ARG D 233 -20.85 0.64 -9.07
CA ARG D 233 -20.90 1.05 -10.47
C ARG D 233 -22.19 1.85 -10.68
N ASN D 234 -22.12 2.86 -11.56
CA ASN D 234 -23.29 3.71 -11.86
C ASN D 234 -23.94 4.21 -10.56
N ALA D 235 -23.12 4.72 -9.64
CA ALA D 235 -23.61 5.20 -8.36
C ALA D 235 -24.67 6.30 -8.43
N TRP D 236 -24.63 7.13 -9.46
CA TRP D 236 -25.61 8.21 -9.57
C TRP D 236 -27.04 7.69 -9.66
N VAL D 237 -27.21 6.44 -10.08
CA VAL D 237 -28.54 5.85 -10.16
C VAL D 237 -28.93 5.41 -8.75
N LYS D 238 -29.77 6.22 -8.10
CA LYS D 238 -30.20 5.93 -6.74
C LYS D 238 -31.46 5.07 -6.69
N LEU D 239 -31.34 3.83 -7.16
CA LEU D 239 -32.44 2.89 -7.14
C LEU D 239 -31.94 1.64 -6.43
N PRO D 240 -32.81 0.99 -5.63
CA PRO D 240 -32.37 -0.21 -4.91
C PRO D 240 -31.95 -1.34 -5.85
N PRO D 241 -30.89 -2.08 -5.49
CA PRO D 241 -30.42 -3.19 -6.32
C PRO D 241 -31.54 -4.16 -6.62
N ARG D 242 -31.52 -4.75 -7.81
CA ARG D 242 -32.57 -5.67 -8.24
C ARG D 242 -32.56 -7.07 -7.63
N TYR D 243 -31.40 -7.54 -7.17
CA TYR D 243 -31.32 -8.88 -6.58
C TYR D 243 -32.10 -9.00 -5.28
N PRO D 244 -32.49 -10.24 -4.92
CA PRO D 244 -33.25 -10.52 -3.70
C PRO D 244 -32.55 -10.19 -2.38
N ALA D 245 -31.23 -10.33 -2.35
CA ALA D 245 -30.48 -10.02 -1.12
C ALA D 245 -30.81 -8.61 -0.65
N LYS D 246 -30.91 -8.44 0.66
CA LYS D 246 -31.26 -7.16 1.26
C LYS D 246 -30.17 -6.08 1.33
N ARG D 247 -28.91 -6.49 1.36
CA ARG D 247 -27.83 -5.51 1.44
C ARG D 247 -26.87 -5.50 0.25
N ARG D 248 -25.63 -5.07 0.49
CA ARG D 248 -24.62 -4.98 -0.56
C ARG D 248 -23.70 -6.19 -0.61
N PHE D 249 -23.09 -6.41 -1.78
CA PHE D 249 -22.17 -7.53 -1.94
C PHE D 249 -21.02 -7.38 -0.97
N MET D 250 -20.53 -6.14 -0.82
CA MET D 250 -19.42 -5.90 0.09
C MET D 250 -19.77 -6.31 1.51
N ASP D 251 -21.05 -6.21 1.87
CA ASP D 251 -21.48 -6.58 3.21
C ASP D 251 -21.35 -8.08 3.44
N TYR D 252 -21.83 -8.88 2.49
CA TYR D 252 -21.74 -10.33 2.64
C TYR D 252 -20.31 -10.82 2.51
N PHE D 253 -19.52 -10.16 1.67
CA PHE D 253 -18.13 -10.55 1.49
C PHE D 253 -17.38 -10.27 2.80
N ASN D 254 -17.64 -9.10 3.38
CA ASN D 254 -16.98 -8.71 4.63
C ASN D 254 -17.43 -9.49 5.85
N GLU D 255 -18.67 -9.96 5.84
CA GLU D 255 -19.21 -10.66 7.00
C GLU D 255 -19.29 -12.18 6.94
N ASN D 256 -19.39 -12.73 5.74
CA ASN D 256 -19.53 -14.17 5.60
C ASN D 256 -18.40 -14.90 4.86
N PHE D 257 -17.40 -14.15 4.39
CA PHE D 257 -16.31 -14.79 3.67
C PHE D 257 -14.93 -14.64 4.30
N HIS D 258 -14.07 -15.58 3.92
CA HIS D 258 -12.67 -15.62 4.35
C HIS D 258 -11.96 -16.04 3.07
N ILE D 259 -10.75 -15.54 2.85
CA ILE D 259 -10.01 -15.93 1.65
C ILE D 259 -8.64 -16.48 2.06
N THR D 260 -8.08 -17.35 1.22
CA THR D 260 -6.77 -17.92 1.52
C THR D 260 -5.73 -17.54 0.48
N THR D 261 -4.45 -17.74 0.83
CA THR D 261 -3.35 -17.41 -0.06
C THR D 261 -2.99 -18.52 -1.05
N SER D 262 -3.81 -19.56 -1.12
CA SER D 262 -3.52 -20.68 -2.01
C SER D 262 -3.20 -20.25 -3.44
N GLY D 263 -2.10 -20.75 -3.96
CA GLY D 263 -1.69 -20.44 -5.33
C GLY D 263 -1.66 -18.99 -5.74
N ASN D 264 -1.49 -18.08 -4.78
CA ASN D 264 -1.44 -16.65 -5.10
C ASN D 264 -0.47 -15.98 -4.14
N PHE D 265 0.80 -16.31 -4.33
CA PHE D 265 1.91 -15.83 -3.50
C PHE D 265 2.39 -14.49 -4.03
N ARG D 266 1.53 -13.49 -3.92
CA ARG D 266 1.81 -12.15 -4.41
C ARG D 266 1.56 -11.10 -3.33
N THR D 267 2.63 -10.43 -2.91
CA THR D 267 2.53 -9.42 -1.85
C THR D 267 1.58 -8.27 -2.18
N GLN D 268 1.63 -7.78 -3.42
CA GLN D 268 0.74 -6.67 -3.80
C GLN D 268 -0.71 -7.09 -3.63
N THR D 269 -1.02 -8.32 -4.03
CA THR D 269 -2.36 -8.87 -3.93
C THR D 269 -2.78 -8.97 -2.46
N LEU D 270 -1.85 -9.41 -1.62
CA LEU D 270 -2.13 -9.54 -0.19
C LEU D 270 -2.41 -8.17 0.43
N ILE D 271 -1.63 -7.17 0.05
CA ILE D 271 -1.84 -5.82 0.59
C ILE D 271 -3.21 -5.28 0.20
N ASP D 272 -3.59 -5.46 -1.07
CA ASP D 272 -4.90 -4.99 -1.50
C ASP D 272 -5.98 -5.68 -0.67
N ALA D 273 -5.85 -6.99 -0.48
CA ALA D 273 -6.84 -7.73 0.30
C ALA D 273 -6.87 -7.25 1.76
N ILE D 274 -5.71 -6.92 2.31
CA ILE D 274 -5.67 -6.46 3.70
C ILE D 274 -6.42 -5.13 3.82
N LEU D 275 -6.35 -4.31 2.78
CA LEU D 275 -7.03 -3.02 2.77
C LEU D 275 -8.49 -3.11 2.32
N GLU D 276 -8.93 -4.30 1.95
CA GLU D 276 -10.32 -4.50 1.52
C GLU D 276 -11.13 -5.37 2.48
N ILE D 277 -10.68 -6.61 2.72
CA ILE D 277 -11.42 -7.49 3.63
C ILE D 277 -10.82 -7.52 5.03
N GLY D 278 -9.55 -7.13 5.16
CA GLY D 278 -8.90 -7.11 6.46
C GLY D 278 -8.10 -8.36 6.76
N ALA D 279 -6.98 -8.20 7.46
CA ALA D 279 -6.12 -9.32 7.80
C ALA D 279 -6.83 -10.40 8.62
N ASP D 280 -7.86 -10.03 9.36
CA ASP D 280 -8.58 -11.00 10.18
C ASP D 280 -9.33 -12.04 9.36
N ARG D 281 -9.52 -11.77 8.07
CA ARG D 281 -10.24 -12.71 7.23
C ARG D 281 -9.43 -13.29 6.07
N ILE D 282 -8.10 -13.28 6.22
CA ILE D 282 -7.20 -13.84 5.23
C ILE D 282 -6.48 -15.00 5.91
N LEU D 283 -6.41 -16.14 5.24
CA LEU D 283 -5.78 -17.33 5.80
C LEU D 283 -4.68 -17.90 4.91
N PHE D 284 -3.61 -18.38 5.54
CA PHE D 284 -2.52 -18.98 4.80
C PHE D 284 -3.01 -20.33 4.27
N SER D 285 -2.54 -20.69 3.08
CA SER D 285 -2.85 -21.97 2.43
C SER D 285 -1.89 -22.09 1.26
N THR D 286 -1.65 -23.31 0.78
CA THR D 286 -0.68 -23.50 -0.29
C THR D 286 -1.16 -24.02 -1.63
N ASP D 287 -2.17 -24.90 -1.60
CA ASP D 287 -2.72 -25.54 -2.79
C ASP D 287 -1.85 -26.74 -3.16
N TRP D 288 -1.11 -27.25 -2.18
CA TRP D 288 -0.27 -28.44 -2.40
C TRP D 288 -1.26 -29.53 -2.78
N PRO D 289 -0.87 -30.47 -3.67
CA PRO D 289 0.41 -30.63 -4.37
C PRO D 289 0.57 -29.89 -5.69
N PHE D 290 -0.42 -29.06 -6.03
CA PHE D 290 -0.40 -28.30 -7.27
C PHE D 290 0.58 -27.13 -7.17
N GLU D 291 0.94 -26.78 -5.94
CA GLU D 291 1.91 -25.72 -5.67
C GLU D 291 2.88 -26.33 -4.66
N ASN D 292 4.14 -25.94 -4.73
CA ASN D 292 5.14 -26.44 -3.78
C ASN D 292 4.92 -25.78 -2.43
N ILE D 293 5.01 -26.58 -1.37
CA ILE D 293 4.84 -26.05 -0.02
C ILE D 293 5.94 -25.04 0.31
N ASP D 294 7.17 -25.30 -0.14
CA ASP D 294 8.26 -24.38 0.14
C ASP D 294 8.03 -23.03 -0.55
N HIS D 295 7.43 -23.05 -1.73
CA HIS D 295 7.14 -21.80 -2.45
C HIS D 295 6.16 -20.96 -1.63
N ALA D 296 5.09 -21.59 -1.15
CA ALA D 296 4.08 -20.90 -0.37
C ALA D 296 4.62 -20.37 0.95
N SER D 297 5.31 -21.24 1.68
CA SER D 297 5.87 -20.87 2.97
C SER D 297 6.97 -19.82 2.91
N ASP D 298 7.90 -19.96 1.97
CA ASP D 298 8.98 -18.99 1.89
C ASP D 298 8.41 -17.62 1.53
N TRP D 299 7.41 -17.59 0.67
CA TRP D 299 6.82 -16.31 0.31
C TRP D 299 6.12 -15.71 1.52
N PHE D 300 5.32 -16.52 2.19
CA PHE D 300 4.59 -16.01 3.34
C PHE D 300 5.50 -15.53 4.47
N ASN D 301 6.64 -16.20 4.67
CA ASN D 301 7.55 -15.79 5.72
C ASN D 301 8.14 -14.41 5.49
N ALA D 302 8.28 -14.03 4.23
CA ALA D 302 8.89 -12.74 3.89
C ALA D 302 7.95 -11.65 3.39
N THR D 303 6.67 -11.97 3.17
CA THR D 303 5.78 -10.95 2.65
C THR D 303 5.72 -9.72 3.56
N SER D 304 5.51 -8.55 2.94
CA SER D 304 5.52 -7.26 3.62
C SER D 304 4.29 -6.85 4.41
N ILE D 305 4.09 -7.49 5.55
CA ILE D 305 2.96 -7.20 6.42
C ILE D 305 3.46 -7.15 7.86
N ALA D 306 2.61 -6.70 8.78
CA ALA D 306 2.99 -6.62 10.18
C ALA D 306 3.17 -8.03 10.74
N GLU D 307 4.12 -8.20 11.64
CA GLU D 307 4.34 -9.53 12.23
C GLU D 307 3.07 -10.00 12.94
N ALA D 308 2.33 -9.06 13.52
CA ALA D 308 1.09 -9.42 14.21
C ALA D 308 0.13 -10.04 13.21
N ASP D 309 0.11 -9.53 11.99
CA ASP D 309 -0.77 -10.05 10.96
C ASP D 309 -0.23 -11.35 10.35
N ARG D 310 1.09 -11.52 10.37
CA ARG D 310 1.66 -12.75 9.83
C ARG D 310 1.22 -13.89 10.75
N VAL D 311 1.15 -13.62 12.05
CA VAL D 311 0.72 -14.63 13.01
C VAL D 311 -0.76 -14.96 12.84
N LYS D 312 -1.59 -13.93 12.63
CA LYS D 312 -3.01 -14.15 12.45
C LYS D 312 -3.30 -14.88 11.15
N ILE D 313 -2.76 -14.39 10.05
CA ILE D 313 -2.99 -15.00 8.75
C ILE D 313 -2.38 -16.40 8.66
N GLY D 314 -1.22 -16.58 9.28
CA GLY D 314 -0.60 -17.89 9.22
C GLY D 314 -1.14 -18.93 10.19
N ARG D 315 -1.70 -18.48 11.31
CA ARG D 315 -2.17 -19.42 12.32
C ARG D 315 -3.44 -19.12 13.12
N THR D 316 -3.47 -18.00 13.82
CA THR D 316 -4.62 -17.73 14.68
C THR D 316 -5.98 -17.49 14.04
N ASN D 317 -6.02 -16.96 12.81
CA ASN D 317 -7.31 -16.77 12.15
C ASN D 317 -7.97 -18.13 11.93
N ALA D 318 -7.18 -19.08 11.44
CA ALA D 318 -7.69 -20.42 11.17
C ALA D 318 -8.05 -21.17 12.45
N ARG D 319 -7.21 -21.06 13.47
CA ARG D 319 -7.49 -21.76 14.72
C ARG D 319 -8.78 -21.24 15.34
N ARG D 320 -9.06 -19.96 15.13
CA ARG D 320 -10.28 -19.36 15.66
C ARG D 320 -11.48 -19.85 14.85
N LEU D 321 -11.34 -19.77 13.53
CA LEU D 321 -12.40 -20.17 12.61
C LEU D 321 -12.84 -21.62 12.80
N PHE D 322 -11.87 -22.51 13.02
CA PHE D 322 -12.20 -23.93 13.18
C PHE D 322 -12.27 -24.37 14.64
N LYS D 323 -12.37 -23.40 15.55
CA LYS D 323 -12.49 -23.65 16.99
C LYS D 323 -11.43 -24.63 17.51
N LEU D 324 -10.18 -24.44 17.11
CA LEU D 324 -9.13 -25.34 17.55
C LEU D 324 -8.59 -24.98 18.94
#